data_1PWU
#
_entry.id   1PWU
#
_cell.length_a   96.700
_cell.length_b   137.400
_cell.length_c   98.300
_cell.angle_alpha   90.00
_cell.angle_beta   98.00
_cell.angle_gamma   90.00
#
_symmetry.space_group_name_H-M   'P 1 21 1'
#
loop_
_entity.id
_entity.type
_entity.pdbx_description
1 polymer 'Lethal factor'
2 non-polymer 'ZINC ION'
3 non-polymer 3-(N-HYDROXYCARBOXAMIDO)-2-ISOBUTYLPROPANOYL-TRP-METHYLAMIDE
#
_entity_poly.entity_id   1
_entity_poly.type   'polypeptide(L)'
_entity_poly.pdbx_seq_one_letter_code
;AGGHGDVGMHVKEKEKNKDENKRKDEERNKTQEEHLKEIMKHIVKIEVKGEEAVKKEAAEKLLEKVPSDVLEMYKAIGGK
IYIVDGDITKHISLEALSEDKKKIKDIYGKDALLHEHYVYAKEGYEPVLVIQSSEDYVENTEKALNVYYEIGKILSRDIL
SKINQPYQKFLDVLNTIKNASDSDGQDLLFTNQLKEHPTDFSVEFLEQNSNEVQEVFAKAFAYYIEPQHRDVLQLYAPEA
FNYMDKFNEQEINLSLEELKDQRMLSRYEKWEKIKQHYQHWSDSLSEEGRGLLKKLQIPIEPKKDDIIHSLSQEEKELLK
RIQIDSSDFLSTEEKEFLKKLQIDIRDSLSEEEKELLNRIQVDSSNPLSEKEKEFLKKLKLDIQPYDINQRLQDTGGLID
SPSINLDVRKQYKRDIQNIDALLHQSIGSTLYNKIYLYENMNINNLTATLGADLVDSTDNTKINRGIFNEFKKNFKYSIS
SNYMIVDINERPALDNERLKWRIQLSPDTRAGYLENGKLILQRNIGLEIKDVQIIKQSEKEYIRIDAKVVPKSKIDTKIQ
EAQLNINQEWNKALGLPKYTKLITFNVHNRYASNIVESAYLILNEWKNNIQSDLIKKVTNYLVDGNGRFVFTDITLPNIA
EQYTHQDEIYEQVHSKGLYVPESRSILLHGPSKGVELRNDSEGFIHCFGHAVDDYAGYLLDKNQSDLVTNSKKFIDIFKE
EGSNLTSYGRTNEAEFFAEAFRLMHSTDHAERLKVQKNAPKTFQFINDQIKFIINS
;
_entity_poly.pdbx_strand_id   A,B
#
# COMPACT_ATOMS: atom_id res chain seq x y z
N LYS A 30 2.93 8.91 -46.06
CA LYS A 30 3.04 10.33 -45.68
C LYS A 30 2.43 10.62 -44.30
N THR A 31 1.82 9.59 -43.71
CA THR A 31 1.22 9.73 -42.38
C THR A 31 2.36 10.05 -41.42
N GLN A 32 3.52 9.49 -41.72
CA GLN A 32 4.73 9.67 -40.94
C GLN A 32 5.36 11.02 -41.26
N GLU A 33 5.59 11.26 -42.54
CA GLU A 33 6.21 12.50 -43.03
C GLU A 33 5.68 13.73 -42.31
N GLU A 34 4.36 13.86 -42.24
CA GLU A 34 3.73 15.01 -41.58
C GLU A 34 4.19 15.15 -40.13
N HIS A 35 4.02 14.08 -39.36
CA HIS A 35 4.40 14.07 -37.95
C HIS A 35 5.78 14.66 -37.74
N LEU A 36 6.68 14.40 -38.68
CA LEU A 36 8.06 14.90 -38.59
C LEU A 36 8.17 16.42 -38.56
N LYS A 37 8.04 17.06 -39.72
CA LYS A 37 8.16 18.51 -39.80
C LYS A 37 7.42 19.23 -38.67
N GLU A 38 6.25 18.71 -38.33
CA GLU A 38 5.46 19.31 -37.24
C GLU A 38 6.34 19.45 -36.00
N ILE A 39 6.97 18.34 -35.62
CA ILE A 39 7.85 18.31 -34.46
C ILE A 39 9.25 18.84 -34.77
N MET A 40 9.81 18.42 -35.90
CA MET A 40 11.14 18.86 -36.28
C MET A 40 11.32 20.37 -36.29
N LYS A 41 10.47 21.08 -37.03
CA LYS A 41 10.59 22.53 -37.08
C LYS A 41 10.19 23.15 -35.75
N HIS A 42 9.74 22.30 -34.82
CA HIS A 42 9.32 22.76 -33.50
C HIS A 42 10.48 22.66 -32.49
N ILE A 43 11.22 21.56 -32.53
CA ILE A 43 12.34 21.37 -31.61
C ILE A 43 13.69 21.56 -32.29
N VAL A 44 13.71 21.38 -33.61
CA VAL A 44 14.93 21.54 -34.37
C VAL A 44 15.05 22.95 -34.95
N LYS A 45 16.15 23.63 -34.61
CA LYS A 45 16.40 24.98 -35.08
C LYS A 45 17.82 25.09 -35.60
N ILE A 46 17.94 25.49 -36.87
CA ILE A 46 19.23 25.65 -37.54
C ILE A 46 19.78 27.06 -37.46
N GLU A 47 21.10 27.18 -37.42
CA GLU A 47 21.77 28.47 -37.34
C GLU A 47 23.09 28.39 -38.11
N VAL A 48 23.01 28.58 -39.44
CA VAL A 48 24.20 28.51 -40.27
C VAL A 48 24.56 29.81 -41.01
N LYS A 49 25.52 29.72 -41.92
CA LYS A 49 26.01 30.89 -42.66
C LYS A 49 25.54 30.90 -44.12
N GLY A 50 26.14 30.04 -44.94
CA GLY A 50 25.77 29.98 -46.35
C GLY A 50 24.31 29.61 -46.52
N GLU A 51 23.86 29.46 -47.77
CA GLU A 51 22.46 29.10 -48.02
C GLU A 51 22.02 27.99 -47.07
N GLU A 52 21.01 28.29 -46.25
CA GLU A 52 20.46 27.36 -45.26
C GLU A 52 19.35 26.48 -45.84
N ALA A 53 19.51 26.08 -47.11
CA ALA A 53 18.60 25.16 -47.80
C ALA A 53 19.24 23.78 -47.91
N VAL A 54 20.49 23.78 -48.37
CA VAL A 54 21.26 22.56 -48.52
C VAL A 54 21.69 22.07 -47.13
N LYS A 55 22.02 23.02 -46.27
CA LYS A 55 22.46 22.70 -44.91
C LYS A 55 21.34 22.16 -44.04
N LYS A 56 20.15 22.73 -44.20
CA LYS A 56 19.01 22.30 -43.43
C LYS A 56 18.51 20.96 -43.95
N GLU A 57 18.38 20.85 -45.26
CA GLU A 57 17.94 19.60 -45.87
C GLU A 57 18.94 18.48 -45.66
N ALA A 58 20.15 18.83 -45.25
CA ALA A 58 21.20 17.85 -45.00
C ALA A 58 21.05 17.29 -43.58
N ALA A 59 20.91 18.20 -42.62
CA ALA A 59 20.74 17.80 -41.23
C ALA A 59 19.40 17.08 -41.05
N GLU A 60 18.42 17.44 -41.88
CA GLU A 60 17.10 16.81 -41.82
C GLU A 60 17.22 15.35 -42.25
N LYS A 61 18.14 15.08 -43.16
CA LYS A 61 18.35 13.72 -43.65
C LYS A 61 18.95 12.87 -42.54
N LEU A 62 19.53 13.53 -41.53
CA LEU A 62 20.16 12.85 -40.41
C LEU A 62 19.14 12.40 -39.36
N LEU A 63 18.19 13.27 -39.06
CA LEU A 63 17.17 12.99 -38.05
C LEU A 63 16.09 12.04 -38.52
N GLU A 64 15.68 12.18 -39.78
CA GLU A 64 14.64 11.33 -40.36
C GLU A 64 14.88 9.83 -40.13
N LYS A 65 16.12 9.48 -39.80
CA LYS A 65 16.47 8.07 -39.58
C LYS A 65 16.20 7.59 -38.15
N VAL A 66 15.90 8.52 -37.26
CA VAL A 66 15.61 8.22 -35.86
C VAL A 66 14.12 8.04 -35.67
N PRO A 67 13.71 7.04 -34.88
CA PRO A 67 12.29 6.77 -34.62
C PRO A 67 11.53 8.02 -34.20
N SER A 68 10.51 8.34 -34.97
CA SER A 68 9.68 9.52 -34.76
C SER A 68 9.35 9.79 -33.29
N ASP A 69 9.02 8.74 -32.54
CA ASP A 69 8.66 8.90 -31.14
C ASP A 69 9.77 9.33 -30.19
N VAL A 70 11.01 8.92 -30.44
CA VAL A 70 12.07 9.32 -29.52
C VAL A 70 12.27 10.83 -29.64
N LEU A 71 11.83 11.39 -30.76
CA LEU A 71 11.95 12.82 -30.98
C LEU A 71 10.91 13.55 -30.16
N GLU A 72 9.72 12.96 -30.04
CA GLU A 72 8.67 13.61 -29.26
C GLU A 72 8.90 13.47 -27.75
N MET A 73 9.58 12.40 -27.34
CA MET A 73 9.86 12.21 -25.92
C MET A 73 10.85 13.27 -25.47
N TYR A 74 11.76 13.66 -26.36
CA TYR A 74 12.76 14.68 -26.05
C TYR A 74 12.07 16.04 -25.93
N LYS A 75 11.04 16.25 -26.74
CA LYS A 75 10.28 17.49 -26.69
C LYS A 75 9.67 17.59 -25.30
N ALA A 76 9.10 16.47 -24.86
CA ALA A 76 8.45 16.35 -23.56
C ALA A 76 9.30 16.81 -22.39
N ILE A 77 10.57 16.40 -22.36
CA ILE A 77 11.47 16.79 -21.27
C ILE A 77 12.15 18.13 -21.54
N GLY A 78 11.55 18.92 -22.42
CA GLY A 78 12.09 20.23 -22.75
C GLY A 78 13.42 20.24 -23.47
N GLY A 79 13.55 19.41 -24.49
CA GLY A 79 14.80 19.36 -25.24
C GLY A 79 14.70 20.07 -26.56
N LYS A 80 15.85 20.45 -27.12
CA LYS A 80 15.91 21.14 -28.40
C LYS A 80 17.19 20.76 -29.14
N ILE A 81 17.13 20.81 -30.47
CA ILE A 81 18.30 20.47 -31.28
C ILE A 81 18.83 21.69 -32.04
N TYR A 82 20.13 21.93 -31.89
CA TYR A 82 20.79 23.05 -32.55
C TYR A 82 21.79 22.62 -33.61
N ILE A 83 21.56 23.06 -34.85
CA ILE A 83 22.47 22.76 -35.96
C ILE A 83 23.24 24.04 -36.25
N VAL A 84 24.55 24.02 -36.02
CA VAL A 84 25.39 25.20 -36.21
C VAL A 84 26.67 24.98 -37.01
N ASP A 85 27.34 26.09 -37.35
CA ASP A 85 28.60 26.06 -38.09
C ASP A 85 29.78 26.32 -37.15
N GLY A 86 30.96 25.91 -37.60
CA GLY A 86 32.16 26.12 -36.80
C GLY A 86 32.17 25.38 -35.48
N ASP A 87 33.00 25.86 -34.56
CA ASP A 87 33.11 25.25 -33.23
C ASP A 87 31.75 25.27 -32.53
N ILE A 88 31.37 24.14 -31.96
CA ILE A 88 30.09 24.01 -31.27
C ILE A 88 30.09 24.64 -29.89
N THR A 89 31.25 24.63 -29.23
CA THR A 89 31.37 25.21 -27.89
C THR A 89 31.00 26.69 -27.94
N LYS A 90 31.17 27.29 -29.11
CA LYS A 90 30.86 28.71 -29.31
C LYS A 90 29.37 28.96 -29.58
N HIS A 91 28.50 28.30 -28.82
CA HIS A 91 27.07 28.50 -29.00
C HIS A 91 26.35 28.86 -27.71
N ILE A 92 25.30 29.64 -27.86
CA ILE A 92 24.46 30.12 -26.74
C ILE A 92 24.18 29.08 -25.65
N SER A 93 23.55 27.97 -26.04
CA SER A 93 23.17 26.91 -25.11
C SER A 93 24.37 26.28 -24.38
N LEU A 94 25.25 25.62 -25.13
CA LEU A 94 26.42 24.98 -24.54
C LEU A 94 27.45 25.99 -24.05
N GLU A 95 27.06 27.26 -23.99
CA GLU A 95 27.96 28.30 -23.53
C GLU A 95 28.31 28.09 -22.06
N ALA A 96 27.28 28.06 -21.22
CA ALA A 96 27.46 27.87 -19.78
C ALA A 96 28.04 26.49 -19.44
N LEU A 97 28.56 25.79 -20.44
CA LEU A 97 29.13 24.47 -20.21
C LEU A 97 30.41 24.59 -19.41
N SER A 98 30.61 23.64 -18.50
CA SER A 98 31.79 23.60 -17.66
C SER A 98 33.00 23.08 -18.44
N GLU A 99 34.20 23.54 -18.09
CA GLU A 99 35.42 23.12 -18.77
C GLU A 99 35.76 21.64 -18.61
N ASP A 100 35.48 21.09 -17.43
CA ASP A 100 35.83 19.71 -17.10
C ASP A 100 35.28 18.68 -18.06
N LYS A 101 33.96 18.57 -18.10
CA LYS A 101 33.27 17.61 -18.95
C LYS A 101 33.53 17.81 -20.44
N LYS A 102 34.08 18.96 -20.82
CA LYS A 102 34.37 19.29 -22.22
C LYS A 102 35.23 18.26 -23.00
N LYS A 103 35.43 17.07 -22.36
CA LYS A 103 36.19 15.92 -22.89
C LYS A 103 35.32 14.68 -22.96
N ILE A 104 34.62 14.51 -24.07
CA ILE A 104 33.73 13.39 -24.27
C ILE A 104 34.41 12.36 -25.15
N LYS A 105 34.06 11.09 -24.98
CA LYS A 105 34.61 10.01 -25.79
C LYS A 105 33.61 9.67 -26.87
N ASP A 106 34.11 9.26 -28.03
CA ASP A 106 33.25 8.91 -29.15
C ASP A 106 32.65 7.52 -28.94
N ILE A 107 31.84 7.08 -29.89
CA ILE A 107 31.21 5.78 -29.79
C ILE A 107 32.23 4.68 -29.48
N TYR A 108 33.47 4.85 -29.93
CA TYR A 108 34.51 3.86 -29.68
C TYR A 108 35.29 4.07 -28.39
N GLY A 109 34.85 5.03 -27.59
CA GLY A 109 35.50 5.30 -26.32
C GLY A 109 36.90 5.88 -26.40
N LYS A 110 37.12 6.77 -27.37
CA LYS A 110 38.42 7.42 -27.54
C LYS A 110 38.23 8.92 -27.36
N ASP A 111 38.91 9.48 -26.37
CA ASP A 111 38.83 10.89 -26.06
C ASP A 111 38.93 11.82 -27.27
N ALA A 112 38.28 12.98 -27.17
CA ALA A 112 38.28 13.98 -28.25
C ALA A 112 37.69 15.29 -27.73
N LEU A 113 38.39 16.36 -27.83
CA LEU A 113 37.86 17.59 -27.27
C LEU A 113 36.65 18.17 -28.00
N LEU A 114 35.78 18.68 -27.19
CA LEU A 114 34.52 19.21 -27.63
C LEU A 114 34.56 20.27 -28.73
N HIS A 115 35.52 21.18 -28.68
CA HIS A 115 35.60 22.21 -29.70
C HIS A 115 36.16 21.67 -31.01
N GLU A 116 36.39 20.37 -31.05
CA GLU A 116 36.90 19.71 -32.24
C GLU A 116 35.95 18.63 -32.75
N HIS A 117 34.87 18.40 -32.01
CA HIS A 117 33.90 17.37 -32.41
C HIS A 117 32.73 17.97 -33.17
N TYR A 118 31.83 17.11 -33.65
CA TYR A 118 30.67 17.56 -34.42
C TYR A 118 29.35 17.42 -33.67
N VAL A 119 29.38 16.77 -32.51
CA VAL A 119 28.17 16.60 -31.70
C VAL A 119 28.37 16.69 -30.20
N TYR A 120 27.25 16.85 -29.51
CA TYR A 120 27.21 16.91 -28.06
C TYR A 120 25.77 17.03 -27.58
N ALA A 121 25.46 16.28 -26.54
CA ALA A 121 24.13 16.31 -25.96
C ALA A 121 24.29 16.75 -24.51
N LYS A 122 23.85 17.97 -24.21
CA LYS A 122 23.96 18.48 -22.86
C LYS A 122 22.89 17.91 -21.96
N GLU A 123 23.33 17.24 -20.89
CA GLU A 123 22.43 16.64 -19.92
C GLU A 123 21.71 17.77 -19.18
N GLY A 124 21.28 17.51 -17.95
CA GLY A 124 20.60 18.53 -17.18
C GLY A 124 19.10 18.52 -17.36
N TYR A 125 18.40 19.35 -16.58
CA TYR A 125 16.95 19.41 -16.66
C TYR A 125 16.47 20.38 -17.75
N GLU A 126 17.40 20.81 -18.58
CA GLU A 126 17.10 21.71 -19.69
C GLU A 126 17.99 21.24 -20.83
N PRO A 127 17.74 20.01 -21.33
CA PRO A 127 18.42 19.28 -22.40
C PRO A 127 18.65 20.03 -23.70
N VAL A 128 19.85 19.85 -24.25
CA VAL A 128 20.24 20.49 -25.49
C VAL A 128 21.08 19.55 -26.34
N LEU A 129 20.93 19.64 -27.66
CA LEU A 129 21.68 18.81 -28.59
C LEU A 129 22.34 19.69 -29.65
N VAL A 130 23.66 19.61 -29.77
CA VAL A 130 24.39 20.40 -30.76
C VAL A 130 25.10 19.57 -31.83
N ILE A 131 24.88 19.91 -33.08
CA ILE A 131 25.47 19.20 -34.22
C ILE A 131 26.04 20.17 -35.27
N GLN A 132 27.26 19.92 -35.74
CA GLN A 132 27.87 20.77 -36.76
C GLN A 132 27.21 20.50 -38.11
N SER A 133 27.25 21.49 -39.02
CA SER A 133 26.63 21.32 -40.32
C SER A 133 27.56 20.63 -41.32
N SER A 134 27.01 19.64 -42.00
CA SER A 134 27.73 18.85 -42.98
C SER A 134 26.74 17.93 -43.67
N GLU A 135 26.99 17.62 -44.93
CA GLU A 135 26.11 16.73 -45.66
C GLU A 135 26.83 15.43 -46.00
N ASP A 136 28.14 15.41 -45.75
CA ASP A 136 28.95 14.23 -46.02
C ASP A 136 28.53 13.08 -45.11
N TYR A 137 27.61 13.36 -44.20
CA TYR A 137 27.10 12.34 -43.28
C TYR A 137 26.60 11.14 -44.07
N VAL A 138 26.21 11.40 -45.32
CA VAL A 138 25.71 10.35 -46.19
C VAL A 138 26.87 9.39 -46.49
N GLU A 139 28.08 9.91 -46.51
CA GLU A 139 29.28 9.13 -46.78
C GLU A 139 30.02 8.81 -45.47
N ASN A 140 30.41 9.85 -44.76
CA ASN A 140 31.13 9.73 -43.50
C ASN A 140 30.22 9.09 -42.44
N THR A 141 29.96 7.80 -42.61
CA THR A 141 29.11 7.07 -41.67
C THR A 141 29.65 7.11 -40.25
N GLU A 142 30.93 7.47 -40.10
CA GLU A 142 31.56 7.53 -38.79
C GLU A 142 30.94 8.61 -37.92
N LYS A 143 30.68 9.77 -38.50
CA LYS A 143 30.08 10.86 -37.76
C LYS A 143 28.64 10.52 -37.42
N ALA A 144 27.87 10.13 -38.43
CA ALA A 144 26.46 9.78 -38.25
C ALA A 144 26.31 8.74 -37.13
N LEU A 145 27.20 7.77 -37.10
CA LEU A 145 27.15 6.73 -36.08
C LEU A 145 27.33 7.38 -34.71
N ASN A 146 28.19 8.39 -34.65
CA ASN A 146 28.44 9.09 -33.39
C ASN A 146 27.28 10.00 -32.98
N VAL A 147 26.61 10.59 -33.96
CA VAL A 147 25.48 11.47 -33.69
C VAL A 147 24.33 10.65 -33.10
N TYR A 148 24.12 9.46 -33.68
CA TYR A 148 23.05 8.57 -33.20
C TYR A 148 23.42 8.01 -31.84
N TYR A 149 24.74 7.90 -31.62
CA TYR A 149 25.23 7.41 -30.34
C TYR A 149 24.81 8.39 -29.25
N GLU A 150 25.12 9.64 -29.51
CA GLU A 150 24.76 10.72 -28.61
C GLU A 150 23.25 10.78 -28.39
N ILE A 151 22.50 10.52 -29.45
CA ILE A 151 21.05 10.52 -29.35
C ILE A 151 20.62 9.35 -28.48
N GLY A 152 21.16 8.17 -28.77
CA GLY A 152 20.83 7.01 -27.98
C GLY A 152 21.08 7.30 -26.51
N LYS A 153 22.17 8.01 -26.25
CA LYS A 153 22.56 8.40 -24.91
C LYS A 153 21.45 9.26 -24.30
N ILE A 154 20.81 10.06 -25.13
CA ILE A 154 19.71 10.91 -24.67
C ILE A 154 18.50 10.06 -24.31
N LEU A 155 18.23 9.06 -25.14
CA LEU A 155 17.08 8.20 -24.92
C LEU A 155 17.19 7.39 -23.63
N SER A 156 18.37 6.84 -23.35
CA SER A 156 18.57 6.03 -22.15
C SER A 156 18.85 6.85 -20.89
N ARG A 157 19.72 7.84 -21.00
CA ARG A 157 20.10 8.68 -19.88
C ARG A 157 19.13 9.81 -19.54
N ASP A 158 18.48 10.37 -20.57
CA ASP A 158 17.57 11.50 -20.36
C ASP A 158 16.09 11.20 -20.38
N ILE A 159 15.68 10.25 -21.22
CA ILE A 159 14.27 9.90 -21.35
C ILE A 159 13.81 8.69 -20.52
N LEU A 160 14.26 7.51 -20.92
CA LEU A 160 13.88 6.28 -20.25
C LEU A 160 14.16 6.21 -18.75
N SER A 161 15.16 6.95 -18.27
CA SER A 161 15.45 6.90 -16.84
C SER A 161 14.27 7.49 -16.05
N LYS A 162 13.55 8.41 -16.67
CA LYS A 162 12.40 9.04 -16.00
C LYS A 162 11.23 8.08 -15.79
N ILE A 163 11.32 6.89 -16.38
CA ILE A 163 10.29 5.87 -16.21
C ILE A 163 10.95 4.55 -15.82
N ASN A 164 12.04 4.65 -15.07
CA ASN A 164 12.78 3.48 -14.61
C ASN A 164 13.14 2.48 -15.69
N GLN A 165 13.79 2.95 -16.74
CA GLN A 165 14.20 2.07 -17.83
C GLN A 165 15.59 2.47 -18.29
N PRO A 166 16.37 1.53 -18.84
CA PRO A 166 15.99 0.13 -19.06
C PRO A 166 15.98 -0.64 -17.75
N TYR A 167 15.28 -1.77 -17.74
CA TYR A 167 15.22 -2.59 -16.54
C TYR A 167 15.51 -4.04 -16.89
N GLN A 168 14.92 -4.96 -16.13
CA GLN A 168 15.14 -6.39 -16.30
C GLN A 168 15.16 -6.92 -17.71
N LYS A 169 14.23 -6.48 -18.54
CA LYS A 169 14.19 -6.96 -19.92
C LYS A 169 15.53 -6.72 -20.63
N PHE A 170 15.94 -5.46 -20.73
CA PHE A 170 17.21 -5.09 -21.38
C PHE A 170 18.38 -5.73 -20.63
N LEU A 171 18.21 -5.93 -19.33
CA LEU A 171 19.24 -6.53 -18.50
C LEU A 171 19.48 -7.96 -18.98
N ASP A 172 18.39 -8.64 -19.35
CA ASP A 172 18.48 -10.01 -19.84
C ASP A 172 19.33 -10.07 -21.11
N VAL A 173 19.17 -9.06 -21.97
CA VAL A 173 19.93 -8.97 -23.20
C VAL A 173 21.40 -8.90 -22.85
N LEU A 174 21.73 -8.03 -21.90
CA LEU A 174 23.11 -7.84 -21.47
C LEU A 174 23.75 -9.14 -21.01
N ASN A 175 22.94 -9.98 -20.37
CA ASN A 175 23.45 -11.26 -19.89
C ASN A 175 23.51 -12.29 -21.01
N THR A 176 22.56 -12.24 -21.94
CA THR A 176 22.56 -13.17 -23.06
C THR A 176 23.85 -12.89 -23.84
N ILE A 177 24.18 -11.61 -23.95
CA ILE A 177 25.37 -11.15 -24.65
C ILE A 177 26.68 -11.52 -23.96
N LYS A 178 26.74 -11.40 -22.64
CA LYS A 178 27.97 -11.70 -21.91
C LYS A 178 28.31 -13.17 -21.77
N ASN A 179 27.32 -14.01 -21.47
CA ASN A 179 27.57 -15.43 -21.31
C ASN A 179 27.48 -16.23 -22.60
N ALA A 180 27.06 -15.58 -23.69
CA ALA A 180 26.96 -16.24 -24.98
C ALA A 180 28.28 -16.89 -25.37
N SER A 181 28.26 -17.74 -26.38
CA SER A 181 29.47 -18.43 -26.83
C SER A 181 30.52 -17.44 -27.32
N ASP A 182 30.30 -16.90 -28.52
CA ASP A 182 31.21 -15.92 -29.12
C ASP A 182 31.29 -14.66 -28.29
N SER A 183 32.48 -14.32 -27.82
CA SER A 183 32.69 -13.14 -26.99
C SER A 183 32.83 -11.82 -27.77
N ASP A 184 32.65 -11.87 -29.09
CA ASP A 184 32.75 -10.68 -29.92
C ASP A 184 31.69 -9.64 -29.56
N GLY A 185 30.46 -10.09 -29.36
CA GLY A 185 29.39 -9.17 -29.00
C GLY A 185 29.77 -8.27 -27.85
N GLN A 186 30.65 -8.75 -26.97
CA GLN A 186 31.08 -7.97 -25.81
C GLN A 186 32.05 -6.89 -26.23
N ASP A 187 33.05 -7.27 -27.02
CA ASP A 187 34.07 -6.34 -27.50
C ASP A 187 33.44 -5.22 -28.31
N LEU A 188 32.26 -5.50 -28.85
CA LEU A 188 31.52 -4.55 -29.67
C LEU A 188 30.70 -3.53 -28.91
N LEU A 189 30.10 -3.93 -27.79
CA LEU A 189 29.24 -3.03 -27.04
C LEU A 189 29.61 -2.79 -25.57
N PHE A 190 30.43 -3.67 -25.00
CA PHE A 190 30.83 -3.52 -23.60
C PHE A 190 32.14 -2.75 -23.46
N THR A 191 32.42 -2.33 -22.24
CA THR A 191 33.65 -1.63 -21.91
C THR A 191 34.40 -2.61 -21.00
N ASN A 192 35.71 -2.45 -20.87
CA ASN A 192 36.47 -3.36 -20.03
C ASN A 192 35.93 -3.43 -18.61
N GLN A 193 35.09 -2.46 -18.25
CA GLN A 193 34.50 -2.43 -16.93
C GLN A 193 33.51 -3.58 -16.77
N LEU A 194 32.64 -3.73 -17.77
CA LEU A 194 31.63 -4.78 -17.78
C LEU A 194 32.22 -6.09 -18.28
N LYS A 195 33.25 -5.97 -19.13
CA LYS A 195 33.91 -7.14 -19.69
C LYS A 195 34.60 -7.96 -18.61
N GLU A 196 34.88 -7.34 -17.47
CA GLU A 196 35.58 -8.02 -16.39
C GLU A 196 34.69 -8.56 -15.28
N HIS A 197 33.44 -8.10 -15.22
CA HIS A 197 32.51 -8.59 -14.20
C HIS A 197 32.25 -10.06 -14.44
N PRO A 198 32.51 -10.92 -13.43
CA PRO A 198 32.31 -12.38 -13.54
C PRO A 198 30.84 -12.77 -13.73
N THR A 199 30.13 -12.89 -12.60
CA THR A 199 28.72 -13.26 -12.59
C THR A 199 27.87 -12.36 -13.47
N ASP A 200 26.63 -12.79 -13.72
CA ASP A 200 25.70 -12.01 -14.53
C ASP A 200 25.45 -10.69 -13.84
N PHE A 201 24.84 -9.75 -14.56
CA PHE A 201 24.53 -8.45 -13.99
C PHE A 201 23.20 -8.51 -13.25
N SER A 202 23.26 -8.43 -11.93
CA SER A 202 22.05 -8.48 -11.10
C SER A 202 21.34 -7.13 -11.13
N VAL A 203 20.09 -7.14 -10.71
CA VAL A 203 19.29 -5.91 -10.71
C VAL A 203 20.02 -4.79 -9.94
N GLU A 204 20.62 -5.16 -8.82
CA GLU A 204 21.35 -4.21 -7.99
C GLU A 204 22.52 -3.60 -8.75
N PHE A 205 23.24 -4.44 -9.49
CA PHE A 205 24.37 -3.99 -10.29
C PHE A 205 23.89 -2.84 -11.16
N LEU A 206 22.90 -3.13 -11.99
CA LEU A 206 22.33 -2.15 -12.90
C LEU A 206 21.99 -0.84 -12.21
N GLU A 207 21.76 -0.90 -10.91
CA GLU A 207 21.41 0.28 -10.14
C GLU A 207 22.62 1.14 -9.77
N GLN A 208 23.69 0.50 -9.30
CA GLN A 208 24.89 1.23 -8.93
C GLN A 208 25.76 1.53 -10.14
N ASN A 209 25.50 0.85 -11.25
CA ASN A 209 26.26 1.06 -12.49
C ASN A 209 25.37 1.70 -13.56
N SER A 210 24.54 2.63 -13.11
CA SER A 210 23.59 3.35 -13.97
C SER A 210 24.11 3.77 -15.34
N ASN A 211 25.13 4.64 -15.37
CA ASN A 211 25.67 5.12 -16.63
C ASN A 211 26.19 3.99 -17.53
N GLU A 212 26.84 3.01 -16.93
CA GLU A 212 27.38 1.89 -17.69
C GLU A 212 26.32 1.25 -18.59
N VAL A 213 25.20 0.84 -18.00
CA VAL A 213 24.11 0.21 -18.75
C VAL A 213 23.56 1.15 -19.81
N GLN A 214 23.35 2.41 -19.44
CA GLN A 214 22.83 3.40 -20.37
C GLN A 214 23.73 3.51 -21.59
N GLU A 215 25.02 3.29 -21.36
CA GLU A 215 26.04 3.38 -22.40
C GLU A 215 25.82 2.32 -23.45
N VAL A 216 25.69 1.07 -23.00
CA VAL A 216 25.47 -0.04 -23.92
C VAL A 216 24.23 0.22 -24.77
N PHE A 217 23.16 0.66 -24.12
CA PHE A 217 21.93 0.97 -24.83
C PHE A 217 22.20 1.94 -25.96
N ALA A 218 22.89 3.04 -25.63
CA ALA A 218 23.22 4.07 -26.61
C ALA A 218 23.97 3.50 -27.79
N LYS A 219 24.95 2.65 -27.51
CA LYS A 219 25.73 2.07 -28.58
C LYS A 219 24.89 1.16 -29.47
N ALA A 220 24.05 0.32 -28.86
CA ALA A 220 23.20 -0.59 -29.64
C ALA A 220 22.21 0.21 -30.47
N PHE A 221 21.66 1.27 -29.86
CA PHE A 221 20.72 2.13 -30.56
C PHE A 221 21.39 2.71 -31.80
N ALA A 222 22.59 3.25 -31.59
CA ALA A 222 23.38 3.87 -32.65
C ALA A 222 23.65 2.93 -33.81
N TYR A 223 24.23 1.77 -33.51
CA TYR A 223 24.51 0.80 -34.55
C TYR A 223 23.26 0.38 -35.29
N TYR A 224 22.14 0.32 -34.60
CA TYR A 224 20.91 -0.11 -35.25
C TYR A 224 20.29 0.96 -36.12
N ILE A 225 20.54 2.19 -35.74
CA ILE A 225 19.98 3.33 -36.46
C ILE A 225 20.79 3.75 -37.67
N GLU A 226 22.12 3.78 -37.57
CA GLU A 226 22.98 4.11 -38.68
C GLU A 226 22.91 2.95 -39.66
N PRO A 227 22.19 3.13 -40.79
CA PRO A 227 22.00 2.11 -41.83
C PRO A 227 23.20 1.25 -42.16
N GLN A 228 24.38 1.86 -42.16
CA GLN A 228 25.60 1.15 -42.50
C GLN A 228 26.19 0.23 -41.43
N HIS A 229 25.93 0.51 -40.16
CA HIS A 229 26.50 -0.33 -39.11
C HIS A 229 25.50 -1.34 -38.56
N ARG A 230 24.26 -1.25 -39.04
CA ARG A 230 23.21 -2.15 -38.61
C ARG A 230 23.59 -3.62 -38.69
N ASP A 231 24.21 -4.03 -39.80
CA ASP A 231 24.60 -5.42 -39.97
C ASP A 231 25.62 -5.90 -38.96
N VAL A 232 26.62 -5.08 -38.65
CA VAL A 232 27.64 -5.45 -37.69
C VAL A 232 26.99 -5.81 -36.35
N LEU A 233 25.94 -5.09 -36.00
CA LEU A 233 25.20 -5.32 -34.76
C LEU A 233 24.55 -6.70 -34.81
N GLN A 234 23.84 -6.96 -35.90
CA GLN A 234 23.14 -8.23 -36.08
C GLN A 234 24.13 -9.39 -36.17
N LEU A 235 25.34 -9.10 -36.64
CA LEU A 235 26.35 -10.13 -36.78
C LEU A 235 26.96 -10.57 -35.45
N TYR A 236 27.44 -9.63 -34.65
CA TYR A 236 28.08 -9.94 -33.38
C TYR A 236 27.21 -9.94 -32.13
N ALA A 237 26.15 -9.13 -32.15
CA ALA A 237 25.25 -9.04 -31.00
C ALA A 237 23.81 -9.14 -31.50
N PRO A 238 23.40 -10.34 -31.95
CA PRO A 238 22.06 -10.60 -32.48
C PRO A 238 20.93 -10.28 -31.50
N GLU A 239 21.13 -10.64 -30.23
CA GLU A 239 20.11 -10.39 -29.21
C GLU A 239 19.87 -8.91 -29.01
N ALA A 240 20.95 -8.14 -29.06
CA ALA A 240 20.87 -6.71 -28.91
C ALA A 240 20.15 -6.14 -30.14
N PHE A 241 20.43 -6.70 -31.31
CA PHE A 241 19.79 -6.25 -32.53
C PHE A 241 18.29 -6.47 -32.43
N ASN A 242 17.90 -7.69 -32.06
CA ASN A 242 16.49 -8.04 -31.93
C ASN A 242 15.78 -7.12 -30.95
N TYR A 243 16.43 -6.85 -29.82
CA TYR A 243 15.84 -5.98 -28.82
C TYR A 243 15.56 -4.57 -29.36
N MET A 244 16.58 -3.95 -29.95
CA MET A 244 16.43 -2.59 -30.50
C MET A 244 15.49 -2.59 -31.70
N ASP A 245 15.43 -3.73 -32.37
CA ASP A 245 14.56 -3.87 -33.53
C ASP A 245 13.11 -3.83 -33.06
N LYS A 246 12.80 -4.66 -32.08
CA LYS A 246 11.46 -4.76 -31.52
C LYS A 246 11.10 -3.47 -30.76
N PHE A 247 12.08 -2.87 -30.11
CA PHE A 247 11.85 -1.63 -29.37
C PHE A 247 11.53 -0.44 -30.25
N ASN A 248 12.31 -0.27 -31.31
CA ASN A 248 12.13 0.85 -32.24
C ASN A 248 10.93 0.77 -33.15
N GLU A 249 10.36 -0.42 -33.31
CA GLU A 249 9.21 -0.56 -34.17
C GLU A 249 7.90 -0.52 -33.40
N GLN A 250 7.80 -1.34 -32.34
CA GLN A 250 6.59 -1.40 -31.54
C GLN A 250 6.70 -0.70 -30.17
N GLU A 251 7.27 -1.42 -29.21
CA GLU A 251 7.43 -0.97 -27.83
C GLU A 251 7.83 0.47 -27.54
N ILE A 252 8.34 1.19 -28.53
CA ILE A 252 8.73 2.59 -28.34
C ILE A 252 7.51 3.44 -27.98
N ASN A 253 6.35 3.12 -28.56
CA ASN A 253 5.16 3.90 -28.29
C ASN A 253 4.66 3.76 -26.87
N LEU A 254 4.82 2.58 -26.27
CA LEU A 254 4.37 2.39 -24.90
C LEU A 254 5.29 3.18 -23.99
N SER A 255 6.51 3.41 -24.44
CA SER A 255 7.45 4.21 -23.64
C SER A 255 6.98 5.65 -23.67
N LEU A 256 6.56 6.11 -24.84
CA LEU A 256 6.07 7.46 -24.98
C LEU A 256 4.88 7.59 -24.03
N GLU A 257 3.96 6.63 -24.15
CA GLU A 257 2.75 6.59 -23.32
C GLU A 257 3.05 6.64 -21.84
N GLU A 258 4.02 5.83 -21.41
CA GLU A 258 4.36 5.81 -19.99
C GLU A 258 4.99 7.12 -19.56
N LEU A 259 5.78 7.72 -20.45
CA LEU A 259 6.42 8.99 -20.13
C LEU A 259 5.35 10.05 -19.99
N LYS A 260 4.33 10.02 -20.85
CA LYS A 260 3.24 10.98 -20.79
C LYS A 260 2.46 10.84 -19.49
N ASP A 261 2.32 9.59 -19.03
CA ASP A 261 1.59 9.30 -17.81
C ASP A 261 2.23 9.96 -16.59
N GLN A 262 3.50 10.34 -16.72
CA GLN A 262 4.24 11.00 -15.64
C GLN A 262 3.91 12.48 -15.54
N ARG A 263 3.38 13.03 -16.64
CA ARG A 263 3.09 14.47 -16.71
C ARG A 263 1.73 14.94 -16.29
N MET A 264 1.74 15.92 -15.39
CA MET A 264 0.51 16.49 -14.88
C MET A 264 -0.46 16.91 -15.99
N LEU A 265 -0.09 17.93 -16.76
CA LEU A 265 -0.97 18.42 -17.81
C LEU A 265 -1.42 17.32 -18.74
N SER A 266 -0.56 16.34 -18.97
CA SER A 266 -0.91 15.23 -19.82
C SER A 266 -2.03 14.38 -19.20
N ARG A 267 -1.85 13.98 -17.93
CA ARG A 267 -2.82 13.17 -17.20
C ARG A 267 -4.17 13.86 -17.09
N TYR A 268 -4.19 15.18 -16.81
CA TYR A 268 -5.47 15.89 -16.64
C TYR A 268 -6.12 16.24 -17.96
N GLU A 269 -5.36 16.30 -19.01
CA GLU A 269 -5.90 16.57 -20.33
C GLU A 269 -6.62 15.33 -20.83
N LYS A 270 -6.05 14.17 -20.49
CA LYS A 270 -6.62 12.90 -20.90
C LYS A 270 -7.92 12.65 -20.14
N TRP A 271 -7.85 12.77 -18.82
CA TRP A 271 -8.99 12.58 -17.96
C TRP A 271 -10.13 13.49 -18.41
N GLU A 272 -9.81 14.74 -18.80
CA GLU A 272 -10.85 15.67 -19.20
C GLU A 272 -11.56 15.36 -20.50
N LYS A 273 -10.84 14.81 -21.46
CA LYS A 273 -11.47 14.46 -22.71
C LYS A 273 -12.46 13.33 -22.46
N ILE A 274 -12.04 12.35 -21.68
CA ILE A 274 -12.88 11.21 -21.35
C ILE A 274 -14.10 11.66 -20.55
N LYS A 275 -13.88 12.62 -19.66
CA LYS A 275 -14.95 13.15 -18.84
C LYS A 275 -15.95 13.87 -19.74
N GLN A 276 -15.39 14.62 -20.68
CA GLN A 276 -16.19 15.38 -21.61
C GLN A 276 -17.00 14.40 -22.43
N HIS A 277 -16.34 13.34 -22.91
CA HIS A 277 -17.03 12.35 -23.72
C HIS A 277 -18.22 11.70 -23.03
N TYR A 278 -18.16 11.54 -21.71
CA TYR A 278 -19.26 10.93 -21.01
C TYR A 278 -20.17 11.91 -20.31
N GLN A 279 -19.93 13.20 -20.52
CA GLN A 279 -20.73 14.22 -19.86
C GLN A 279 -22.23 14.00 -20.00
N HIS A 280 -22.69 13.74 -21.23
CA HIS A 280 -24.12 13.50 -21.43
C HIS A 280 -24.57 12.32 -20.53
N TRP A 281 -23.92 11.16 -20.69
CA TRP A 281 -24.25 9.97 -19.91
C TRP A 281 -24.25 10.26 -18.40
N SER A 282 -23.22 10.95 -17.92
CA SER A 282 -23.16 11.30 -16.50
C SER A 282 -24.35 12.18 -16.12
N ASP A 283 -24.54 13.28 -16.85
CA ASP A 283 -25.64 14.19 -16.56
C ASP A 283 -27.02 13.55 -16.57
N SER A 284 -27.16 12.39 -17.18
CA SER A 284 -28.47 11.75 -17.22
C SER A 284 -28.63 10.59 -16.24
N LEU A 285 -27.58 10.30 -15.48
CA LEU A 285 -27.63 9.24 -14.47
C LEU A 285 -28.65 9.57 -13.39
N SER A 286 -29.50 8.62 -13.04
CA SER A 286 -30.49 8.85 -11.99
C SER A 286 -29.85 8.55 -10.65
N GLU A 287 -30.61 8.77 -9.58
CA GLU A 287 -30.09 8.48 -8.24
C GLU A 287 -29.98 6.98 -8.10
N GLU A 288 -30.92 6.28 -8.75
CA GLU A 288 -30.98 4.82 -8.73
C GLU A 288 -29.75 4.27 -9.43
N GLY A 289 -29.38 4.94 -10.53
CA GLY A 289 -28.19 4.54 -11.27
C GLY A 289 -26.95 4.70 -10.40
N ARG A 290 -26.77 5.90 -9.87
CA ARG A 290 -25.63 6.19 -9.02
C ARG A 290 -25.54 5.18 -7.86
N GLY A 291 -26.68 4.80 -7.31
CA GLY A 291 -26.71 3.86 -6.21
C GLY A 291 -26.21 2.47 -6.59
N LEU A 292 -26.54 2.05 -7.81
CA LEU A 292 -26.11 0.76 -8.31
C LEU A 292 -24.59 0.74 -8.46
N LEU A 293 -24.05 1.77 -9.09
CA LEU A 293 -22.61 1.84 -9.28
C LEU A 293 -21.89 1.86 -7.96
N LYS A 294 -22.55 2.45 -6.96
CA LYS A 294 -21.95 2.54 -5.65
C LYS A 294 -21.80 1.17 -4.99
N LYS A 295 -22.87 0.39 -4.86
CA LYS A 295 -22.69 -0.91 -4.22
C LYS A 295 -21.82 -1.86 -5.03
N LEU A 296 -21.50 -1.49 -6.26
CA LEU A 296 -20.65 -2.33 -7.09
C LEU A 296 -19.23 -2.11 -6.58
N GLN A 297 -19.02 -1.01 -5.88
CA GLN A 297 -17.69 -0.67 -5.36
C GLN A 297 -17.51 -1.00 -3.89
N ILE A 298 -18.60 -1.07 -3.14
CA ILE A 298 -18.53 -1.39 -1.72
C ILE A 298 -19.58 -2.41 -1.33
N PRO A 299 -19.18 -3.66 -1.15
CA PRO A 299 -20.08 -4.76 -0.78
C PRO A 299 -20.80 -4.49 0.53
N ILE A 300 -21.98 -5.09 0.69
CA ILE A 300 -22.78 -4.93 1.89
C ILE A 300 -22.54 -6.10 2.82
N GLU A 301 -22.04 -5.80 4.01
CA GLU A 301 -21.74 -6.82 5.00
C GLU A 301 -22.98 -7.20 5.80
N PRO A 302 -22.99 -8.44 6.34
CA PRO A 302 -24.08 -9.00 7.15
C PRO A 302 -24.38 -8.20 8.42
N LYS A 303 -25.66 -8.06 8.74
CA LYS A 303 -26.06 -7.34 9.94
C LYS A 303 -26.24 -8.36 11.07
N LYS A 304 -25.37 -8.29 12.08
CA LYS A 304 -25.46 -9.22 13.20
C LYS A 304 -26.89 -9.34 13.67
N ASP A 305 -27.58 -8.19 13.76
CA ASP A 305 -28.97 -8.13 14.20
C ASP A 305 -29.84 -9.06 13.38
N ASP A 306 -29.89 -8.79 12.08
CA ASP A 306 -30.70 -9.58 11.15
C ASP A 306 -30.43 -11.07 11.34
N ILE A 307 -29.16 -11.44 11.34
CA ILE A 307 -28.77 -12.84 11.50
C ILE A 307 -29.63 -13.51 12.56
N ILE A 308 -29.41 -13.13 13.82
CA ILE A 308 -30.14 -13.67 14.95
C ILE A 308 -31.63 -13.83 14.67
N HIS A 309 -32.31 -12.71 14.45
CA HIS A 309 -33.74 -12.71 14.19
C HIS A 309 -34.19 -13.83 13.26
N SER A 310 -33.63 -13.87 12.06
CA SER A 310 -33.99 -14.88 11.08
C SER A 310 -33.61 -16.32 11.47
N LEU A 311 -33.16 -16.51 12.70
CA LEU A 311 -32.80 -17.85 13.15
C LEU A 311 -34.03 -18.71 13.36
N SER A 312 -34.32 -19.01 14.62
CA SER A 312 -35.47 -19.83 15.01
C SER A 312 -35.46 -20.05 16.51
N GLN A 313 -36.64 -20.08 17.11
CA GLN A 313 -36.77 -20.30 18.55
C GLN A 313 -35.97 -21.53 18.96
N GLU A 314 -35.91 -22.51 18.07
CA GLU A 314 -35.18 -23.75 18.34
C GLU A 314 -33.71 -23.60 17.97
N GLU A 315 -33.46 -23.04 16.79
CA GLU A 315 -32.10 -22.84 16.29
C GLU A 315 -31.26 -22.00 17.23
N LYS A 316 -31.77 -20.83 17.60
CA LYS A 316 -31.04 -19.95 18.50
C LYS A 316 -30.47 -20.75 19.64
N GLU A 317 -31.30 -21.71 20.09
CA GLU A 317 -30.93 -22.62 21.15
C GLU A 317 -29.66 -23.38 20.81
N LEU A 318 -29.56 -23.85 19.57
CA LEU A 318 -28.41 -24.65 19.14
C LEU A 318 -27.13 -23.80 18.97
N LEU A 319 -27.25 -22.54 18.56
CA LEU A 319 -26.11 -21.65 18.38
C LEU A 319 -25.55 -21.12 19.71
N LYS A 320 -26.40 -21.06 20.74
CA LYS A 320 -25.88 -20.52 21.99
C LYS A 320 -24.57 -21.18 22.39
N ARG A 321 -24.29 -22.43 22.02
CA ARG A 321 -22.95 -22.93 22.28
C ARG A 321 -22.57 -24.12 21.44
N ILE A 322 -22.23 -23.78 20.22
CA ILE A 322 -21.66 -24.73 19.30
C ILE A 322 -20.32 -24.12 19.03
N GLN A 323 -19.27 -24.90 18.87
CA GLN A 323 -18.04 -24.21 18.64
C GLN A 323 -17.64 -24.18 17.18
N ILE A 324 -17.64 -22.94 16.73
CA ILE A 324 -17.30 -22.55 15.38
C ILE A 324 -15.83 -22.88 15.06
N ASP A 325 -15.00 -23.00 16.10
CA ASP A 325 -13.59 -23.33 15.91
C ASP A 325 -13.41 -24.80 15.58
N SER A 326 -14.45 -25.58 15.84
CA SER A 326 -14.40 -27.01 15.58
C SER A 326 -14.69 -27.40 14.14
N SER A 327 -15.15 -26.46 13.34
CA SER A 327 -15.48 -26.73 11.93
C SER A 327 -14.30 -26.75 10.97
N ASP A 328 -14.48 -27.49 9.88
CA ASP A 328 -13.46 -27.64 8.84
C ASP A 328 -13.97 -27.20 7.47
N PHE A 329 -15.10 -26.49 7.48
CA PHE A 329 -15.71 -26.01 6.24
C PHE A 329 -15.98 -24.51 6.28
N LEU A 330 -15.54 -23.87 7.35
CA LEU A 330 -15.72 -22.43 7.51
C LEU A 330 -14.37 -21.75 7.63
N SER A 331 -14.18 -20.65 6.90
CA SER A 331 -12.93 -19.92 6.95
C SER A 331 -12.91 -19.13 8.26
N THR A 332 -11.72 -18.99 8.84
CA THR A 332 -11.58 -18.25 10.09
C THR A 332 -12.32 -16.93 9.97
N GLU A 333 -12.22 -16.33 8.79
CA GLU A 333 -12.88 -15.08 8.50
C GLU A 333 -14.34 -15.18 8.93
N GLU A 334 -14.97 -16.26 8.50
CA GLU A 334 -16.38 -16.53 8.81
C GLU A 334 -16.57 -16.92 10.28
N LYS A 335 -15.69 -17.77 10.79
CA LYS A 335 -15.75 -18.23 12.17
C LYS A 335 -15.84 -17.08 13.15
N GLU A 336 -14.86 -16.18 13.09
CA GLU A 336 -14.82 -15.02 13.95
C GLU A 336 -16.18 -14.37 14.05
N PHE A 337 -16.77 -14.09 12.89
CA PHE A 337 -18.08 -13.46 12.82
C PHE A 337 -19.17 -14.24 13.55
N LEU A 338 -19.23 -15.54 13.26
CA LEU A 338 -20.23 -16.38 13.89
C LEU A 338 -20.18 -16.33 15.41
N LYS A 339 -19.04 -16.68 16.01
CA LYS A 339 -18.92 -16.67 17.47
C LYS A 339 -19.33 -15.35 18.12
N LYS A 340 -19.32 -14.27 17.33
CA LYS A 340 -19.72 -12.97 17.86
C LYS A 340 -21.23 -12.87 17.92
N LEU A 341 -21.92 -13.89 17.41
CA LEU A 341 -23.38 -13.91 17.43
C LEU A 341 -23.88 -14.56 18.71
N GLN A 342 -23.11 -15.51 19.22
CA GLN A 342 -23.48 -16.19 20.45
C GLN A 342 -23.51 -15.12 21.52
N ILE A 343 -22.37 -14.48 21.69
CA ILE A 343 -22.18 -13.42 22.66
C ILE A 343 -23.28 -12.36 22.71
N ASP A 344 -23.98 -12.15 21.60
CA ASP A 344 -25.03 -11.13 21.56
C ASP A 344 -26.43 -11.62 21.94
N ILE A 345 -26.54 -12.85 22.44
CA ILE A 345 -27.84 -13.39 22.82
C ILE A 345 -28.02 -13.37 24.34
N ARG A 346 -26.92 -13.16 25.06
CA ARG A 346 -26.89 -13.13 26.52
C ARG A 346 -27.91 -12.17 27.15
N ASP A 347 -29.03 -12.71 27.62
CA ASP A 347 -30.06 -11.88 28.24
C ASP A 347 -30.53 -12.31 29.64
N SER A 348 -31.56 -13.17 29.71
CA SER A 348 -32.10 -13.57 31.02
C SER A 348 -31.97 -15.04 31.48
N LEU A 349 -31.84 -15.17 32.80
CA LEU A 349 -31.67 -16.43 33.54
C LEU A 349 -30.17 -16.78 33.57
N SER A 350 -29.41 -15.77 34.00
CA SER A 350 -27.96 -15.78 34.13
C SER A 350 -27.28 -17.13 34.36
N GLU A 351 -27.73 -17.85 35.39
CA GLU A 351 -27.17 -19.16 35.72
C GLU A 351 -26.81 -20.00 34.50
N GLU A 352 -27.67 -19.96 33.48
CA GLU A 352 -27.46 -20.72 32.26
C GLU A 352 -26.10 -20.45 31.66
N GLU A 353 -25.80 -19.16 31.50
CA GLU A 353 -24.55 -18.70 30.92
C GLU A 353 -23.32 -19.56 31.25
N LYS A 354 -23.06 -19.77 32.54
CA LYS A 354 -21.90 -20.56 32.95
C LYS A 354 -22.08 -22.08 32.86
N GLU A 355 -23.25 -22.60 33.25
CA GLU A 355 -23.49 -24.03 33.18
C GLU A 355 -23.25 -24.53 31.77
N LEU A 356 -23.26 -23.61 30.82
CA LEU A 356 -23.04 -23.93 29.40
C LEU A 356 -21.57 -23.72 29.05
N LEU A 357 -21.03 -22.62 29.54
CA LEU A 357 -19.62 -22.29 29.30
C LEU A 357 -18.76 -23.27 30.07
N ASN A 358 -19.28 -23.71 31.23
CA ASN A 358 -18.57 -24.61 32.19
C ASN A 358 -18.82 -26.11 31.99
N ARG A 359 -19.83 -26.48 31.21
CA ARG A 359 -20.22 -27.86 30.98
C ARG A 359 -19.94 -28.31 29.54
N ILE A 360 -19.35 -27.43 28.72
CA ILE A 360 -19.12 -27.80 27.32
C ILE A 360 -17.66 -27.82 26.85
N GLN A 361 -16.81 -27.00 27.46
CA GLN A 361 -15.41 -26.92 27.07
C GLN A 361 -14.53 -28.17 27.10
N VAL A 362 -14.37 -28.83 28.26
CA VAL A 362 -13.48 -29.99 28.32
C VAL A 362 -14.02 -31.43 28.28
N ASP A 363 -14.98 -31.78 29.15
CA ASP A 363 -15.50 -33.14 29.16
C ASP A 363 -16.29 -33.50 27.90
N SER A 364 -16.75 -32.48 27.17
CA SER A 364 -17.47 -32.66 25.93
C SER A 364 -16.40 -32.86 24.84
N SER A 365 -15.37 -32.01 24.90
CA SER A 365 -14.18 -32.05 24.03
C SER A 365 -14.06 -31.36 22.68
N ASN A 366 -12.92 -31.64 22.04
CA ASN A 366 -12.50 -31.11 20.74
C ASN A 366 -13.28 -31.63 19.51
N PRO A 367 -13.68 -32.92 19.48
CA PRO A 367 -14.40 -33.57 18.35
C PRO A 367 -15.57 -32.81 17.69
N LEU A 368 -16.60 -33.53 17.24
CA LEU A 368 -17.71 -32.87 16.54
C LEU A 368 -19.18 -33.15 16.92
N SER A 369 -20.03 -33.08 15.90
CA SER A 369 -21.47 -33.33 16.03
C SER A 369 -22.26 -33.12 14.74
N GLU A 370 -22.89 -34.19 14.27
CA GLU A 370 -23.68 -34.16 13.04
C GLU A 370 -24.77 -33.07 12.97
N LYS A 371 -25.95 -33.40 13.49
CA LYS A 371 -27.11 -32.49 13.45
C LYS A 371 -26.84 -30.99 13.49
N GLU A 372 -25.85 -30.56 14.26
CA GLU A 372 -25.54 -29.14 14.36
C GLU A 372 -24.65 -28.58 13.25
N LYS A 373 -23.79 -29.40 12.68
CA LYS A 373 -22.93 -28.92 11.60
C LYS A 373 -23.80 -28.50 10.43
N GLU A 374 -24.95 -29.16 10.29
CA GLU A 374 -25.89 -28.84 9.23
C GLU A 374 -26.27 -27.39 9.41
N PHE A 375 -26.49 -27.01 10.67
CA PHE A 375 -26.87 -25.66 11.02
C PHE A 375 -25.83 -24.63 10.61
N LEU A 376 -24.55 -25.01 10.72
CA LEU A 376 -23.47 -24.10 10.36
C LEU A 376 -23.29 -23.96 8.85
N LYS A 377 -23.70 -24.97 8.11
CA LYS A 377 -23.57 -24.93 6.66
C LYS A 377 -24.67 -24.04 6.09
N LYS A 378 -25.78 -23.94 6.79
CA LYS A 378 -26.87 -23.10 6.31
C LYS A 378 -26.53 -21.64 6.64
N LEU A 379 -25.82 -21.44 7.74
CA LEU A 379 -25.42 -20.10 8.16
C LEU A 379 -24.30 -19.54 7.30
N LYS A 380 -23.45 -20.43 6.80
CA LYS A 380 -22.34 -19.99 5.96
C LYS A 380 -22.93 -19.17 4.82
N LEU A 381 -23.94 -19.72 4.15
CA LEU A 381 -24.60 -19.04 3.04
C LEU A 381 -25.15 -17.69 3.45
N ASP A 382 -25.89 -17.65 4.56
CA ASP A 382 -26.50 -16.40 5.03
C ASP A 382 -25.54 -15.31 5.49
N ILE A 383 -24.30 -15.66 5.83
CA ILE A 383 -23.36 -14.64 6.29
C ILE A 383 -22.37 -14.12 5.24
N GLN A 384 -22.64 -14.42 3.98
CA GLN A 384 -21.77 -13.94 2.92
C GLN A 384 -22.13 -12.51 2.58
N PRO A 385 -21.14 -11.67 2.29
CA PRO A 385 -21.45 -10.27 1.97
C PRO A 385 -22.15 -10.19 0.60
N TYR A 386 -22.91 -9.12 0.38
CA TYR A 386 -23.56 -8.92 -0.91
C TYR A 386 -22.47 -8.24 -1.72
N ASP A 387 -21.92 -8.97 -2.68
CA ASP A 387 -20.83 -8.46 -3.51
C ASP A 387 -21.11 -8.87 -4.96
N ILE A 388 -21.74 -7.97 -5.71
CA ILE A 388 -22.08 -8.23 -7.10
C ILE A 388 -20.92 -8.75 -7.96
N ASN A 389 -19.80 -8.05 -7.92
CA ASN A 389 -18.64 -8.47 -8.71
C ASN A 389 -18.17 -9.86 -8.36
N GLN A 390 -18.23 -10.19 -7.08
CA GLN A 390 -17.81 -11.50 -6.61
C GLN A 390 -18.74 -12.58 -7.19
N ARG A 391 -20.03 -12.28 -7.21
CA ARG A 391 -21.00 -13.22 -7.71
C ARG A 391 -20.67 -13.54 -9.17
N LEU A 392 -20.42 -12.51 -9.98
CA LEU A 392 -20.12 -12.74 -11.39
C LEU A 392 -18.84 -13.57 -11.53
N GLN A 393 -17.84 -13.24 -10.73
CA GLN A 393 -16.58 -13.97 -10.76
C GLN A 393 -16.76 -15.43 -10.35
N ASP A 394 -17.42 -15.65 -9.21
CA ASP A 394 -17.66 -17.02 -8.73
C ASP A 394 -18.38 -17.89 -9.77
N THR A 395 -19.38 -17.32 -10.45
CA THR A 395 -20.17 -18.05 -11.43
C THR A 395 -19.70 -17.92 -12.87
N GLY A 396 -18.64 -17.16 -13.10
CA GLY A 396 -18.18 -16.98 -14.46
C GLY A 396 -19.26 -16.32 -15.29
N GLY A 397 -20.15 -15.60 -14.63
CA GLY A 397 -21.22 -14.93 -15.34
C GLY A 397 -22.48 -15.78 -15.45
N LEU A 398 -22.43 -17.01 -14.92
CA LEU A 398 -23.60 -17.87 -14.96
C LEU A 398 -24.55 -17.55 -13.81
N ILE A 399 -25.13 -16.35 -13.86
CA ILE A 399 -26.00 -15.89 -12.80
C ILE A 399 -27.24 -16.73 -12.40
N ASP A 400 -27.56 -17.75 -13.18
CA ASP A 400 -28.68 -18.59 -12.80
C ASP A 400 -28.27 -19.80 -11.99
N SER A 401 -26.96 -19.96 -11.75
CA SER A 401 -26.45 -21.05 -10.94
C SER A 401 -27.20 -21.11 -9.61
N PRO A 402 -27.77 -22.27 -9.27
CA PRO A 402 -28.51 -22.43 -8.03
C PRO A 402 -27.63 -22.69 -6.81
N SER A 403 -26.56 -21.91 -6.67
CA SER A 403 -25.61 -22.07 -5.57
C SER A 403 -25.88 -21.21 -4.35
N ILE A 404 -26.95 -20.42 -4.39
CA ILE A 404 -27.33 -19.59 -3.24
C ILE A 404 -28.85 -19.52 -3.22
N ASN A 405 -29.42 -19.17 -2.07
CA ASN A 405 -30.87 -19.09 -1.96
C ASN A 405 -31.51 -18.26 -3.05
N LEU A 406 -32.65 -18.74 -3.53
CA LEU A 406 -33.43 -18.10 -4.59
C LEU A 406 -33.66 -16.59 -4.40
N ASP A 407 -33.90 -16.16 -3.17
CA ASP A 407 -34.13 -14.75 -2.90
C ASP A 407 -32.95 -13.84 -3.31
N VAL A 408 -31.73 -14.19 -2.90
CA VAL A 408 -30.55 -13.39 -3.21
C VAL A 408 -30.08 -13.58 -4.65
N ARG A 409 -30.37 -14.75 -5.21
CA ARG A 409 -30.00 -15.04 -6.58
C ARG A 409 -30.73 -14.05 -7.48
N LYS A 410 -32.01 -13.80 -7.20
CA LYS A 410 -32.80 -12.89 -8.01
C LYS A 410 -32.35 -11.43 -7.82
N GLN A 411 -32.01 -11.08 -6.59
CA GLN A 411 -31.55 -9.73 -6.32
C GLN A 411 -30.27 -9.45 -7.12
N TYR A 412 -29.39 -10.44 -7.18
CA TYR A 412 -28.14 -10.29 -7.91
C TYR A 412 -28.42 -10.14 -9.41
N LYS A 413 -29.40 -10.88 -9.90
CA LYS A 413 -29.78 -10.85 -11.30
C LYS A 413 -30.40 -9.52 -11.71
N ARG A 414 -31.16 -8.89 -10.81
CA ARG A 414 -31.78 -7.58 -11.09
C ARG A 414 -30.70 -6.50 -11.17
N ASP A 415 -29.88 -6.41 -10.14
CA ASP A 415 -28.82 -5.42 -10.12
C ASP A 415 -27.86 -5.58 -11.32
N ILE A 416 -27.61 -6.83 -11.71
CA ILE A 416 -26.70 -7.07 -12.82
C ILE A 416 -27.30 -6.64 -14.16
N GLN A 417 -28.52 -7.09 -14.43
CA GLN A 417 -29.17 -6.73 -15.67
C GLN A 417 -29.17 -5.22 -15.78
N ASN A 418 -29.45 -4.56 -14.66
CA ASN A 418 -29.49 -3.11 -14.66
C ASN A 418 -28.15 -2.45 -14.94
N ILE A 419 -27.09 -3.00 -14.36
CA ILE A 419 -25.76 -2.43 -14.58
C ILE A 419 -25.37 -2.57 -16.06
N ASP A 420 -25.75 -3.70 -16.67
CA ASP A 420 -25.47 -3.96 -18.08
C ASP A 420 -26.10 -2.90 -18.97
N ALA A 421 -27.27 -2.41 -18.56
CA ALA A 421 -27.98 -1.39 -19.33
C ALA A 421 -27.43 0.03 -19.08
N LEU A 422 -26.90 0.27 -17.87
CA LEU A 422 -26.32 1.56 -17.54
C LEU A 422 -25.02 1.82 -18.29
N LEU A 423 -24.23 0.78 -18.49
CA LEU A 423 -22.98 0.97 -19.19
C LEU A 423 -23.18 0.61 -20.67
N HIS A 424 -23.88 1.50 -21.37
CA HIS A 424 -24.15 1.30 -22.79
C HIS A 424 -23.24 2.07 -23.76
N GLN A 425 -22.70 3.21 -23.35
CA GLN A 425 -21.86 4.01 -24.25
C GLN A 425 -20.40 3.62 -24.33
N SER A 426 -19.93 3.39 -25.55
CA SER A 426 -18.54 3.01 -25.79
C SER A 426 -17.57 4.19 -25.70
N ILE A 427 -16.32 3.86 -25.43
CA ILE A 427 -15.21 4.78 -25.27
C ILE A 427 -14.83 5.52 -26.55
N GLY A 428 -15.13 4.91 -27.71
CA GLY A 428 -14.82 5.53 -28.99
C GLY A 428 -15.29 6.99 -29.07
N SER A 429 -14.38 7.91 -29.40
CA SER A 429 -14.72 9.33 -29.46
C SER A 429 -13.92 10.09 -30.53
N THR A 430 -14.32 11.33 -30.85
CA THR A 430 -13.55 12.09 -31.83
C THR A 430 -12.42 12.85 -31.11
N LEU A 431 -12.47 12.85 -29.78
CA LEU A 431 -11.49 13.54 -28.94
C LEU A 431 -10.17 12.80 -28.74
N TYR A 432 -10.06 11.58 -29.25
CA TYR A 432 -8.83 10.82 -29.07
C TYR A 432 -8.87 9.49 -29.80
N ASN A 433 -7.71 8.87 -29.97
CA ASN A 433 -7.60 7.55 -30.62
C ASN A 433 -7.24 6.49 -29.57
N LYS A 434 -6.16 5.74 -29.75
CA LYS A 434 -5.78 4.73 -28.76
C LYS A 434 -5.87 5.31 -27.36
N ILE A 435 -6.37 4.51 -26.43
CA ILE A 435 -6.52 4.90 -25.03
C ILE A 435 -6.15 3.76 -24.09
N TYR A 436 -5.24 4.03 -23.17
CA TYR A 436 -4.82 3.01 -22.22
C TYR A 436 -5.43 3.26 -20.83
N LEU A 437 -5.92 2.19 -20.22
CA LEU A 437 -6.51 2.32 -18.90
C LEU A 437 -5.75 1.39 -17.97
N TYR A 438 -5.73 1.70 -16.69
CA TYR A 438 -4.93 0.89 -15.77
C TYR A 438 -5.64 0.21 -14.62
N GLU A 439 -5.14 -0.97 -14.27
CA GLU A 439 -5.66 -1.76 -13.17
C GLU A 439 -4.59 -2.45 -12.29
N ASN A 440 -4.61 -2.16 -10.99
CA ASN A 440 -3.68 -2.80 -10.05
C ASN A 440 -4.37 -4.06 -9.48
N MET A 441 -3.68 -5.20 -9.49
CA MET A 441 -4.27 -6.45 -9.04
C MET A 441 -3.42 -7.34 -8.13
N ASN A 442 -4.10 -8.06 -7.23
CA ASN A 442 -3.42 -8.99 -6.32
C ASN A 442 -3.27 -10.29 -7.11
N ILE A 443 -2.10 -10.92 -7.04
CA ILE A 443 -1.89 -12.13 -7.81
C ILE A 443 -2.67 -13.33 -7.28
N ASN A 444 -3.03 -13.29 -5.99
CA ASN A 444 -3.78 -14.39 -5.40
C ASN A 444 -5.12 -14.50 -6.13
N ASN A 445 -5.60 -13.37 -6.63
CA ASN A 445 -6.85 -13.35 -7.36
C ASN A 445 -6.72 -14.13 -8.66
N LEU A 446 -5.49 -14.35 -9.13
CA LEU A 446 -5.27 -15.09 -10.37
C LEU A 446 -4.81 -16.51 -10.10
N THR A 447 -3.72 -16.64 -9.38
CA THR A 447 -3.18 -17.95 -9.04
C THR A 447 -2.56 -17.89 -7.66
N ALA A 448 -3.34 -18.34 -6.67
CA ALA A 448 -2.92 -18.37 -5.27
C ALA A 448 -1.71 -19.26 -5.09
N THR A 449 -1.75 -20.40 -5.75
CA THR A 449 -0.66 -21.33 -5.66
C THR A 449 0.67 -20.67 -6.04
N LEU A 450 0.63 -19.69 -6.94
CA LEU A 450 1.86 -18.98 -7.31
C LEU A 450 2.05 -17.71 -6.47
N GLY A 451 0.95 -17.10 -6.06
CA GLY A 451 1.04 -15.90 -5.27
C GLY A 451 1.67 -16.12 -3.91
N ALA A 452 1.88 -17.37 -3.56
CA ALA A 452 2.49 -17.67 -2.26
C ALA A 452 3.97 -17.35 -2.25
N ASP A 453 4.61 -17.40 -3.42
CA ASP A 453 6.04 -17.14 -3.49
C ASP A 453 6.43 -16.09 -4.52
N LEU A 454 5.48 -15.25 -4.92
CA LEU A 454 5.80 -14.24 -5.91
C LEU A 454 6.80 -13.26 -5.34
N VAL A 455 6.53 -12.77 -4.14
CA VAL A 455 7.43 -11.84 -3.51
C VAL A 455 8.61 -12.55 -2.89
N ASP A 456 9.79 -11.93 -3.07
CA ASP A 456 11.04 -12.44 -2.53
C ASP A 456 10.94 -12.41 -1.01
N SER A 457 11.10 -13.58 -0.40
CA SER A 457 11.00 -13.72 1.05
C SER A 457 12.01 -12.88 1.82
N THR A 458 13.22 -12.78 1.27
CA THR A 458 14.28 -12.00 1.90
C THR A 458 13.89 -10.53 1.83
N ASP A 459 13.96 -9.97 0.63
CA ASP A 459 13.61 -8.58 0.38
C ASP A 459 12.21 -8.53 -0.26
N ASN A 460 11.24 -8.01 0.48
CA ASN A 460 9.87 -7.93 0.00
C ASN A 460 9.64 -6.97 -1.17
N THR A 461 10.68 -6.26 -1.59
CA THR A 461 10.53 -5.31 -2.70
C THR A 461 10.93 -5.90 -4.04
N LYS A 462 11.52 -7.08 -4.02
CA LYS A 462 11.93 -7.72 -5.27
C LYS A 462 10.98 -8.86 -5.64
N ILE A 463 10.96 -9.23 -6.91
CA ILE A 463 10.10 -10.30 -7.38
C ILE A 463 10.95 -11.55 -7.61
N ASN A 464 10.47 -12.69 -7.13
CA ASN A 464 11.17 -13.94 -7.34
C ASN A 464 11.14 -14.24 -8.83
N ARG A 465 12.30 -14.16 -9.48
CA ARG A 465 12.39 -14.38 -10.93
C ARG A 465 11.85 -15.72 -11.38
N GLY A 466 12.09 -16.75 -10.57
CA GLY A 466 11.63 -18.09 -10.89
C GLY A 466 10.12 -18.19 -11.01
N ILE A 467 9.41 -17.63 -10.04
CA ILE A 467 7.95 -17.66 -10.08
C ILE A 467 7.51 -16.77 -11.24
N PHE A 468 8.19 -15.65 -11.44
CA PHE A 468 7.85 -14.76 -12.54
C PHE A 468 7.69 -15.55 -13.84
N ASN A 469 8.75 -16.26 -14.22
CA ASN A 469 8.76 -17.04 -15.45
C ASN A 469 7.65 -18.08 -15.51
N GLU A 470 7.33 -18.68 -14.38
CA GLU A 470 6.27 -19.68 -14.36
C GLU A 470 4.92 -19.03 -14.59
N PHE A 471 4.71 -17.89 -13.93
CA PHE A 471 3.47 -17.15 -14.04
C PHE A 471 3.24 -16.67 -15.47
N LYS A 472 4.34 -16.25 -16.09
CA LYS A 472 4.33 -15.72 -17.45
C LYS A 472 4.14 -16.81 -18.49
N LYS A 473 4.70 -17.98 -18.20
CA LYS A 473 4.67 -19.13 -19.09
C LYS A 473 3.58 -19.18 -20.18
N ASN A 474 2.38 -19.65 -19.84
CA ASN A 474 1.33 -19.72 -20.85
C ASN A 474 0.22 -18.70 -20.64
N PHE A 475 0.60 -17.46 -20.36
CA PHE A 475 -0.40 -16.44 -20.16
C PHE A 475 -0.58 -15.66 -21.47
N LYS A 476 -1.48 -16.15 -22.31
CA LYS A 476 -1.74 -15.54 -23.61
C LYS A 476 -3.06 -14.77 -23.68
N TYR A 477 -4.06 -15.20 -22.94
CA TYR A 477 -5.33 -14.50 -22.96
C TYR A 477 -6.03 -14.55 -21.63
N SER A 478 -6.88 -13.55 -21.40
CA SER A 478 -7.61 -13.37 -20.15
C SER A 478 -9.05 -13.01 -20.47
N ILE A 479 -9.95 -13.26 -19.52
CA ILE A 479 -11.38 -12.96 -19.68
C ILE A 479 -11.92 -12.20 -18.48
N SER A 480 -12.81 -11.24 -18.71
CA SER A 480 -13.41 -10.53 -17.59
C SER A 480 -14.90 -10.85 -17.57
N SER A 481 -15.36 -11.52 -16.52
CA SER A 481 -16.78 -11.87 -16.44
C SER A 481 -17.50 -10.96 -15.49
N ASN A 482 -16.75 -10.13 -14.79
CA ASN A 482 -17.37 -9.18 -13.88
C ASN A 482 -17.06 -7.77 -14.41
N TYR A 483 -17.37 -6.74 -13.63
CA TYR A 483 -17.13 -5.39 -14.07
C TYR A 483 -15.77 -4.87 -13.63
N MET A 484 -14.81 -4.82 -14.55
CA MET A 484 -13.46 -4.32 -14.26
C MET A 484 -13.51 -2.85 -13.90
N ILE A 485 -12.70 -2.46 -12.91
CA ILE A 485 -12.66 -1.06 -12.50
C ILE A 485 -11.26 -0.54 -12.76
N VAL A 486 -11.13 0.39 -13.69
CA VAL A 486 -9.81 0.86 -14.03
C VAL A 486 -9.58 2.35 -13.89
N ASP A 487 -8.29 2.71 -13.83
CA ASP A 487 -7.86 4.09 -13.69
C ASP A 487 -7.50 4.70 -15.05
N ILE A 488 -7.96 5.93 -15.28
CA ILE A 488 -7.64 6.64 -16.51
C ILE A 488 -6.12 6.85 -16.59
N ASN A 489 -5.50 7.29 -15.51
CA ASN A 489 -4.05 7.46 -15.46
C ASN A 489 -3.54 6.50 -14.37
N GLU A 490 -2.38 5.88 -14.58
CA GLU A 490 -1.90 4.93 -13.59
C GLU A 490 -1.67 5.51 -12.21
N ARG A 491 -1.97 4.71 -11.18
CA ARG A 491 -1.85 5.09 -9.76
C ARG A 491 -1.14 4.03 -8.90
N PRO A 492 -0.60 4.44 -7.74
CA PRO A 492 0.08 3.47 -6.89
C PRO A 492 -0.82 2.39 -6.31
N ALA A 493 -0.27 1.18 -6.27
CA ALA A 493 -0.94 0.00 -5.77
C ALA A 493 -0.86 -0.23 -4.25
N LEU A 494 -1.74 -1.09 -3.77
CA LEU A 494 -1.79 -1.47 -2.35
C LEU A 494 -0.58 -2.39 -2.11
N ASP A 495 -0.26 -2.68 -0.86
CA ASP A 495 0.89 -3.55 -0.58
C ASP A 495 0.80 -4.94 -1.20
N ASN A 496 -0.39 -5.51 -1.27
CA ASN A 496 -0.52 -6.85 -1.84
C ASN A 496 -0.87 -6.91 -3.34
N GLU A 497 -0.78 -5.76 -4.01
CA GLU A 497 -1.06 -5.70 -5.45
C GLU A 497 0.24 -5.51 -6.22
N ARG A 498 0.87 -6.60 -6.60
CA ARG A 498 2.12 -6.51 -7.34
C ARG A 498 1.91 -6.67 -8.85
N LEU A 499 0.65 -6.65 -9.29
CA LEU A 499 0.33 -6.78 -10.69
C LEU A 499 -0.16 -5.43 -11.18
N LYS A 500 0.39 -4.92 -12.28
CA LYS A 500 -0.02 -3.62 -12.81
C LYS A 500 -0.38 -3.74 -14.29
N TRP A 501 -1.68 -3.80 -14.56
CA TRP A 501 -2.17 -3.93 -15.92
C TRP A 501 -2.23 -2.65 -16.75
N ARG A 502 -1.78 -2.74 -17.99
CA ARG A 502 -1.87 -1.60 -18.90
C ARG A 502 -2.73 -2.15 -20.03
N ILE A 503 -3.98 -1.72 -20.08
CA ILE A 503 -4.92 -2.19 -21.08
C ILE A 503 -5.28 -1.22 -22.18
N GLN A 504 -5.16 -1.69 -23.41
CA GLN A 504 -5.54 -0.87 -24.55
C GLN A 504 -7.01 -1.20 -24.90
N LEU A 505 -7.91 -0.28 -24.61
CA LEU A 505 -9.32 -0.51 -24.90
C LEU A 505 -9.61 -0.42 -26.39
N SER A 506 -10.72 -1.04 -26.77
CA SER A 506 -11.20 -1.02 -28.13
C SER A 506 -12.17 0.16 -28.18
N PRO A 507 -12.30 0.83 -29.33
CA PRO A 507 -13.26 1.95 -29.32
C PRO A 507 -14.67 1.43 -29.06
N ASP A 508 -14.87 0.15 -29.35
CA ASP A 508 -16.14 -0.56 -29.14
C ASP A 508 -16.47 -0.87 -27.67
N THR A 509 -15.46 -0.94 -26.81
CA THR A 509 -15.68 -1.25 -25.41
C THR A 509 -16.57 -0.26 -24.68
N ARG A 510 -17.62 -0.78 -24.05
CA ARG A 510 -18.57 0.02 -23.30
C ARG A 510 -18.10 0.27 -21.87
N ALA A 511 -18.39 1.45 -21.34
CA ALA A 511 -17.96 1.78 -20.00
C ALA A 511 -18.77 2.87 -19.34
N GLY A 512 -18.52 3.03 -18.05
CA GLY A 512 -19.17 4.06 -17.25
C GLY A 512 -18.08 4.95 -16.64
N TYR A 513 -18.34 6.25 -16.57
CA TYR A 513 -17.37 7.20 -16.02
C TYR A 513 -17.62 7.44 -14.53
N LEU A 514 -16.55 7.44 -13.74
CA LEU A 514 -16.65 7.71 -12.30
C LEU A 514 -15.95 9.03 -12.00
N GLU A 515 -16.56 9.85 -11.16
CA GLU A 515 -15.98 11.15 -10.81
C GLU A 515 -14.51 11.11 -10.40
N ASN A 516 -14.11 10.07 -9.68
CA ASN A 516 -12.73 9.96 -9.22
C ASN A 516 -11.69 9.52 -10.24
N GLY A 517 -11.93 9.81 -11.52
CA GLY A 517 -10.94 9.43 -12.51
C GLY A 517 -10.85 7.95 -12.84
N LYS A 518 -11.97 7.23 -12.73
CA LYS A 518 -11.96 5.81 -13.05
C LYS A 518 -13.07 5.46 -14.04
N LEU A 519 -12.98 4.29 -14.65
CA LEU A 519 -14.02 3.81 -15.56
C LEU A 519 -14.49 2.43 -15.12
N ILE A 520 -15.78 2.15 -15.31
CA ILE A 520 -16.31 0.84 -15.00
C ILE A 520 -16.58 0.23 -16.37
N LEU A 521 -15.89 -0.87 -16.66
CA LEU A 521 -16.04 -1.54 -17.93
C LEU A 521 -17.15 -2.59 -17.90
N GLN A 522 -17.79 -2.76 -19.05
CA GLN A 522 -18.84 -3.75 -19.23
C GLN A 522 -18.26 -5.15 -18.92
N ARG A 523 -19.11 -6.09 -18.53
CA ARG A 523 -18.67 -7.44 -18.22
C ARG A 523 -18.46 -8.20 -19.53
N ASN A 524 -17.81 -9.36 -19.45
CA ASN A 524 -17.56 -10.20 -20.62
C ASN A 524 -16.66 -9.58 -21.69
N ILE A 525 -15.52 -9.07 -21.24
CA ILE A 525 -14.51 -8.44 -22.08
C ILE A 525 -13.53 -9.57 -22.44
N GLY A 526 -12.78 -9.38 -23.52
CA GLY A 526 -11.78 -10.34 -23.92
C GLY A 526 -10.41 -9.66 -23.88
N LEU A 527 -9.38 -10.35 -23.45
CA LEU A 527 -8.06 -9.75 -23.39
C LEU A 527 -6.92 -10.62 -23.91
N GLU A 528 -6.14 -10.05 -24.83
CA GLU A 528 -4.97 -10.76 -25.34
C GLU A 528 -3.78 -10.17 -24.59
N ILE A 529 -2.89 -11.03 -24.14
CA ILE A 529 -1.73 -10.55 -23.43
C ILE A 529 -0.65 -10.24 -24.45
N LYS A 530 -0.29 -8.97 -24.58
CA LYS A 530 0.75 -8.55 -25.52
C LYS A 530 2.18 -8.60 -24.96
N ASP A 531 2.33 -8.43 -23.65
CA ASP A 531 3.66 -8.43 -23.04
C ASP A 531 3.61 -8.57 -21.52
N VAL A 532 4.61 -9.23 -20.95
CA VAL A 532 4.71 -9.42 -19.50
C VAL A 532 6.16 -9.23 -19.06
N GLN A 533 6.40 -8.22 -18.21
CA GLN A 533 7.74 -7.94 -17.75
C GLN A 533 7.85 -7.32 -16.35
N ILE A 534 9.00 -7.53 -15.71
CA ILE A 534 9.27 -6.99 -14.39
C ILE A 534 9.66 -5.52 -14.53
N ILE A 535 9.06 -4.64 -13.74
CA ILE A 535 9.38 -3.22 -13.81
C ILE A 535 9.52 -2.65 -12.40
N LYS A 536 10.33 -1.61 -12.26
CA LYS A 536 10.55 -0.96 -10.95
C LYS A 536 9.74 0.32 -10.87
N GLN A 537 9.25 0.62 -9.70
CA GLN A 537 8.44 1.81 -9.49
C GLN A 537 8.43 2.01 -7.98
N SER A 538 8.59 3.26 -7.54
CA SER A 538 8.59 3.57 -6.12
C SER A 538 9.36 2.54 -5.28
N GLU A 539 10.63 2.34 -5.60
CA GLU A 539 11.49 1.41 -4.87
C GLU A 539 11.06 -0.05 -4.83
N LYS A 540 9.91 -0.38 -5.41
CA LYS A 540 9.47 -1.77 -5.41
C LYS A 540 9.38 -2.27 -6.84
N GLU A 541 9.34 -3.59 -7.00
CA GLU A 541 9.21 -4.23 -8.30
C GLU A 541 7.78 -4.72 -8.51
N TYR A 542 7.30 -4.63 -9.74
CA TYR A 542 5.96 -5.10 -10.07
C TYR A 542 6.01 -5.85 -11.37
N ILE A 543 4.89 -6.46 -11.73
CA ILE A 543 4.78 -7.17 -12.99
C ILE A 543 3.84 -6.36 -13.90
N ARG A 544 4.42 -5.76 -14.94
CA ARG A 544 3.65 -4.99 -15.89
C ARG A 544 3.03 -5.95 -16.89
N ILE A 545 1.72 -5.83 -17.08
CA ILE A 545 1.02 -6.68 -18.02
C ILE A 545 0.38 -5.81 -19.09
N ASP A 546 0.90 -5.90 -20.33
CA ASP A 546 0.36 -5.13 -21.43
C ASP A 546 -0.69 -5.96 -22.13
N ALA A 547 -1.93 -5.50 -22.09
CA ALA A 547 -3.03 -6.24 -22.70
C ALA A 547 -3.88 -5.44 -23.65
N LYS A 548 -4.51 -6.13 -24.58
CA LYS A 548 -5.37 -5.48 -25.57
C LYS A 548 -6.79 -6.09 -25.56
N VAL A 549 -7.78 -5.23 -25.40
CA VAL A 549 -9.18 -5.64 -25.38
C VAL A 549 -9.64 -6.09 -26.75
N VAL A 550 -10.28 -7.26 -26.80
CA VAL A 550 -10.80 -7.82 -28.04
C VAL A 550 -12.16 -8.47 -27.75
N PRO A 551 -12.90 -8.86 -28.80
CA PRO A 551 -14.21 -9.50 -28.58
C PRO A 551 -14.08 -10.79 -27.77
N LYS A 552 -14.90 -10.95 -26.73
CA LYS A 552 -14.81 -12.14 -25.91
C LYS A 552 -15.00 -13.41 -26.73
N SER A 553 -15.74 -13.30 -27.83
CA SER A 553 -15.96 -14.46 -28.67
C SER A 553 -14.63 -14.96 -29.24
N LYS A 554 -13.72 -14.03 -29.55
CA LYS A 554 -12.43 -14.43 -30.11
C LYS A 554 -11.66 -15.30 -29.12
N ILE A 555 -11.70 -14.94 -27.85
CA ILE A 555 -11.02 -15.73 -26.85
C ILE A 555 -11.77 -17.06 -26.64
N ASP A 556 -13.09 -16.99 -26.47
CA ASP A 556 -13.87 -18.21 -26.27
C ASP A 556 -13.58 -19.25 -27.37
N THR A 557 -13.57 -18.79 -28.62
CA THR A 557 -13.29 -19.67 -29.75
C THR A 557 -11.97 -20.40 -29.51
N LYS A 558 -10.97 -19.69 -28.99
CA LYS A 558 -9.68 -20.31 -28.72
C LYS A 558 -9.82 -21.43 -27.70
N ILE A 559 -10.57 -21.16 -26.63
CA ILE A 559 -10.78 -22.14 -25.59
C ILE A 559 -11.48 -23.36 -26.17
N GLN A 560 -12.52 -23.14 -26.97
CA GLN A 560 -13.26 -24.26 -27.57
C GLN A 560 -12.44 -25.10 -28.54
N GLU A 561 -11.55 -24.46 -29.28
CA GLU A 561 -10.71 -25.22 -30.20
C GLU A 561 -9.74 -26.04 -29.35
N ALA A 562 -9.31 -25.46 -28.23
CA ALA A 562 -8.40 -26.12 -27.32
C ALA A 562 -9.07 -27.37 -26.74
N GLN A 563 -10.33 -27.24 -26.32
CA GLN A 563 -11.04 -28.36 -25.75
C GLN A 563 -11.10 -29.49 -26.77
N LEU A 564 -11.43 -29.13 -28.01
CA LEU A 564 -11.51 -30.09 -29.09
C LEU A 564 -10.16 -30.78 -29.24
N ASN A 565 -9.10 -29.99 -29.25
CA ASN A 565 -7.76 -30.54 -29.40
C ASN A 565 -7.41 -31.53 -28.27
N ILE A 566 -7.49 -31.08 -27.02
CA ILE A 566 -7.15 -31.93 -25.89
C ILE A 566 -7.96 -33.22 -25.82
N ASN A 567 -9.15 -33.23 -26.40
CA ASN A 567 -9.96 -34.44 -26.37
C ASN A 567 -9.55 -35.44 -27.47
N GLN A 568 -9.22 -34.95 -28.66
CA GLN A 568 -8.77 -35.82 -29.72
C GLN A 568 -7.51 -36.52 -29.24
N GLU A 569 -6.62 -35.71 -28.69
CA GLU A 569 -5.34 -36.20 -28.21
C GLU A 569 -5.48 -37.27 -27.13
N TRP A 570 -6.27 -37.02 -26.06
CA TRP A 570 -6.36 -38.02 -24.98
C TRP A 570 -7.34 -39.17 -25.30
N ASN A 571 -8.28 -38.93 -26.22
CA ASN A 571 -9.17 -39.99 -26.62
C ASN A 571 -8.35 -41.08 -27.32
N LYS A 572 -7.32 -40.65 -28.02
CA LYS A 572 -6.44 -41.55 -28.75
C LYS A 572 -5.48 -42.24 -27.79
N ALA A 573 -5.02 -41.50 -26.78
CA ALA A 573 -4.10 -42.03 -25.79
C ALA A 573 -4.75 -43.02 -24.83
N LEU A 574 -6.08 -42.96 -24.71
CA LEU A 574 -6.77 -43.87 -23.80
C LEU A 574 -7.61 -44.89 -24.53
N GLY A 575 -7.64 -44.78 -25.86
CA GLY A 575 -8.41 -45.71 -26.66
C GLY A 575 -9.91 -45.49 -26.52
N LEU A 576 -10.31 -44.23 -26.43
CA LEU A 576 -11.73 -43.90 -26.31
C LEU A 576 -12.31 -43.60 -27.68
N PRO A 577 -13.63 -43.76 -27.82
CA PRO A 577 -14.26 -43.47 -29.12
C PRO A 577 -13.81 -42.07 -29.53
N LYS A 578 -13.54 -41.86 -30.82
CA LYS A 578 -13.04 -40.59 -31.33
C LYS A 578 -13.77 -39.31 -30.88
N TYR A 579 -15.09 -39.34 -30.83
CA TYR A 579 -15.83 -38.15 -30.46
C TYR A 579 -16.37 -38.08 -29.04
N THR A 580 -15.72 -38.72 -28.08
CA THR A 580 -16.26 -38.63 -26.73
C THR A 580 -15.83 -37.34 -26.04
N LYS A 581 -16.72 -36.85 -25.18
CA LYS A 581 -16.48 -35.63 -24.43
C LYS A 581 -16.06 -35.97 -23.00
N LEU A 582 -14.75 -36.02 -22.79
CA LEU A 582 -14.22 -36.37 -21.48
C LEU A 582 -13.74 -35.12 -20.74
N ILE A 583 -12.78 -34.44 -21.35
CA ILE A 583 -12.19 -33.24 -20.80
C ILE A 583 -13.01 -32.00 -21.16
N THR A 584 -13.33 -31.17 -20.17
CA THR A 584 -14.09 -29.96 -20.43
C THR A 584 -13.52 -28.71 -19.72
N PHE A 585 -13.41 -27.62 -20.48
CA PHE A 585 -12.90 -26.33 -19.97
C PHE A 585 -14.05 -25.40 -19.65
N ASN A 586 -14.27 -25.14 -18.37
CA ASN A 586 -15.31 -24.21 -17.95
C ASN A 586 -14.50 -22.98 -17.51
N VAL A 587 -14.06 -22.17 -18.47
CA VAL A 587 -13.19 -21.01 -18.22
C VAL A 587 -13.82 -19.63 -18.43
N HIS A 588 -13.77 -18.78 -17.41
CA HIS A 588 -14.37 -17.45 -17.49
C HIS A 588 -13.62 -16.28 -16.89
N ASN A 589 -12.47 -16.53 -16.27
CA ASN A 589 -11.77 -15.44 -15.63
C ASN A 589 -10.43 -14.94 -16.15
N ARG A 590 -9.89 -13.95 -15.45
CA ARG A 590 -8.66 -13.30 -15.86
C ARG A 590 -7.38 -14.11 -16.11
N TYR A 591 -7.33 -15.36 -15.69
CA TYR A 591 -6.13 -16.17 -15.90
C TYR A 591 -6.46 -17.30 -16.88
N ALA A 592 -7.52 -17.05 -17.64
CA ALA A 592 -8.06 -17.99 -18.62
C ALA A 592 -7.11 -18.93 -19.34
N SER A 593 -6.18 -18.40 -20.11
CA SER A 593 -5.27 -19.24 -20.86
C SER A 593 -4.48 -20.25 -20.02
N ASN A 594 -4.14 -19.88 -18.78
CA ASN A 594 -3.38 -20.80 -17.93
C ASN A 594 -4.15 -22.04 -17.52
N ILE A 595 -5.46 -21.90 -17.31
CA ILE A 595 -6.31 -23.04 -16.93
C ILE A 595 -6.25 -24.07 -18.04
N VAL A 596 -6.37 -23.60 -19.28
CA VAL A 596 -6.34 -24.48 -20.44
C VAL A 596 -5.00 -25.20 -20.59
N GLU A 597 -3.92 -24.44 -20.69
CA GLU A 597 -2.60 -25.02 -20.86
C GLU A 597 -2.14 -25.91 -19.69
N SER A 598 -2.52 -25.57 -18.47
CA SER A 598 -2.11 -26.38 -17.33
C SER A 598 -2.83 -27.72 -17.33
N ALA A 599 -3.97 -27.78 -18.01
CA ALA A 599 -4.72 -29.03 -18.08
C ALA A 599 -3.88 -30.08 -18.79
N TYR A 600 -3.22 -29.69 -19.87
CA TYR A 600 -2.38 -30.64 -20.59
C TYR A 600 -1.32 -31.20 -19.64
N LEU A 601 -0.61 -30.31 -18.96
CA LEU A 601 0.46 -30.68 -18.03
C LEU A 601 0.00 -31.57 -16.87
N ILE A 602 -1.22 -31.31 -16.37
CA ILE A 602 -1.77 -32.09 -15.28
C ILE A 602 -2.03 -33.52 -15.72
N LEU A 603 -2.71 -33.65 -16.86
CA LEU A 603 -3.04 -34.98 -17.39
C LEU A 603 -1.81 -35.81 -17.70
N ASN A 604 -0.69 -35.14 -17.98
CA ASN A 604 0.57 -35.83 -18.26
C ASN A 604 1.18 -36.42 -16.99
N GLU A 605 1.28 -35.62 -15.93
CA GLU A 605 1.86 -36.16 -14.68
C GLU A 605 0.99 -37.34 -14.21
N TRP A 606 -0.28 -37.28 -14.61
CA TRP A 606 -1.28 -38.28 -14.24
C TRP A 606 -1.05 -39.59 -14.97
N LYS A 607 -0.70 -39.54 -16.23
CA LYS A 607 -0.50 -40.82 -16.87
C LYS A 607 0.86 -41.39 -16.56
N ASN A 608 1.85 -40.50 -16.40
CA ASN A 608 3.23 -40.92 -16.13
C ASN A 608 3.46 -41.23 -14.66
N ASN A 609 2.38 -41.42 -13.91
CA ASN A 609 2.49 -41.70 -12.48
C ASN A 609 1.51 -42.76 -12.02
N ILE A 610 0.71 -43.27 -12.94
CA ILE A 610 -0.26 -44.30 -12.61
C ILE A 610 -0.27 -45.39 -13.66
N GLN A 611 -0.59 -46.61 -13.24
CA GLN A 611 -0.61 -47.74 -14.16
C GLN A 611 -1.55 -47.42 -15.32
N SER A 612 -0.98 -47.39 -16.53
CA SER A 612 -1.73 -47.09 -17.73
C SER A 612 -3.01 -47.90 -17.82
N ASP A 613 -3.03 -49.10 -17.26
CA ASP A 613 -4.23 -49.92 -17.30
C ASP A 613 -5.20 -49.61 -16.16
N LEU A 614 -4.69 -49.00 -15.09
CA LEU A 614 -5.56 -48.63 -13.98
C LEU A 614 -6.37 -47.42 -14.42
N ILE A 615 -5.75 -46.56 -15.22
CA ILE A 615 -6.40 -45.36 -15.73
C ILE A 615 -7.55 -45.72 -16.67
N LYS A 616 -7.24 -46.51 -17.69
CA LYS A 616 -8.23 -46.91 -18.68
C LYS A 616 -9.51 -47.54 -18.13
N LYS A 617 -9.37 -48.50 -17.23
CA LYS A 617 -10.54 -49.15 -16.67
C LYS A 617 -11.38 -48.13 -15.91
N VAL A 618 -10.72 -47.32 -15.10
CA VAL A 618 -11.40 -46.32 -14.32
C VAL A 618 -12.05 -45.20 -15.15
N THR A 619 -11.33 -44.66 -16.12
CA THR A 619 -11.92 -43.59 -16.91
C THR A 619 -13.01 -44.14 -17.81
N ASN A 620 -12.85 -45.37 -18.30
CA ASN A 620 -13.86 -46.02 -19.14
C ASN A 620 -15.16 -46.09 -18.32
N TYR A 621 -14.99 -46.47 -17.05
CA TYR A 621 -16.10 -46.57 -16.11
C TYR A 621 -16.77 -45.21 -15.96
N LEU A 622 -15.93 -44.18 -15.84
CA LEU A 622 -16.42 -42.82 -15.69
C LEU A 622 -17.20 -42.43 -16.94
N VAL A 623 -16.57 -42.54 -18.10
CA VAL A 623 -17.22 -42.20 -19.35
C VAL A 623 -18.56 -42.91 -19.49
N ASP A 624 -18.64 -44.16 -19.03
CA ASP A 624 -19.88 -44.92 -19.10
C ASP A 624 -20.98 -44.15 -18.36
N GLY A 625 -20.62 -43.55 -17.24
CA GLY A 625 -21.58 -42.77 -16.46
C GLY A 625 -21.62 -41.31 -16.88
N ASN A 626 -21.07 -41.03 -18.07
CA ASN A 626 -21.02 -39.67 -18.62
C ASN A 626 -20.20 -38.71 -17.76
N GLY A 627 -19.19 -39.25 -17.10
CA GLY A 627 -18.34 -38.45 -16.24
C GLY A 627 -17.52 -37.44 -17.02
N ARG A 628 -16.95 -36.49 -16.29
CA ARG A 628 -16.13 -35.46 -16.90
C ARG A 628 -14.96 -35.05 -16.04
N PHE A 629 -13.94 -34.54 -16.71
CA PHE A 629 -12.74 -34.00 -16.08
C PHE A 629 -12.92 -32.51 -16.34
N VAL A 630 -13.44 -31.79 -15.35
CA VAL A 630 -13.66 -30.36 -15.51
C VAL A 630 -12.55 -29.49 -14.94
N PHE A 631 -11.88 -28.73 -15.81
CA PHE A 631 -10.84 -27.79 -15.40
C PHE A 631 -11.51 -26.42 -15.48
N THR A 632 -11.71 -25.80 -14.32
CA THR A 632 -12.42 -24.53 -14.30
C THR A 632 -11.78 -23.46 -13.44
N ASP A 633 -12.26 -22.23 -13.63
CA ASP A 633 -11.79 -21.12 -12.83
C ASP A 633 -12.97 -20.43 -12.14
N ILE A 634 -14.12 -21.10 -12.08
CA ILE A 634 -15.27 -20.56 -11.34
C ILE A 634 -15.35 -21.49 -10.15
N THR A 635 -15.95 -21.07 -9.04
CA THR A 635 -16.00 -21.95 -7.86
C THR A 635 -16.84 -23.21 -8.08
N LEU A 636 -16.34 -24.31 -7.54
CA LEU A 636 -16.97 -25.61 -7.68
C LEU A 636 -18.48 -25.70 -7.45
N PRO A 637 -19.01 -24.95 -6.48
CA PRO A 637 -20.46 -24.97 -6.21
C PRO A 637 -21.25 -24.56 -7.44
N ASN A 638 -20.57 -23.97 -8.41
CA ASN A 638 -21.21 -23.51 -9.64
C ASN A 638 -21.05 -24.40 -10.86
N ILE A 639 -20.45 -25.58 -10.68
CA ILE A 639 -20.32 -26.51 -11.79
C ILE A 639 -21.53 -27.46 -11.70
N ALA A 640 -22.28 -27.56 -12.79
CA ALA A 640 -23.45 -28.42 -12.81
C ALA A 640 -23.11 -29.86 -12.41
N GLU A 641 -21.96 -30.36 -12.85
CA GLU A 641 -21.57 -31.72 -12.48
C GLU A 641 -21.69 -31.98 -10.98
N GLN A 642 -21.85 -30.91 -10.21
CA GLN A 642 -22.00 -31.06 -8.78
C GLN A 642 -23.35 -30.56 -8.26
N TYR A 643 -23.71 -29.33 -8.60
CA TYR A 643 -24.96 -28.80 -8.08
C TYR A 643 -26.23 -29.53 -8.51
N THR A 644 -26.21 -30.20 -9.65
CA THR A 644 -27.41 -30.90 -10.12
C THR A 644 -27.62 -32.22 -9.38
N HIS A 645 -26.71 -32.54 -8.47
CA HIS A 645 -26.81 -33.77 -7.68
C HIS A 645 -26.78 -33.45 -6.19
N GLN A 646 -27.25 -32.27 -5.82
CA GLN A 646 -27.26 -31.90 -4.41
C GLN A 646 -28.66 -31.96 -3.83
N ASP A 647 -28.78 -32.54 -2.65
CA ASP A 647 -30.07 -32.65 -1.98
C ASP A 647 -30.44 -31.22 -1.58
N GLU A 648 -29.52 -30.57 -0.85
CA GLU A 648 -29.71 -29.21 -0.39
C GLU A 648 -28.59 -28.32 -0.93
N ILE A 649 -28.86 -27.01 -0.97
CA ILE A 649 -27.86 -26.06 -1.47
C ILE A 649 -26.70 -25.93 -0.50
N TYR A 650 -26.99 -25.77 0.79
CA TYR A 650 -25.94 -25.62 1.79
C TYR A 650 -25.02 -26.83 1.85
N GLU A 651 -25.39 -27.90 1.16
CA GLU A 651 -24.58 -29.12 1.12
C GLU A 651 -23.46 -29.00 0.10
N GLN A 652 -23.47 -27.91 -0.67
CA GLN A 652 -22.45 -27.67 -1.67
C GLN A 652 -21.06 -27.70 -1.05
N VAL A 653 -20.05 -27.88 -1.89
CA VAL A 653 -18.67 -27.89 -1.43
C VAL A 653 -17.81 -27.13 -2.45
N HIS A 654 -16.88 -26.34 -1.95
CA HIS A 654 -15.96 -25.64 -2.84
C HIS A 654 -14.55 -25.90 -2.36
N SER A 655 -13.66 -26.24 -3.27
CA SER A 655 -12.30 -26.53 -2.88
C SER A 655 -11.38 -26.70 -4.07
N LYS A 656 -10.16 -27.17 -3.83
CA LYS A 656 -9.17 -27.33 -4.88
C LYS A 656 -9.61 -28.36 -5.91
N GLY A 657 -10.06 -29.50 -5.39
CA GLY A 657 -10.51 -30.59 -6.24
C GLY A 657 -11.68 -31.26 -5.55
N LEU A 658 -12.47 -32.00 -6.32
CA LEU A 658 -13.63 -32.64 -5.76
C LEU A 658 -14.10 -33.77 -6.66
N TYR A 659 -14.46 -34.90 -6.07
CA TYR A 659 -15.01 -36.03 -6.82
C TYR A 659 -16.51 -36.15 -6.50
N VAL A 660 -17.27 -36.29 -7.55
CA VAL A 660 -18.70 -36.45 -7.43
C VAL A 660 -19.13 -37.81 -7.95
N PRO A 661 -19.45 -38.73 -7.04
CA PRO A 661 -19.89 -40.09 -7.39
C PRO A 661 -21.10 -40.11 -8.32
N GLU A 662 -22.08 -39.28 -8.03
CA GLU A 662 -23.29 -39.23 -8.85
C GLU A 662 -23.08 -38.84 -10.31
N SER A 663 -22.17 -37.90 -10.58
CA SER A 663 -21.93 -37.47 -11.95
C SER A 663 -20.68 -38.15 -12.50
N ARG A 664 -19.94 -38.78 -11.59
CA ARG A 664 -18.70 -39.48 -11.92
C ARG A 664 -17.74 -38.53 -12.57
N SER A 665 -17.52 -37.39 -11.92
CA SER A 665 -16.63 -36.40 -12.48
C SER A 665 -15.62 -35.87 -11.49
N ILE A 666 -14.47 -35.45 -12.00
CA ILE A 666 -13.44 -34.87 -11.17
C ILE A 666 -13.49 -33.37 -11.49
N LEU A 667 -13.62 -32.55 -10.45
CA LEU A 667 -13.65 -31.11 -10.64
C LEU A 667 -12.38 -30.51 -10.10
N LEU A 668 -11.67 -29.74 -10.92
CA LEU A 668 -10.44 -29.12 -10.48
C LEU A 668 -10.51 -27.59 -10.64
N HIS A 669 -10.46 -26.88 -9.52
CA HIS A 669 -10.50 -25.42 -9.51
C HIS A 669 -9.07 -24.90 -9.51
N GLY A 670 -8.66 -24.28 -10.62
CA GLY A 670 -7.30 -23.77 -10.72
C GLY A 670 -6.81 -22.65 -9.82
N PRO A 671 -7.44 -21.45 -9.85
CA PRO A 671 -7.09 -20.27 -9.06
C PRO A 671 -6.67 -20.51 -7.61
N SER A 672 -7.25 -21.53 -7.00
CA SER A 672 -6.99 -21.82 -5.61
C SER A 672 -5.65 -22.46 -5.26
N LYS A 673 -5.38 -22.56 -3.97
CA LYS A 673 -4.19 -23.22 -3.45
C LYS A 673 -4.69 -24.21 -2.39
N GLY A 674 -4.65 -25.49 -2.72
CA GLY A 674 -5.11 -26.50 -1.79
C GLY A 674 -4.21 -26.64 -0.57
N VAL A 675 -4.79 -27.06 0.55
CA VAL A 675 -4.03 -27.27 1.78
C VAL A 675 -2.77 -28.06 1.45
N GLU A 676 -1.63 -27.37 1.55
CA GLU A 676 -0.33 -27.92 1.23
C GLU A 676 -0.31 -29.17 0.36
N LEU A 677 -0.49 -28.91 -0.92
CA LEU A 677 -0.46 -29.91 -1.97
C LEU A 677 0.39 -29.15 -2.98
N ARG A 678 1.60 -29.63 -3.20
CA ARG A 678 2.52 -29.00 -4.13
C ARG A 678 1.82 -28.25 -5.27
N ASN A 679 1.30 -28.98 -6.27
CA ASN A 679 0.63 -28.38 -7.42
C ASN A 679 -0.79 -28.91 -7.73
N ASP A 680 -1.33 -28.50 -8.86
CA ASP A 680 -2.66 -28.94 -9.28
C ASP A 680 -2.67 -30.43 -9.58
N SER A 681 -1.54 -30.93 -10.08
CA SER A 681 -1.42 -32.35 -10.39
C SER A 681 -1.76 -33.16 -9.14
N GLU A 682 -0.97 -32.97 -8.09
CA GLU A 682 -1.20 -33.69 -6.84
C GLU A 682 -2.70 -33.70 -6.57
N GLY A 683 -3.30 -32.52 -6.71
CA GLY A 683 -4.73 -32.38 -6.47
C GLY A 683 -5.61 -33.22 -7.36
N PHE A 684 -5.34 -33.21 -8.66
CA PHE A 684 -6.13 -33.98 -9.59
C PHE A 684 -6.04 -35.47 -9.25
N ILE A 685 -4.82 -35.92 -8.97
CA ILE A 685 -4.57 -37.31 -8.65
C ILE A 685 -5.29 -37.74 -7.38
N HIS A 686 -5.31 -36.85 -6.40
CA HIS A 686 -5.98 -37.13 -5.15
C HIS A 686 -7.44 -37.47 -5.45
N CYS A 687 -8.04 -36.72 -6.37
CA CYS A 687 -9.44 -36.96 -6.71
C CYS A 687 -9.62 -38.24 -7.48
N PHE A 688 -8.65 -38.58 -8.33
CA PHE A 688 -8.72 -39.81 -9.09
C PHE A 688 -8.72 -40.94 -8.07
N GLY A 689 -8.07 -40.69 -6.93
CA GLY A 689 -8.03 -41.69 -5.88
C GLY A 689 -9.46 -42.01 -5.49
N HIS A 690 -10.23 -40.96 -5.21
CA HIS A 690 -11.63 -41.10 -4.83
C HIS A 690 -12.40 -41.87 -5.89
N ALA A 691 -12.00 -41.72 -7.15
CA ALA A 691 -12.64 -42.41 -8.26
C ALA A 691 -12.38 -43.91 -8.15
N VAL A 692 -11.15 -44.26 -7.83
CA VAL A 692 -10.76 -45.66 -7.67
C VAL A 692 -11.58 -46.29 -6.55
N ASP A 693 -11.64 -45.60 -5.41
CA ASP A 693 -12.42 -46.07 -4.28
C ASP A 693 -13.86 -46.28 -4.73
N ASP A 694 -14.21 -45.75 -5.90
CA ASP A 694 -15.56 -45.86 -6.43
C ASP A 694 -15.74 -47.08 -7.33
N TYR A 695 -14.85 -47.24 -8.30
CA TYR A 695 -14.93 -48.36 -9.22
C TYR A 695 -14.70 -49.67 -8.46
N ALA A 696 -13.64 -49.71 -7.65
CA ALA A 696 -13.32 -50.89 -6.86
C ALA A 696 -14.52 -51.25 -5.99
N GLY A 697 -15.16 -50.23 -5.41
CA GLY A 697 -16.31 -50.47 -4.57
C GLY A 697 -17.51 -50.93 -5.37
N TYR A 698 -17.44 -50.71 -6.67
CA TYR A 698 -18.49 -51.10 -7.58
C TYR A 698 -18.35 -52.58 -7.90
N LEU A 699 -17.11 -53.01 -8.10
CA LEU A 699 -16.81 -54.39 -8.42
C LEU A 699 -17.23 -55.38 -7.33
N LEU A 700 -17.11 -55.00 -6.07
CA LEU A 700 -17.50 -55.88 -4.98
C LEU A 700 -19.00 -56.17 -5.09
N ASP A 701 -19.81 -55.22 -4.65
CA ASP A 701 -21.26 -55.35 -4.71
C ASP A 701 -21.73 -54.71 -6.02
N LYS A 702 -21.57 -55.42 -7.13
CA LYS A 702 -22.02 -54.89 -8.41
C LYS A 702 -23.53 -54.72 -8.36
N ASN A 703 -24.13 -55.26 -7.29
CA ASN A 703 -25.57 -55.17 -7.07
C ASN A 703 -25.94 -53.91 -6.30
N GLN A 704 -24.96 -53.31 -5.64
CA GLN A 704 -25.17 -52.09 -4.86
C GLN A 704 -24.21 -50.98 -5.29
N SER A 705 -24.35 -49.82 -4.65
CA SER A 705 -23.50 -48.68 -4.95
C SER A 705 -22.78 -48.26 -3.66
N ASP A 706 -21.63 -48.87 -3.40
CA ASP A 706 -20.89 -48.53 -2.19
C ASP A 706 -19.38 -48.49 -2.40
N LEU A 707 -18.70 -47.75 -1.53
CA LEU A 707 -17.25 -47.60 -1.61
C LEU A 707 -16.46 -48.68 -0.89
N VAL A 708 -15.44 -49.18 -1.56
CA VAL A 708 -14.58 -50.21 -0.99
C VAL A 708 -13.91 -49.66 0.25
N THR A 709 -13.93 -48.33 0.39
CA THR A 709 -13.32 -47.66 1.52
C THR A 709 -14.24 -47.75 2.73
N ASN A 710 -15.50 -48.10 2.47
CA ASN A 710 -16.50 -48.21 3.52
C ASN A 710 -16.49 -49.61 4.13
N SER A 711 -15.81 -50.54 3.46
CA SER A 711 -15.72 -51.92 3.92
C SER A 711 -15.10 -52.03 5.30
N LYS A 712 -15.55 -53.02 6.07
CA LYS A 712 -15.05 -53.26 7.41
C LYS A 712 -13.54 -53.49 7.39
N LYS A 713 -13.09 -54.36 6.50
CA LYS A 713 -11.66 -54.68 6.38
C LYS A 713 -10.82 -53.40 6.33
N PHE A 714 -11.43 -52.29 5.94
CA PHE A 714 -10.72 -51.02 5.85
C PHE A 714 -10.95 -50.17 7.09
N ILE A 715 -12.19 -50.13 7.56
CA ILE A 715 -12.53 -49.34 8.75
C ILE A 715 -11.51 -49.56 9.86
N ASP A 716 -11.04 -50.80 9.97
CA ASP A 716 -10.06 -51.15 10.99
C ASP A 716 -8.70 -50.53 10.68
N ILE A 717 -8.25 -50.68 9.45
CA ILE A 717 -6.96 -50.12 9.05
C ILE A 717 -6.90 -48.63 9.36
N PHE A 718 -8.04 -47.95 9.21
CA PHE A 718 -8.08 -46.52 9.49
C PHE A 718 -7.99 -46.27 10.98
N LYS A 719 -8.36 -47.28 11.76
CA LYS A 719 -8.31 -47.18 13.22
C LYS A 719 -6.87 -47.40 13.71
N GLU A 720 -5.98 -47.72 12.79
CA GLU A 720 -4.59 -47.94 13.16
C GLU A 720 -3.61 -47.02 12.42
N GLU A 721 -3.66 -47.04 11.10
CA GLU A 721 -2.78 -46.21 10.30
C GLU A 721 -3.42 -44.88 9.96
N GLY A 722 -4.68 -44.71 10.36
CA GLY A 722 -5.39 -43.47 10.09
C GLY A 722 -4.81 -42.26 10.80
N SER A 723 -3.50 -42.05 10.66
CA SER A 723 -2.82 -40.92 11.28
C SER A 723 -1.37 -40.90 10.84
N ASN A 724 -0.93 -42.01 10.24
CA ASN A 724 0.44 -42.15 9.76
C ASN A 724 0.71 -41.35 8.49
N LEU A 725 -0.31 -40.65 8.00
CA LEU A 725 -0.15 -39.86 6.79
C LEU A 725 -0.65 -38.44 6.96
N THR A 726 -0.62 -37.68 5.87
CA THR A 726 -1.07 -36.29 5.86
C THR A 726 -2.16 -35.99 6.86
N SER A 727 -1.99 -34.88 7.57
CA SER A 727 -2.96 -34.44 8.57
C SER A 727 -4.35 -34.58 7.98
N TYR A 728 -4.49 -34.17 6.73
CA TYR A 728 -5.77 -34.23 6.06
C TYR A 728 -6.31 -35.64 5.94
N GLY A 729 -5.44 -36.59 5.56
CA GLY A 729 -5.85 -37.96 5.43
C GLY A 729 -6.53 -38.48 6.69
N ARG A 730 -6.25 -37.81 7.80
CA ARG A 730 -6.83 -38.18 9.10
C ARG A 730 -8.25 -37.64 9.28
N THR A 731 -8.94 -37.38 8.17
CA THR A 731 -10.31 -36.86 8.23
C THR A 731 -11.34 -37.98 8.31
N ASN A 732 -11.19 -38.96 7.43
CA ASN A 732 -12.09 -40.10 7.38
C ASN A 732 -11.59 -41.16 6.42
N GLU A 733 -12.39 -42.21 6.26
CA GLU A 733 -12.05 -43.33 5.38
C GLU A 733 -11.57 -42.92 3.99
N ALA A 734 -12.52 -42.53 3.14
CA ALA A 734 -12.22 -42.13 1.77
C ALA A 734 -11.05 -41.16 1.69
N GLU A 735 -11.08 -40.15 2.56
CA GLU A 735 -10.02 -39.16 2.58
C GLU A 735 -8.68 -39.83 2.79
N PHE A 736 -8.63 -40.76 3.74
CA PHE A 736 -7.39 -41.46 4.02
C PHE A 736 -6.94 -42.20 2.76
N PHE A 737 -7.83 -43.02 2.22
CA PHE A 737 -7.55 -43.80 1.02
C PHE A 737 -7.01 -42.94 -0.12
N ALA A 738 -7.66 -41.79 -0.33
CA ALA A 738 -7.28 -40.87 -1.39
C ALA A 738 -5.88 -40.28 -1.21
N GLU A 739 -5.58 -39.82 0.00
CA GLU A 739 -4.27 -39.25 0.29
C GLU A 739 -3.15 -40.27 0.21
N ALA A 740 -3.44 -41.49 0.66
CA ALA A 740 -2.48 -42.56 0.60
C ALA A 740 -2.22 -42.82 -0.88
N PHE A 741 -3.30 -43.00 -1.63
CA PHE A 741 -3.23 -43.25 -3.06
C PHE A 741 -2.32 -42.22 -3.73
N ARG A 742 -2.66 -40.94 -3.55
CA ARG A 742 -1.89 -39.84 -4.12
C ARG A 742 -0.39 -39.94 -3.88
N LEU A 743 -0.02 -40.09 -2.61
CA LEU A 743 1.39 -40.20 -2.24
C LEU A 743 2.07 -41.36 -2.97
N MET A 744 1.36 -42.48 -3.05
CA MET A 744 1.87 -43.67 -3.70
C MET A 744 2.09 -43.45 -5.20
N HIS A 745 1.84 -42.24 -5.67
CA HIS A 745 2.01 -41.94 -7.09
C HIS A 745 2.68 -40.60 -7.37
N SER A 746 3.22 -39.97 -6.33
CA SER A 746 3.88 -38.68 -6.49
C SER A 746 5.08 -38.80 -7.41
N THR A 747 5.72 -37.67 -7.69
CA THR A 747 6.89 -37.68 -8.55
C THR A 747 8.12 -37.88 -7.66
N ASP A 748 7.99 -37.55 -6.38
CA ASP A 748 9.08 -37.74 -5.43
C ASP A 748 8.92 -39.13 -4.86
N HIS A 749 9.66 -40.07 -5.42
CA HIS A 749 9.61 -41.47 -4.99
C HIS A 749 9.71 -41.68 -3.49
N ALA A 750 10.37 -40.76 -2.80
CA ALA A 750 10.51 -40.87 -1.35
C ALA A 750 9.11 -40.88 -0.72
N GLU A 751 8.23 -40.02 -1.23
CA GLU A 751 6.86 -39.94 -0.72
C GLU A 751 6.11 -41.23 -0.96
N ARG A 752 6.60 -42.04 -1.90
CA ARG A 752 5.98 -43.32 -2.19
C ARG A 752 6.35 -44.26 -1.05
N LEU A 753 7.62 -44.23 -0.65
CA LEU A 753 8.09 -45.09 0.43
C LEU A 753 7.37 -44.72 1.73
N LYS A 754 7.15 -43.42 1.95
CA LYS A 754 6.49 -42.96 3.16
C LYS A 754 5.30 -43.80 3.57
N VAL A 755 4.40 -44.08 2.63
CA VAL A 755 3.23 -44.88 2.95
C VAL A 755 3.70 -46.32 3.18
N GLN A 756 4.76 -46.70 2.46
CA GLN A 756 5.35 -48.03 2.57
C GLN A 756 5.77 -48.32 4.01
N LYS A 757 6.62 -47.45 4.55
CA LYS A 757 7.11 -47.65 5.91
C LYS A 757 6.28 -47.01 7.03
N ASN A 758 5.12 -46.45 6.70
CA ASN A 758 4.29 -45.82 7.72
C ASN A 758 2.83 -46.26 7.66
N ALA A 759 2.42 -46.82 6.53
CA ALA A 759 1.05 -47.27 6.37
C ALA A 759 1.00 -48.58 5.59
N PRO A 760 1.78 -49.59 6.05
CA PRO A 760 1.82 -50.90 5.39
C PRO A 760 0.46 -51.52 5.10
N LYS A 761 -0.39 -51.63 6.11
CA LYS A 761 -1.72 -52.22 5.91
C LYS A 761 -2.42 -51.58 4.71
N THR A 762 -2.50 -50.26 4.72
CA THR A 762 -3.15 -49.50 3.66
C THR A 762 -2.46 -49.74 2.32
N PHE A 763 -1.13 -49.64 2.31
CA PHE A 763 -0.34 -49.85 1.10
C PHE A 763 -0.81 -51.10 0.36
N GLN A 764 -0.88 -52.21 1.07
CA GLN A 764 -1.33 -53.48 0.48
C GLN A 764 -2.77 -53.40 0.02
N PHE A 765 -3.64 -52.95 0.93
CA PHE A 765 -5.06 -52.84 0.62
C PHE A 765 -5.27 -52.11 -0.71
N ILE A 766 -4.48 -51.07 -0.93
CA ILE A 766 -4.55 -50.28 -2.14
C ILE A 766 -4.00 -51.03 -3.35
N ASN A 767 -2.83 -51.64 -3.20
CA ASN A 767 -2.23 -52.40 -4.28
C ASN A 767 -3.05 -53.64 -4.64
N ASP A 768 -3.85 -54.11 -3.69
CA ASP A 768 -4.71 -55.26 -3.96
C ASP A 768 -5.87 -54.72 -4.77
N GLN A 769 -6.29 -53.52 -4.41
CA GLN A 769 -7.38 -52.82 -5.08
C GLN A 769 -7.06 -52.53 -6.54
N ILE A 770 -5.82 -52.17 -6.81
CA ILE A 770 -5.39 -51.86 -8.17
C ILE A 770 -5.42 -53.12 -9.03
N LYS A 771 -5.12 -54.27 -8.42
CA LYS A 771 -5.14 -55.54 -9.15
C LYS A 771 -6.58 -55.97 -9.37
N PHE A 772 -7.35 -55.94 -8.29
CA PHE A 772 -8.76 -56.33 -8.33
C PHE A 772 -9.55 -55.53 -9.35
N ILE A 773 -8.90 -54.58 -10.01
CA ILE A 773 -9.56 -53.76 -11.03
C ILE A 773 -8.89 -54.04 -12.37
N ILE A 774 -7.56 -54.04 -12.37
CA ILE A 774 -6.80 -54.30 -13.58
C ILE A 774 -7.27 -55.64 -14.18
N ASN A 775 -7.22 -56.69 -13.37
CA ASN A 775 -7.60 -58.02 -13.82
C ASN A 775 -9.09 -58.24 -14.07
N SER A 776 -9.96 -57.57 -13.31
CA SER A 776 -11.40 -57.74 -13.52
C SER A 776 -11.91 -56.81 -14.62
N GLU B 33 8.02 41.81 -7.51
CA GLU B 33 7.47 42.45 -8.70
C GLU B 33 8.17 41.99 -9.95
N GLU B 34 9.40 41.51 -9.81
CA GLU B 34 10.16 41.02 -10.97
C GLU B 34 9.47 39.87 -11.60
N HIS B 35 9.86 38.68 -11.21
CA HIS B 35 9.17 37.57 -11.79
C HIS B 35 7.68 37.86 -11.92
N LEU B 36 7.18 38.77 -11.11
CA LEU B 36 5.78 39.14 -11.18
C LEU B 36 5.54 39.75 -12.55
N LYS B 37 6.53 40.53 -13.00
CA LYS B 37 6.44 41.16 -14.32
C LYS B 37 6.62 40.09 -15.40
N GLU B 38 7.51 39.12 -15.13
CA GLU B 38 7.76 38.03 -16.08
C GLU B 38 6.47 37.21 -16.15
N ILE B 39 5.87 37.00 -14.99
CA ILE B 39 4.61 36.27 -14.89
C ILE B 39 3.56 37.04 -15.70
N MET B 40 3.52 38.36 -15.50
CA MET B 40 2.58 39.23 -16.20
C MET B 40 3.08 39.59 -17.59
N LYS B 41 4.31 39.18 -17.89
CA LYS B 41 4.92 39.43 -19.20
C LYS B 41 4.85 38.14 -20.02
N HIS B 42 4.53 37.04 -19.36
CA HIS B 42 4.43 35.76 -20.03
C HIS B 42 2.99 35.29 -20.14
N ILE B 43 2.17 35.66 -19.15
CA ILE B 43 0.77 35.26 -19.17
C ILE B 43 -0.19 36.42 -19.42
N VAL B 44 0.20 37.64 -19.03
CA VAL B 44 -0.66 38.81 -19.24
C VAL B 44 -0.34 39.48 -20.56
N LYS B 45 -1.11 39.14 -21.59
CA LYS B 45 -0.92 39.73 -22.91
C LYS B 45 -1.88 40.89 -23.12
N ILE B 46 -1.33 42.07 -23.34
CA ILE B 46 -2.12 43.29 -23.55
C ILE B 46 -2.53 43.46 -25.01
N GLU B 47 -3.56 42.73 -25.45
CA GLU B 47 -3.99 42.83 -26.85
C GLU B 47 -4.84 44.06 -27.06
N VAL B 48 -4.89 44.83 -26.02
CA VAL B 48 -5.61 46.09 -26.15
C VAL B 48 -4.83 46.87 -27.19
N LYS B 49 -5.49 47.51 -28.17
CA LYS B 49 -4.74 48.15 -29.25
C LYS B 49 -4.37 49.63 -29.01
N GLY B 50 -5.42 50.44 -28.88
CA GLY B 50 -5.33 51.88 -28.67
C GLY B 50 -4.47 52.35 -27.49
N GLU B 51 -3.18 52.66 -27.83
CA GLU B 51 -2.11 53.16 -26.94
C GLU B 51 -2.17 52.57 -25.53
N GLU B 52 -1.31 51.60 -25.26
CA GLU B 52 -1.29 50.92 -23.98
C GLU B 52 -0.39 51.64 -22.97
N ALA B 53 -0.86 52.72 -22.39
CA ALA B 53 -0.10 53.44 -21.39
C ALA B 53 -0.66 53.17 -20.00
N VAL B 54 -1.71 53.90 -19.65
CA VAL B 54 -2.34 53.72 -18.35
C VAL B 54 -3.30 52.54 -18.41
N LYS B 55 -3.66 52.13 -19.63
CA LYS B 55 -4.55 50.98 -19.82
C LYS B 55 -3.80 49.76 -19.30
N LYS B 56 -2.49 49.80 -19.50
CA LYS B 56 -1.61 48.72 -19.05
C LYS B 56 -1.54 48.74 -17.53
N GLU B 57 -1.07 49.84 -16.96
CA GLU B 57 -0.97 49.94 -15.50
C GLU B 57 -2.36 49.80 -14.89
N ALA B 58 -3.39 49.98 -15.71
CA ALA B 58 -4.77 49.85 -15.23
C ALA B 58 -4.92 48.49 -14.58
N ALA B 59 -5.08 47.47 -15.42
CA ALA B 59 -5.23 46.10 -14.95
C ALA B 59 -4.08 45.72 -14.02
N GLU B 60 -2.90 46.27 -14.28
CA GLU B 60 -1.72 45.97 -13.46
C GLU B 60 -1.98 46.25 -11.98
N LYS B 61 -2.82 47.24 -11.69
CA LYS B 61 -3.13 47.59 -10.31
C LYS B 61 -4.24 46.67 -9.81
N LEU B 62 -4.98 46.12 -10.76
CA LEU B 62 -6.09 45.21 -10.47
C LEU B 62 -5.57 43.86 -9.99
N LEU B 63 -4.85 43.18 -10.87
CA LEU B 63 -4.27 41.87 -10.56
C LEU B 63 -3.36 41.96 -9.36
N GLU B 64 -2.71 43.10 -9.20
CA GLU B 64 -1.80 43.35 -8.10
C GLU B 64 -2.35 42.91 -6.74
N LYS B 65 -3.67 42.87 -6.61
CA LYS B 65 -4.29 42.49 -5.34
C LYS B 65 -4.51 41.00 -5.12
N VAL B 66 -4.20 40.21 -6.13
CA VAL B 66 -4.32 38.76 -6.05
C VAL B 66 -2.98 38.25 -5.53
N PRO B 67 -2.97 37.21 -4.69
CA PRO B 67 -1.67 36.74 -4.21
C PRO B 67 -0.80 36.31 -5.39
N SER B 68 0.43 36.78 -5.40
CA SER B 68 1.35 36.46 -6.46
C SER B 68 1.29 34.98 -6.79
N ASP B 69 1.41 34.15 -5.75
CA ASP B 69 1.37 32.69 -5.90
C ASP B 69 0.20 32.15 -6.69
N VAL B 70 -0.90 32.89 -6.72
CA VAL B 70 -2.07 32.46 -7.48
C VAL B 70 -1.76 32.60 -8.96
N LEU B 71 -1.11 33.70 -9.32
CA LEU B 71 -0.77 33.94 -10.71
C LEU B 71 0.27 32.95 -11.19
N GLU B 72 1.21 32.63 -10.31
CA GLU B 72 2.24 31.69 -10.70
C GLU B 72 1.70 30.27 -10.86
N MET B 73 0.73 29.90 -10.03
CA MET B 73 0.15 28.57 -10.15
C MET B 73 -0.56 28.52 -11.48
N TYR B 74 -1.18 29.63 -11.87
CA TYR B 74 -1.90 29.70 -13.12
C TYR B 74 -0.96 29.50 -14.30
N LYS B 75 0.20 30.16 -14.27
CA LYS B 75 1.18 30.00 -15.34
C LYS B 75 1.58 28.53 -15.45
N ALA B 76 1.77 27.87 -14.31
CA ALA B 76 2.16 26.47 -14.27
C ALA B 76 1.14 25.56 -14.95
N ILE B 77 -0.12 25.99 -14.93
CA ILE B 77 -1.24 25.24 -15.51
C ILE B 77 -1.41 25.60 -16.99
N GLY B 78 -0.63 26.57 -17.45
CA GLY B 78 -0.71 27.01 -18.84
C GLY B 78 -1.60 28.23 -19.02
N GLY B 79 -2.01 28.82 -17.91
CA GLY B 79 -2.88 29.97 -17.96
C GLY B 79 -2.37 31.18 -18.72
N LYS B 80 -3.32 31.94 -19.27
CA LYS B 80 -3.03 33.16 -20.02
C LYS B 80 -4.09 34.22 -19.71
N ILE B 81 -3.64 35.42 -19.38
CA ILE B 81 -4.54 36.53 -19.07
C ILE B 81 -4.48 37.56 -20.19
N TYR B 82 -5.63 37.83 -20.82
CA TYR B 82 -5.69 38.79 -21.92
C TYR B 82 -6.45 40.06 -21.55
N ILE B 83 -5.76 41.19 -21.68
CA ILE B 83 -6.33 42.50 -21.39
C ILE B 83 -6.60 43.16 -22.73
N VAL B 84 -7.87 43.31 -23.10
CA VAL B 84 -8.21 43.92 -24.38
C VAL B 84 -9.58 44.60 -24.37
N ASP B 85 -9.75 45.57 -25.28
CA ASP B 85 -11.01 46.31 -25.39
C ASP B 85 -11.92 45.73 -26.48
N GLY B 86 -13.22 45.93 -26.32
CA GLY B 86 -14.18 45.42 -27.29
C GLY B 86 -14.92 44.21 -26.74
N ASP B 87 -15.83 43.64 -27.51
CA ASP B 87 -16.57 42.47 -27.06
C ASP B 87 -15.55 41.39 -26.72
N ILE B 88 -15.62 40.87 -25.50
CA ILE B 88 -14.67 39.85 -25.05
C ILE B 88 -14.53 38.67 -26.01
N THR B 89 -15.62 38.32 -26.70
CA THR B 89 -15.57 37.20 -27.63
C THR B 89 -14.69 37.55 -28.83
N LYS B 90 -14.43 38.84 -28.99
CA LYS B 90 -13.60 39.35 -30.08
C LYS B 90 -12.18 38.80 -29.94
N HIS B 91 -11.95 38.01 -28.90
CA HIS B 91 -10.62 37.45 -28.69
C HIS B 91 -10.45 36.10 -29.36
N ILE B 92 -9.28 35.94 -29.98
CA ILE B 92 -8.91 34.73 -30.70
C ILE B 92 -9.31 33.40 -30.05
N SER B 93 -9.08 33.27 -28.74
CA SER B 93 -9.36 32.03 -28.03
C SER B 93 -10.65 31.96 -27.23
N LEU B 94 -11.70 32.64 -27.65
CA LEU B 94 -12.94 32.57 -26.88
C LEU B 94 -14.19 32.22 -27.68
N GLU B 95 -14.31 32.75 -28.90
CA GLU B 95 -15.48 32.50 -29.73
C GLU B 95 -16.09 31.09 -29.57
N ALA B 96 -15.27 30.08 -29.40
CA ALA B 96 -15.77 28.72 -29.23
C ALA B 96 -16.53 28.53 -27.91
N LEU B 97 -17.83 28.25 -27.97
CA LEU B 97 -18.64 28.13 -26.76
C LEU B 97 -19.89 27.28 -26.84
N SER B 98 -20.23 26.68 -25.72
CA SER B 98 -21.53 26.01 -25.62
C SER B 98 -22.44 27.22 -25.38
N GLU B 99 -23.58 27.25 -26.10
CA GLU B 99 -24.56 28.32 -25.97
C GLU B 99 -24.96 28.61 -24.53
N ASP B 100 -25.15 27.58 -23.69
CA ASP B 100 -25.56 27.96 -22.34
C ASP B 100 -24.45 28.72 -21.63
N LYS B 101 -23.17 28.49 -22.04
CA LYS B 101 -22.07 29.21 -21.37
C LYS B 101 -22.08 30.63 -21.81
N LYS B 102 -22.76 30.84 -22.94
CA LYS B 102 -22.89 32.19 -23.48
C LYS B 102 -23.89 32.98 -22.62
N LYS B 103 -24.38 32.33 -21.54
CA LYS B 103 -25.26 32.96 -20.56
C LYS B 103 -24.50 32.99 -19.28
N ILE B 104 -24.59 34.03 -18.53
CA ILE B 104 -23.78 34.03 -17.36
C ILE B 104 -24.56 34.48 -16.18
N LYS B 105 -23.90 34.44 -15.02
CA LYS B 105 -24.46 34.90 -13.75
C LYS B 105 -23.29 35.54 -13.01
N ASP B 106 -23.44 36.81 -12.63
CA ASP B 106 -22.36 37.49 -11.93
C ASP B 106 -22.16 36.97 -10.52
N ILE B 107 -21.19 37.56 -9.83
CA ILE B 107 -20.85 37.16 -8.48
C ILE B 107 -22.09 37.17 -7.56
N TYR B 108 -23.14 37.88 -7.95
CA TYR B 108 -24.35 37.93 -7.13
C TYR B 108 -25.46 37.00 -7.61
N GLY B 109 -25.30 36.43 -8.80
CA GLY B 109 -26.32 35.53 -9.33
C GLY B 109 -27.10 36.12 -10.48
N LYS B 110 -27.01 37.44 -10.64
CA LYS B 110 -27.71 38.15 -11.71
C LYS B 110 -27.21 37.63 -13.06
N ASP B 111 -28.14 37.32 -13.96
CA ASP B 111 -27.79 36.81 -15.29
C ASP B 111 -27.14 37.88 -16.15
N ALA B 112 -26.39 37.45 -17.21
CA ALA B 112 -25.72 38.40 -18.12
C ALA B 112 -25.25 37.73 -19.41
N LEU B 113 -24.76 38.52 -20.34
CA LEU B 113 -24.30 37.98 -21.59
C LEU B 113 -22.81 38.23 -21.75
N LEU B 114 -22.06 37.17 -22.14
CA LEU B 114 -20.60 37.22 -22.32
C LEU B 114 -20.18 38.49 -23.04
N HIS B 115 -20.85 38.64 -24.19
CA HIS B 115 -20.70 39.77 -25.11
C HIS B 115 -20.65 41.10 -24.39
N GLU B 116 -21.66 41.41 -23.62
CA GLU B 116 -21.52 42.72 -23.08
C GLU B 116 -20.77 42.75 -21.75
N HIS B 117 -20.37 41.58 -21.29
CA HIS B 117 -19.65 41.45 -20.03
C HIS B 117 -18.23 41.98 -20.12
N TYR B 118 -17.53 41.91 -19.02
CA TYR B 118 -16.20 42.48 -19.03
C TYR B 118 -15.14 41.46 -18.73
N VAL B 119 -15.57 40.32 -18.16
CA VAL B 119 -14.60 39.32 -17.72
C VAL B 119 -15.05 37.88 -17.87
N TYR B 120 -14.13 37.02 -18.29
CA TYR B 120 -14.45 35.61 -18.46
C TYR B 120 -13.19 34.76 -18.48
N ALA B 121 -13.32 33.55 -17.94
CA ALA B 121 -12.21 32.61 -17.90
C ALA B 121 -12.70 31.27 -18.42
N LYS B 122 -12.10 30.83 -19.52
CA LYS B 122 -12.47 29.55 -20.13
C LYS B 122 -11.85 28.42 -19.32
N GLU B 123 -12.69 27.48 -18.88
CA GLU B 123 -12.19 26.35 -18.11
C GLU B 123 -11.39 25.46 -19.05
N GLY B 124 -11.74 24.18 -19.09
CA GLY B 124 -11.03 23.25 -19.95
C GLY B 124 -9.54 23.32 -19.72
N TYR B 125 -8.78 22.64 -20.56
CA TYR B 125 -7.33 22.63 -20.40
C TYR B 125 -6.59 23.46 -21.43
N GLU B 126 -6.87 24.76 -21.38
CA GLU B 126 -6.25 25.75 -22.25
C GLU B 126 -6.59 27.06 -21.55
N PRO B 127 -6.46 27.10 -20.22
CA PRO B 127 -6.75 28.25 -19.35
C PRO B 127 -6.46 29.61 -19.94
N VAL B 128 -7.48 30.47 -19.91
CA VAL B 128 -7.36 31.82 -20.42
C VAL B 128 -8.31 32.70 -19.60
N LEU B 129 -7.82 33.86 -19.20
CA LEU B 129 -8.62 34.78 -18.43
C LEU B 129 -8.65 36.09 -19.20
N VAL B 130 -9.81 36.41 -19.75
CA VAL B 130 -9.98 37.63 -20.55
C VAL B 130 -10.74 38.72 -19.82
N ILE B 131 -10.18 39.93 -19.84
CA ILE B 131 -10.76 41.08 -19.19
C ILE B 131 -10.80 42.28 -20.13
N GLN B 132 -11.82 43.13 -20.00
CA GLN B 132 -11.93 44.33 -20.83
C GLN B 132 -11.10 45.46 -20.24
N SER B 133 -10.25 46.08 -21.07
CA SER B 133 -9.43 47.18 -20.60
C SER B 133 -10.37 48.26 -20.10
N SER B 134 -10.12 48.77 -18.91
CA SER B 134 -10.97 49.81 -18.35
C SER B 134 -10.30 50.54 -17.20
N GLU B 135 -11.12 51.19 -16.37
CA GLU B 135 -10.61 51.93 -15.22
C GLU B 135 -11.68 52.23 -14.18
N ASP B 136 -12.87 51.65 -14.35
CA ASP B 136 -13.95 51.87 -13.41
C ASP B 136 -13.62 51.09 -12.13
N TYR B 137 -12.58 50.27 -12.23
CA TYR B 137 -12.10 49.42 -11.13
C TYR B 137 -11.94 50.19 -9.81
N VAL B 138 -11.29 51.34 -9.88
CA VAL B 138 -11.04 52.17 -8.70
C VAL B 138 -12.29 52.43 -7.86
N GLU B 139 -13.30 53.05 -8.48
CA GLU B 139 -14.53 53.37 -7.78
C GLU B 139 -15.53 52.22 -7.80
N ASN B 140 -15.71 51.61 -8.97
CA ASN B 140 -16.64 50.51 -9.10
C ASN B 140 -16.14 49.21 -8.47
N THR B 141 -16.27 49.13 -7.15
CA THR B 141 -15.83 47.96 -6.41
C THR B 141 -16.63 46.73 -6.82
N GLU B 142 -17.75 46.96 -7.51
CA GLU B 142 -18.60 45.86 -7.97
C GLU B 142 -17.95 45.16 -9.16
N LYS B 143 -17.18 45.92 -9.94
CA LYS B 143 -16.50 45.37 -11.10
C LYS B 143 -15.28 44.57 -10.69
N ALA B 144 -14.58 45.05 -9.65
CA ALA B 144 -13.39 44.37 -9.16
C ALA B 144 -13.75 43.05 -8.47
N LEU B 145 -14.79 43.08 -7.63
CA LEU B 145 -15.22 41.89 -6.92
C LEU B 145 -15.46 40.77 -7.92
N ASN B 146 -16.08 41.12 -9.05
CA ASN B 146 -16.40 40.13 -10.08
C ASN B 146 -15.19 39.52 -10.77
N VAL B 147 -14.16 40.33 -11.01
CA VAL B 147 -12.96 39.81 -11.66
C VAL B 147 -12.33 38.82 -10.71
N TYR B 148 -12.19 39.24 -9.46
CA TYR B 148 -11.61 38.43 -8.39
C TYR B 148 -12.40 37.13 -8.18
N TYR B 149 -13.71 37.24 -8.27
CA TYR B 149 -14.59 36.10 -8.12
C TYR B 149 -14.32 35.13 -9.25
N GLU B 150 -13.90 35.67 -10.39
CA GLU B 150 -13.63 34.83 -11.54
C GLU B 150 -12.28 34.15 -11.35
N ILE B 151 -11.33 34.88 -10.76
CA ILE B 151 -10.02 34.33 -10.48
C ILE B 151 -10.19 33.24 -9.41
N GLY B 152 -11.14 33.46 -8.49
CA GLY B 152 -11.42 32.50 -7.45
C GLY B 152 -11.87 31.15 -8.01
N LYS B 153 -12.65 31.19 -9.10
CA LYS B 153 -13.13 29.98 -9.76
C LYS B 153 -11.98 29.26 -10.44
N ILE B 154 -11.00 30.04 -10.90
CA ILE B 154 -9.84 29.46 -11.54
C ILE B 154 -9.04 28.75 -10.46
N LEU B 155 -8.82 29.46 -9.37
CA LEU B 155 -8.08 28.96 -8.22
C LEU B 155 -8.65 27.67 -7.64
N SER B 156 -9.96 27.64 -7.41
CA SER B 156 -10.58 26.45 -6.84
C SER B 156 -10.92 25.34 -7.84
N ARG B 157 -11.27 25.72 -9.07
CA ARG B 157 -11.63 24.73 -10.08
C ARG B 157 -10.49 24.30 -11.00
N ASP B 158 -9.67 25.26 -11.44
CA ASP B 158 -8.58 24.96 -12.36
C ASP B 158 -7.24 24.66 -11.68
N ILE B 159 -6.97 25.32 -10.56
CA ILE B 159 -5.71 25.10 -9.86
C ILE B 159 -5.80 24.06 -8.74
N LEU B 160 -6.54 24.38 -7.66
CA LEU B 160 -6.64 23.48 -6.52
C LEU B 160 -7.16 22.09 -6.77
N SER B 161 -7.93 21.91 -7.84
CA SER B 161 -8.46 20.59 -8.19
C SER B 161 -7.32 19.67 -8.61
N LYS B 162 -6.23 20.25 -9.08
CA LYS B 162 -5.08 19.47 -9.51
C LYS B 162 -4.39 18.80 -8.31
N ILE B 163 -4.66 19.30 -7.10
CA ILE B 163 -4.07 18.69 -5.89
C ILE B 163 -5.15 18.22 -4.91
N ASN B 164 -6.31 17.85 -5.45
CA ASN B 164 -7.43 17.35 -4.65
C ASN B 164 -7.90 18.30 -3.58
N GLN B 165 -8.00 19.58 -3.91
CA GLN B 165 -8.46 20.59 -2.96
C GLN B 165 -9.50 21.50 -3.62
N PRO B 166 -10.35 22.15 -2.82
CA PRO B 166 -10.40 22.07 -1.36
C PRO B 166 -10.89 20.72 -0.93
N TYR B 167 -10.63 20.36 0.34
CA TYR B 167 -11.04 19.08 0.88
C TYR B 167 -11.65 19.24 2.26
N GLN B 168 -11.41 18.26 3.13
CA GLN B 168 -11.95 18.27 4.48
C GLN B 168 -11.84 19.59 5.24
N LYS B 169 -10.70 20.26 5.12
CA LYS B 169 -10.51 21.52 5.82
C LYS B 169 -11.63 22.51 5.47
N PHE B 170 -11.80 22.78 4.17
CA PHE B 170 -12.82 23.72 3.73
C PHE B 170 -14.24 23.24 4.05
N LEU B 171 -14.49 21.94 3.92
CA LEU B 171 -15.82 21.43 4.22
C LEU B 171 -16.16 21.79 5.66
N ASP B 172 -15.13 21.81 6.51
CA ASP B 172 -15.32 22.14 7.91
C ASP B 172 -15.77 23.58 8.02
N VAL B 173 -15.16 24.46 7.26
CA VAL B 173 -15.54 25.87 7.28
C VAL B 173 -17.01 25.99 6.90
N LEU B 174 -17.39 25.40 5.78
CA LEU B 174 -18.77 25.42 5.31
C LEU B 174 -19.74 24.89 6.38
N ASN B 175 -19.39 23.77 7.01
CA ASN B 175 -20.26 23.21 8.04
C ASN B 175 -20.37 24.15 9.26
N THR B 176 -19.27 24.78 9.65
CA THR B 176 -19.30 25.70 10.81
C THR B 176 -20.34 26.77 10.57
N ILE B 177 -20.55 27.09 9.29
CA ILE B 177 -21.52 28.11 8.91
C ILE B 177 -22.90 27.47 8.90
N LYS B 178 -23.05 26.41 8.11
CA LYS B 178 -24.32 25.71 8.01
C LYS B 178 -24.94 25.38 9.36
N ASN B 179 -24.12 25.22 10.39
CA ASN B 179 -24.63 24.89 11.71
C ASN B 179 -24.59 26.07 12.67
N ALA B 180 -24.10 27.21 12.21
CA ALA B 180 -24.02 28.40 13.05
C ALA B 180 -25.41 28.92 13.40
N SER B 181 -25.48 29.71 14.46
CA SER B 181 -26.75 30.29 14.89
C SER B 181 -27.15 31.38 13.90
N ASP B 182 -26.32 32.40 13.77
CA ASP B 182 -26.57 33.52 12.86
C ASP B 182 -26.48 33.02 11.42
N SER B 183 -27.63 32.88 10.77
CA SER B 183 -27.71 32.42 9.38
C SER B 183 -27.02 33.35 8.38
N ASP B 184 -26.80 34.60 8.78
CA ASP B 184 -26.15 35.58 7.92
C ASP B 184 -25.10 34.97 7.01
N GLY B 185 -24.08 34.37 7.60
CA GLY B 185 -23.02 33.75 6.83
C GLY B 185 -23.56 32.87 5.72
N GLN B 186 -24.47 31.98 6.08
CA GLN B 186 -25.08 31.07 5.12
C GLN B 186 -25.73 31.86 3.99
N ASP B 187 -26.39 32.96 4.34
CA ASP B 187 -27.06 33.80 3.36
C ASP B 187 -26.10 34.54 2.44
N LEU B 188 -24.91 34.89 2.95
CA LEU B 188 -23.91 35.62 2.17
C LEU B 188 -23.08 34.81 1.17
N LEU B 189 -22.98 33.50 1.37
CA LEU B 189 -22.15 32.68 0.47
C LEU B 189 -22.79 31.40 -0.06
N PHE B 190 -23.78 30.87 0.64
CA PHE B 190 -24.43 29.65 0.16
C PHE B 190 -25.45 29.98 -0.91
N THR B 191 -25.84 28.95 -1.66
CA THR B 191 -26.84 29.11 -2.69
C THR B 191 -28.05 28.38 -2.14
N ASN B 192 -29.18 28.48 -2.82
CA ASN B 192 -30.39 27.81 -2.37
C ASN B 192 -30.16 26.33 -2.12
N GLN B 193 -29.56 25.64 -3.08
CA GLN B 193 -29.30 24.22 -2.94
C GLN B 193 -28.54 23.86 -1.66
N LEU B 194 -27.53 24.67 -1.34
CA LEU B 194 -26.72 24.44 -0.14
C LEU B 194 -27.48 24.77 1.14
N LYS B 195 -28.22 25.86 1.12
CA LYS B 195 -29.00 26.26 2.28
C LYS B 195 -29.97 25.13 2.64
N GLU B 196 -30.49 24.48 1.60
CA GLU B 196 -31.46 23.41 1.77
C GLU B 196 -30.85 22.01 1.84
N HIS B 197 -29.79 21.85 2.62
CA HIS B 197 -29.16 20.55 2.75
C HIS B 197 -29.28 20.15 4.23
N PRO B 198 -29.79 18.94 4.49
CA PRO B 198 -29.99 18.39 5.84
C PRO B 198 -28.68 18.14 6.61
N THR B 199 -28.05 17.01 6.30
CA THR B 199 -26.80 16.61 6.93
C THR B 199 -25.68 17.60 6.61
N ASP B 200 -24.58 17.51 7.36
CA ASP B 200 -23.46 18.39 7.11
C ASP B 200 -22.87 17.94 5.79
N PHE B 201 -21.98 18.74 5.23
CA PHE B 201 -21.39 18.37 3.97
C PHE B 201 -20.30 17.35 4.19
N SER B 202 -20.46 16.19 3.56
CA SER B 202 -19.51 15.10 3.66
C SER B 202 -18.56 15.15 2.48
N VAL B 203 -17.45 14.43 2.59
CA VAL B 203 -16.49 14.42 1.50
C VAL B 203 -17.12 13.67 0.32
N GLU B 204 -18.17 12.92 0.60
CA GLU B 204 -18.87 12.17 -0.45
C GLU B 204 -19.78 13.14 -1.21
N PHE B 205 -20.11 14.26 -0.55
CA PHE B 205 -20.93 15.31 -1.14
C PHE B 205 -20.03 16.17 -2.01
N LEU B 206 -18.86 16.51 -1.46
CA LEU B 206 -17.88 17.32 -2.18
C LEU B 206 -17.53 16.66 -3.50
N GLU B 207 -17.76 15.35 -3.56
CA GLU B 207 -17.48 14.53 -4.73
C GLU B 207 -18.48 14.74 -5.87
N GLN B 208 -19.76 14.56 -5.54
CA GLN B 208 -20.83 14.72 -6.52
C GLN B 208 -21.31 16.16 -6.72
N ASN B 209 -20.78 17.10 -5.93
CA ASN B 209 -21.19 18.50 -6.05
C ASN B 209 -20.00 19.46 -5.96
N SER B 210 -18.93 19.13 -6.68
CA SER B 210 -17.74 19.97 -6.65
C SER B 210 -18.01 21.42 -7.04
N ASN B 211 -18.88 21.62 -8.02
CA ASN B 211 -19.20 22.98 -8.48
C ASN B 211 -19.70 23.86 -7.33
N GLU B 212 -20.66 23.35 -6.57
CA GLU B 212 -21.21 24.11 -5.47
C GLU B 212 -20.18 24.50 -4.42
N VAL B 213 -19.22 23.63 -4.16
CA VAL B 213 -18.19 23.92 -3.16
C VAL B 213 -17.21 24.93 -3.76
N GLN B 214 -16.84 24.73 -5.02
CA GLN B 214 -15.90 25.63 -5.69
C GLN B 214 -16.49 27.04 -5.71
N GLU B 215 -17.81 27.11 -5.85
CA GLU B 215 -18.51 28.39 -5.89
C GLU B 215 -18.31 29.18 -4.61
N VAL B 216 -18.67 28.57 -3.49
CA VAL B 216 -18.52 29.24 -2.21
C VAL B 216 -17.07 29.70 -2.02
N PHE B 217 -16.12 28.81 -2.31
CA PHE B 217 -14.71 29.15 -2.20
C PHE B 217 -14.43 30.46 -2.93
N ALA B 218 -14.81 30.50 -4.21
CA ALA B 218 -14.61 31.67 -5.07
C ALA B 218 -15.23 32.95 -4.52
N LYS B 219 -16.50 32.87 -4.10
CA LYS B 219 -17.16 34.04 -3.56
C LYS B 219 -16.41 34.52 -2.32
N ALA B 220 -16.05 33.59 -1.43
CA ALA B 220 -15.32 33.91 -0.20
C ALA B 220 -13.98 34.56 -0.53
N PHE B 221 -13.26 33.96 -1.48
CA PHE B 221 -11.97 34.47 -1.91
C PHE B 221 -12.12 35.89 -2.45
N ALA B 222 -13.09 36.06 -3.35
CA ALA B 222 -13.38 37.35 -3.97
C ALA B 222 -13.65 38.39 -2.89
N TYR B 223 -14.60 38.08 -2.01
CA TYR B 223 -14.94 38.97 -0.93
C TYR B 223 -13.72 39.32 -0.09
N TYR B 224 -12.81 38.38 0.09
CA TYR B 224 -11.63 38.67 0.88
C TYR B 224 -10.61 39.52 0.14
N ILE B 225 -10.45 39.30 -1.17
CA ILE B 225 -9.48 40.05 -1.97
C ILE B 225 -9.83 41.53 -2.13
N GLU B 226 -11.11 41.81 -2.39
CA GLU B 226 -11.59 43.18 -2.56
C GLU B 226 -11.63 43.82 -1.16
N PRO B 227 -10.73 44.77 -0.89
CA PRO B 227 -10.64 45.47 0.40
C PRO B 227 -11.98 45.92 1.00
N GLN B 228 -12.78 46.60 0.19
CA GLN B 228 -14.07 47.13 0.61
C GLN B 228 -15.13 46.10 1.00
N HIS B 229 -15.02 44.89 0.45
CA HIS B 229 -15.99 43.85 0.77
C HIS B 229 -15.50 42.92 1.88
N ARG B 230 -14.20 42.93 2.13
CA ARG B 230 -13.61 42.08 3.16
C ARG B 230 -14.30 42.20 4.51
N ASP B 231 -14.57 43.44 4.91
CA ASP B 231 -15.23 43.69 6.19
C ASP B 231 -16.59 43.00 6.23
N VAL B 232 -17.17 42.84 5.05
CA VAL B 232 -18.47 42.19 4.96
C VAL B 232 -18.28 40.71 5.25
N LEU B 233 -17.16 40.16 4.79
CA LEU B 233 -16.87 38.75 5.01
C LEU B 233 -16.56 38.49 6.48
N GLN B 234 -15.72 39.32 7.07
CA GLN B 234 -15.37 39.15 8.48
C GLN B 234 -16.61 39.28 9.36
N LEU B 235 -17.52 40.15 8.96
CA LEU B 235 -18.75 40.42 9.70
C LEU B 235 -19.83 39.33 9.67
N TYR B 236 -20.01 38.66 8.56
CA TYR B 236 -21.06 37.63 8.47
C TYR B 236 -20.55 36.20 8.33
N ALA B 237 -19.33 36.05 7.85
CA ALA B 237 -18.76 34.72 7.68
C ALA B 237 -17.33 34.70 8.24
N PRO B 238 -17.20 34.88 9.57
CA PRO B 238 -15.89 34.89 10.25
C PRO B 238 -15.05 33.67 9.88
N GLU B 239 -15.65 32.49 9.90
CA GLU B 239 -14.93 31.28 9.55
C GLU B 239 -14.37 31.38 8.14
N ALA B 240 -15.24 31.74 7.19
CA ALA B 240 -14.83 31.91 5.80
C ALA B 240 -13.71 32.94 5.75
N PHE B 241 -13.88 34.01 6.53
CA PHE B 241 -12.88 35.07 6.59
C PHE B 241 -11.55 34.52 7.11
N ASN B 242 -11.58 33.91 8.29
CA ASN B 242 -10.38 33.32 8.89
C ASN B 242 -9.68 32.41 7.90
N TYR B 243 -10.46 31.53 7.28
CA TYR B 243 -9.90 30.61 6.32
C TYR B 243 -9.22 31.33 5.15
N MET B 244 -9.91 32.29 4.53
CA MET B 244 -9.32 33.01 3.41
C MET B 244 -8.13 33.86 3.87
N ASP B 245 -8.11 34.18 5.16
CA ASP B 245 -7.03 34.99 5.73
C ASP B 245 -5.72 34.19 5.85
N LYS B 246 -5.76 33.05 6.54
CA LYS B 246 -4.57 32.23 6.69
C LYS B 246 -4.11 31.70 5.35
N PHE B 247 -5.08 31.33 4.51
CA PHE B 247 -4.81 30.79 3.19
C PHE B 247 -4.01 31.73 2.30
N ASN B 248 -4.46 32.97 2.20
CA ASN B 248 -3.79 33.98 1.37
C ASN B 248 -2.56 34.62 2.00
N GLU B 249 -2.45 34.56 3.31
CA GLU B 249 -1.32 35.17 4.01
C GLU B 249 -0.29 34.16 4.48
N GLN B 250 -0.53 32.89 4.19
CA GLN B 250 0.40 31.83 4.59
C GLN B 250 0.30 30.63 3.67
N GLU B 251 -0.58 29.72 4.06
CA GLU B 251 -0.83 28.46 3.36
C GLU B 251 -0.82 28.43 1.82
N ILE B 252 -1.00 29.57 1.17
CA ILE B 252 -1.04 29.60 -0.30
C ILE B 252 0.21 29.04 -0.98
N ASN B 253 1.39 29.26 -0.42
CA ASN B 253 2.61 28.75 -1.04
C ASN B 253 2.77 27.24 -0.84
N LEU B 254 2.05 26.68 0.12
CA LEU B 254 2.11 25.25 0.33
C LEU B 254 1.37 24.63 -0.85
N SER B 255 0.36 25.35 -1.32
CA SER B 255 -0.45 24.91 -2.44
C SER B 255 0.36 24.99 -3.73
N LEU B 256 1.08 26.10 -3.90
CA LEU B 256 1.95 26.33 -5.05
C LEU B 256 2.98 25.21 -5.05
N GLU B 257 3.56 24.98 -3.87
CA GLU B 257 4.55 23.93 -3.70
C GLU B 257 3.98 22.54 -4.01
N GLU B 258 2.74 22.28 -3.56
CA GLU B 258 2.12 21.00 -3.80
C GLU B 258 1.82 20.80 -5.29
N LEU B 259 1.48 21.88 -5.97
CA LEU B 259 1.23 21.81 -7.40
C LEU B 259 2.55 21.46 -8.12
N LYS B 260 3.63 22.15 -7.73
CA LYS B 260 4.93 21.88 -8.32
C LYS B 260 5.37 20.44 -8.12
N ASP B 261 5.02 19.88 -6.95
CA ASP B 261 5.34 18.51 -6.60
C ASP B 261 4.65 17.50 -7.51
N GLN B 262 3.69 17.98 -8.30
CA GLN B 262 2.93 17.13 -9.23
C GLN B 262 3.56 17.09 -10.63
N ARG B 263 4.52 17.98 -10.90
CA ARG B 263 5.12 18.07 -12.23
C ARG B 263 6.46 17.39 -12.43
N MET B 264 6.52 16.54 -13.46
CA MET B 264 7.73 15.81 -13.78
C MET B 264 8.99 16.68 -13.83
N LEU B 265 8.93 17.81 -14.54
CA LEU B 265 10.14 18.64 -14.67
C LEU B 265 10.52 19.39 -13.39
N SER B 266 9.54 19.81 -12.61
CA SER B 266 9.82 20.52 -11.36
C SER B 266 10.43 19.54 -10.36
N ARG B 267 9.91 18.34 -10.26
CA ARG B 267 10.45 17.38 -9.31
C ARG B 267 11.93 17.16 -9.60
N TYR B 268 12.24 17.11 -10.88
CA TYR B 268 13.60 16.82 -11.36
C TYR B 268 14.52 17.98 -11.25
N GLU B 269 13.98 19.17 -11.41
CA GLU B 269 14.81 20.33 -11.30
C GLU B 269 15.23 20.54 -9.85
N LYS B 270 14.26 20.35 -8.97
CA LYS B 270 14.53 20.48 -7.53
C LYS B 270 15.58 19.45 -7.11
N TRP B 271 15.38 18.22 -7.55
CA TRP B 271 16.30 17.14 -7.23
C TRP B 271 17.70 17.48 -7.75
N GLU B 272 17.78 17.99 -8.97
CA GLU B 272 19.08 18.35 -9.58
C GLU B 272 19.84 19.44 -8.84
N LYS B 273 19.13 20.44 -8.36
CA LYS B 273 19.79 21.52 -7.65
C LYS B 273 20.30 21.12 -6.27
N ILE B 274 19.55 20.27 -5.57
CA ILE B 274 19.94 19.79 -4.26
C ILE B 274 21.17 18.91 -4.42
N LYS B 275 21.17 18.09 -5.45
CA LYS B 275 22.29 17.19 -5.71
C LYS B 275 23.54 18.00 -6.04
N GLN B 276 23.32 19.09 -6.74
CA GLN B 276 24.43 19.95 -7.14
C GLN B 276 25.02 20.62 -5.93
N HIS B 277 24.15 21.15 -5.08
CA HIS B 277 24.58 21.82 -3.88
C HIS B 277 25.36 20.91 -2.94
N TYR B 278 25.26 19.60 -3.14
CA TYR B 278 25.95 18.66 -2.29
C TYR B 278 27.00 17.87 -3.05
N GLN B 279 27.23 18.24 -4.31
CA GLN B 279 28.19 17.52 -5.13
C GLN B 279 29.57 17.43 -4.48
N HIS B 280 30.10 18.55 -4.01
CA HIS B 280 31.40 18.52 -3.38
C HIS B 280 31.38 17.57 -2.17
N TRP B 281 30.38 17.73 -1.30
CA TRP B 281 30.22 16.89 -0.12
C TRP B 281 30.19 15.43 -0.52
N SER B 282 29.42 15.14 -1.57
CA SER B 282 29.31 13.77 -2.04
C SER B 282 30.63 13.21 -2.54
N ASP B 283 31.33 14.01 -3.33
CA ASP B 283 32.60 13.58 -3.90
C ASP B 283 33.72 13.42 -2.89
N SER B 284 33.53 13.94 -1.69
CA SER B 284 34.57 13.81 -0.68
C SER B 284 34.35 12.68 0.33
N LEU B 285 33.21 12.00 0.27
CA LEU B 285 32.93 10.91 1.20
C LEU B 285 33.90 9.76 1.06
N SER B 286 34.45 9.30 2.18
CA SER B 286 35.36 8.16 2.13
C SER B 286 34.48 6.94 1.86
N GLU B 287 35.11 5.79 1.63
CA GLU B 287 34.35 4.58 1.39
C GLU B 287 33.72 4.18 2.71
N GLU B 288 34.35 4.62 3.80
CA GLU B 288 33.86 4.31 5.13
C GLU B 288 32.59 5.11 5.40
N GLY B 289 32.60 6.37 4.98
CA GLY B 289 31.45 7.22 5.16
C GLY B 289 30.25 6.59 4.48
N ARG B 290 30.39 6.27 3.20
CA ARG B 290 29.31 5.65 2.47
C ARG B 290 28.85 4.41 3.22
N GLY B 291 29.81 3.58 3.64
CA GLY B 291 29.48 2.37 4.36
C GLY B 291 28.61 2.67 5.57
N LEU B 292 28.95 3.74 6.28
CA LEU B 292 28.20 4.16 7.45
C LEU B 292 26.77 4.53 7.08
N LEU B 293 26.62 5.47 6.16
CA LEU B 293 25.29 5.90 5.74
C LEU B 293 24.47 4.70 5.26
N LYS B 294 25.12 3.74 4.63
CA LYS B 294 24.37 2.59 4.17
C LYS B 294 23.92 1.78 5.37
N LYS B 295 24.83 1.55 6.31
CA LYS B 295 24.49 0.77 7.49
C LYS B 295 23.30 1.39 8.20
N LEU B 296 23.24 2.72 8.17
CA LEU B 296 22.16 3.46 8.80
C LEU B 296 20.80 3.17 8.16
N GLN B 297 20.81 2.91 6.87
CA GLN B 297 19.58 2.63 6.13
C GLN B 297 19.25 1.15 6.09
N ILE B 298 20.21 0.30 6.43
CA ILE B 298 19.96 -1.13 6.43
C ILE B 298 20.52 -1.81 7.67
N PRO B 299 19.66 -1.96 8.69
CA PRO B 299 20.06 -2.60 9.95
C PRO B 299 20.64 -3.98 9.73
N ILE B 300 21.68 -4.32 10.50
CA ILE B 300 22.30 -5.63 10.39
C ILE B 300 21.53 -6.65 11.23
N GLU B 301 20.99 -7.68 10.58
CA GLU B 301 20.24 -8.75 11.25
C GLU B 301 21.19 -9.74 11.94
N PRO B 302 20.76 -10.36 13.04
CA PRO B 302 21.63 -11.31 13.72
C PRO B 302 21.80 -12.58 12.89
N LYS B 303 23.05 -13.06 12.79
CA LYS B 303 23.31 -14.26 12.03
C LYS B 303 23.20 -15.47 12.94
N LYS B 304 22.39 -16.43 12.51
CA LYS B 304 22.16 -17.66 13.24
C LYS B 304 23.48 -18.30 13.68
N ASP B 305 24.43 -18.38 12.76
CA ASP B 305 25.74 -18.96 13.06
C ASP B 305 26.37 -18.31 14.28
N ASP B 306 26.76 -17.05 14.13
CA ASP B 306 27.41 -16.30 15.19
C ASP B 306 26.75 -16.52 16.55
N ILE B 307 25.43 -16.54 16.56
CA ILE B 307 24.69 -16.73 17.80
C ILE B 307 24.96 -18.08 18.45
N ILE B 308 24.86 -19.14 17.68
CA ILE B 308 25.10 -20.46 18.25
C ILE B 308 26.55 -20.65 18.72
N HIS B 309 27.51 -20.26 17.89
CA HIS B 309 28.91 -20.42 18.25
C HIS B 309 29.32 -19.57 19.44
N SER B 310 28.37 -18.84 20.01
CA SER B 310 28.68 -18.00 21.16
C SER B 310 28.01 -18.51 22.43
N LEU B 311 27.35 -19.66 22.32
CA LEU B 311 26.67 -20.25 23.46
C LEU B 311 27.58 -21.18 24.25
N SER B 312 27.30 -21.31 25.54
CA SER B 312 28.07 -22.21 26.38
C SER B 312 27.45 -23.59 26.21
N GLN B 313 28.21 -24.64 26.48
CA GLN B 313 27.71 -26.00 26.34
C GLN B 313 26.37 -26.19 27.06
N GLU B 314 26.28 -25.67 28.27
CA GLU B 314 25.03 -25.83 28.99
C GLU B 314 23.93 -25.07 28.27
N GLU B 315 24.27 -23.92 27.70
CA GLU B 315 23.29 -23.11 26.98
C GLU B 315 22.82 -23.84 25.72
N LYS B 316 23.75 -24.42 24.97
CA LYS B 316 23.41 -25.15 23.76
C LYS B 316 22.50 -26.31 24.12
N GLU B 317 22.61 -26.75 25.37
CA GLU B 317 21.81 -27.84 25.87
C GLU B 317 20.36 -27.40 26.07
N LEU B 318 20.19 -26.30 26.81
CA LEU B 318 18.86 -25.76 27.10
C LEU B 318 18.10 -25.41 25.84
N LEU B 319 18.82 -24.92 24.85
CA LEU B 319 18.22 -24.55 23.57
C LEU B 319 17.60 -25.76 22.89
N LYS B 320 18.25 -26.91 23.03
CA LYS B 320 17.78 -28.15 22.42
C LYS B 320 16.41 -28.61 22.87
N ARG B 321 16.08 -28.37 24.13
CA ARG B 321 14.80 -28.85 24.66
C ARG B 321 13.80 -27.82 25.13
N ILE B 322 14.21 -26.57 25.26
CA ILE B 322 13.29 -25.53 25.74
C ILE B 322 12.08 -25.29 24.84
N GLN B 323 10.91 -25.18 25.47
CA GLN B 323 9.65 -24.93 24.76
C GLN B 323 9.53 -23.42 24.60
N ILE B 324 10.04 -22.92 23.48
CA ILE B 324 10.04 -21.50 23.21
C ILE B 324 8.69 -20.81 23.22
N ASP B 325 7.65 -21.50 22.79
CA ASP B 325 6.32 -20.89 22.76
C ASP B 325 5.73 -20.63 24.13
N SER B 326 6.29 -21.26 25.16
CA SER B 326 5.79 -21.08 26.53
C SER B 326 6.30 -19.82 27.22
N SER B 327 6.88 -18.91 26.45
CA SER B 327 7.40 -17.67 27.01
C SER B 327 6.43 -16.53 26.75
N ASP B 328 6.02 -15.86 27.82
CA ASP B 328 5.09 -14.76 27.71
C ASP B 328 5.80 -13.41 27.62
N PHE B 329 7.12 -13.47 27.38
CA PHE B 329 7.90 -12.23 27.29
C PHE B 329 8.66 -12.09 25.97
N LEU B 330 8.43 -13.00 25.04
CA LEU B 330 9.10 -12.92 23.74
C LEU B 330 8.10 -12.63 22.64
N SER B 331 8.47 -11.72 21.73
CA SER B 331 7.58 -11.37 20.63
C SER B 331 7.64 -12.49 19.60
N THR B 332 6.60 -12.62 18.80
CA THR B 332 6.55 -13.67 17.80
C THR B 332 7.68 -13.58 16.79
N GLU B 333 8.09 -12.36 16.46
CA GLU B 333 9.17 -12.24 15.49
C GLU B 333 10.44 -12.82 16.09
N GLU B 334 10.61 -12.62 17.39
CA GLU B 334 11.77 -13.12 18.11
C GLU B 334 11.64 -14.63 18.33
N LYS B 335 10.42 -15.08 18.64
CA LYS B 335 10.19 -16.51 18.86
C LYS B 335 10.53 -17.30 17.60
N GLU B 336 10.10 -16.80 16.45
CA GLU B 336 10.36 -17.47 15.19
C GLU B 336 11.86 -17.60 14.95
N PHE B 337 12.61 -16.56 15.27
CA PHE B 337 14.05 -16.58 15.09
C PHE B 337 14.67 -17.66 15.97
N LEU B 338 14.25 -17.68 17.23
CA LEU B 338 14.78 -18.65 18.18
C LEU B 338 14.43 -20.07 17.77
N LYS B 339 13.15 -20.32 17.48
CA LYS B 339 12.72 -21.66 17.09
C LYS B 339 13.52 -22.20 15.92
N LYS B 340 14.12 -21.31 15.14
CA LYS B 340 14.94 -21.73 14.01
C LYS B 340 16.30 -22.16 14.54
N LEU B 341 16.87 -21.38 15.45
CA LEU B 341 18.16 -21.73 16.05
C LEU B 341 18.05 -23.12 16.62
N GLN B 342 16.90 -23.39 17.24
CA GLN B 342 16.61 -24.68 17.84
C GLN B 342 16.68 -25.75 16.74
N ILE B 343 16.13 -25.41 15.58
CA ILE B 343 16.14 -26.32 14.44
C ILE B 343 17.58 -26.59 14.03
N ASP B 344 18.39 -25.52 13.97
CA ASP B 344 19.80 -25.64 13.60
C ASP B 344 20.56 -26.57 14.53
N ILE B 345 20.30 -26.45 15.83
CA ILE B 345 20.95 -27.30 16.81
C ILE B 345 20.42 -28.73 16.72
N ARG B 346 19.14 -28.90 16.97
CA ARG B 346 18.50 -30.22 16.93
C ARG B 346 18.66 -30.96 15.62
N ASP B 347 19.12 -30.26 14.58
CA ASP B 347 19.31 -30.87 13.27
C ASP B 347 20.50 -31.82 13.24
N SER B 348 21.15 -32.05 14.38
CA SER B 348 22.32 -32.92 14.39
C SER B 348 22.31 -34.11 15.36
N LEU B 349 22.84 -35.24 14.89
CA LEU B 349 22.96 -36.50 15.64
C LEU B 349 21.66 -37.20 16.08
N SER B 350 21.36 -38.29 15.40
CA SER B 350 20.16 -39.14 15.58
C SER B 350 19.71 -39.52 17.00
N GLU B 351 20.30 -40.59 17.53
CA GLU B 351 19.99 -41.11 18.87
C GLU B 351 19.46 -40.05 19.82
N GLU B 352 20.29 -39.04 20.12
CA GLU B 352 19.85 -37.98 21.02
C GLU B 352 18.62 -37.29 20.43
N GLU B 353 18.66 -36.98 19.15
CA GLU B 353 17.48 -36.33 18.50
C GLU B 353 16.19 -37.07 18.82
N LYS B 354 16.22 -38.36 18.36
CA LYS B 354 15.11 -39.30 18.57
C LYS B 354 14.74 -39.31 20.03
N GLU B 355 15.76 -39.38 20.88
CA GLU B 355 15.58 -39.41 22.34
C GLU B 355 15.10 -38.07 22.92
N LEU B 356 15.87 -37.02 22.66
CA LEU B 356 15.58 -35.68 23.14
C LEU B 356 14.13 -35.26 22.93
N LEU B 357 13.53 -35.68 21.81
CA LEU B 357 12.14 -35.33 21.52
C LEU B 357 11.17 -36.27 22.24
N ASN B 366 5.16 -28.35 31.83
CA ASN B 366 4.09 -27.37 31.80
C ASN B 366 4.64 -25.94 31.77
N PRO B 367 5.16 -25.41 32.91
CA PRO B 367 5.71 -24.03 32.90
C PRO B 367 7.08 -23.89 32.24
N LEU B 368 7.93 -23.09 32.90
CA LEU B 368 9.29 -22.81 32.45
C LEU B 368 10.22 -22.61 33.65
N SER B 369 11.23 -23.46 33.77
CA SER B 369 12.17 -23.36 34.87
C SER B 369 12.77 -21.96 34.94
N GLU B 370 13.11 -21.51 36.13
CA GLU B 370 13.69 -20.18 36.29
C GLU B 370 15.02 -20.05 35.56
N LYS B 371 15.61 -21.17 35.20
CA LYS B 371 16.88 -21.15 34.47
C LYS B 371 16.60 -20.86 33.00
N GLU B 372 15.55 -21.50 32.46
CA GLU B 372 15.16 -21.30 31.06
C GLU B 372 14.71 -19.87 30.82
N LYS B 373 13.97 -19.33 31.79
CA LYS B 373 13.47 -17.97 31.72
C LYS B 373 14.65 -17.01 31.62
N GLU B 374 15.62 -17.17 32.51
CA GLU B 374 16.80 -16.32 32.53
C GLU B 374 17.61 -16.47 31.25
N PHE B 375 17.50 -17.62 30.59
CA PHE B 375 18.24 -17.88 29.35
C PHE B 375 17.59 -17.19 28.15
N LEU B 376 16.27 -17.16 28.14
CA LEU B 376 15.54 -16.53 27.05
C LEU B 376 15.70 -15.01 27.15
N LYS B 377 15.76 -14.51 28.37
CA LYS B 377 15.92 -13.08 28.57
C LYS B 377 17.28 -12.65 28.04
N LYS B 378 18.28 -13.51 28.17
CA LYS B 378 19.60 -13.18 27.66
C LYS B 378 19.56 -13.27 26.13
N LEU B 379 18.91 -14.30 25.62
CA LEU B 379 18.81 -14.50 24.18
C LEU B 379 18.06 -13.35 23.52
N LYS B 380 17.12 -12.77 24.25
CA LYS B 380 16.32 -11.67 23.75
C LYS B 380 17.19 -10.48 23.34
N LEU B 381 18.08 -10.06 24.23
CA LEU B 381 18.97 -8.94 23.96
C LEU B 381 19.91 -9.18 22.80
N ASP B 382 20.48 -10.37 22.74
CA ASP B 382 21.45 -10.70 21.70
C ASP B 382 20.92 -10.96 20.29
N ILE B 383 19.62 -11.13 20.13
CA ILE B 383 19.09 -11.37 18.79
C ILE B 383 18.45 -10.12 18.17
N GLN B 384 18.57 -8.98 18.86
CA GLN B 384 18.02 -7.72 18.36
C GLN B 384 18.88 -7.21 17.20
N PRO B 385 18.26 -6.64 16.16
CA PRO B 385 19.05 -6.13 15.03
C PRO B 385 19.92 -4.94 15.42
N TYR B 386 21.01 -4.74 14.69
CA TYR B 386 21.88 -3.59 14.93
C TYR B 386 21.24 -2.45 14.16
N ASP B 387 20.46 -1.61 14.83
CA ASP B 387 19.78 -0.52 14.17
C ASP B 387 20.15 0.82 14.81
N ILE B 388 21.01 1.57 14.14
CA ILE B 388 21.43 2.86 14.70
C ILE B 388 20.26 3.81 15.01
N ASN B 389 19.32 3.98 14.08
CA ASN B 389 18.22 4.86 14.36
C ASN B 389 17.30 4.32 15.46
N GLN B 390 17.14 3.00 15.51
CA GLN B 390 16.28 2.42 16.52
C GLN B 390 16.85 2.70 17.91
N ARG B 391 18.19 2.75 17.98
CA ARG B 391 18.91 2.99 19.22
C ARG B 391 18.68 4.41 19.72
N LEU B 392 18.81 5.36 18.81
CA LEU B 392 18.63 6.76 19.18
C LEU B 392 17.20 6.98 19.68
N GLN B 393 16.25 6.36 18.99
CA GLN B 393 14.84 6.48 19.34
C GLN B 393 14.47 5.84 20.68
N ASP B 394 14.88 4.58 20.89
CA ASP B 394 14.59 3.88 22.15
C ASP B 394 15.23 4.55 23.36
N THR B 395 16.32 5.27 23.14
CA THR B 395 16.98 5.96 24.25
C THR B 395 16.73 7.47 24.20
N GLY B 396 16.06 7.92 23.14
CA GLY B 396 15.82 9.34 23.01
C GLY B 396 17.13 10.10 23.07
N GLY B 397 18.18 9.51 22.55
CA GLY B 397 19.48 10.16 22.57
C GLY B 397 20.40 9.83 23.74
N LEU B 398 19.87 9.32 24.85
CA LEU B 398 20.72 8.97 25.99
C LEU B 398 21.46 7.68 25.66
N ILE B 399 22.36 7.77 24.69
CA ILE B 399 23.10 6.61 24.23
C ILE B 399 24.00 5.89 25.23
N ASP B 400 24.34 6.55 26.33
CA ASP B 400 25.17 5.89 27.33
C ASP B 400 24.28 5.06 28.22
N SER B 401 22.97 5.20 28.02
CA SER B 401 21.99 4.45 28.78
C SER B 401 22.36 2.96 28.78
N PRO B 402 22.61 2.37 29.96
CA PRO B 402 23.00 0.97 30.16
C PRO B 402 21.98 -0.12 29.84
N SER B 403 21.09 0.15 28.90
CA SER B 403 20.07 -0.81 28.53
C SER B 403 20.59 -1.97 27.67
N ILE B 404 21.82 -1.87 27.22
CA ILE B 404 22.43 -2.92 26.39
C ILE B 404 23.88 -3.23 26.79
N ASN B 405 24.38 -4.39 26.38
CA ASN B 405 25.75 -4.79 26.69
C ASN B 405 26.76 -3.73 26.24
N LEU B 406 27.74 -3.49 27.09
CA LEU B 406 28.80 -2.49 26.89
C LEU B 406 29.43 -2.41 25.49
N ASP B 407 29.76 -3.55 24.90
CA ASP B 407 30.38 -3.53 23.59
C ASP B 407 29.46 -2.94 22.53
N VAL B 408 28.25 -3.45 22.44
CA VAL B 408 27.31 -2.94 21.44
C VAL B 408 26.98 -1.47 21.69
N ARG B 409 27.03 -1.08 22.96
CA ARG B 409 26.74 0.29 23.36
C ARG B 409 27.83 1.17 22.79
N LYS B 410 29.08 0.71 22.86
CA LYS B 410 30.19 1.48 22.34
C LYS B 410 30.22 1.52 20.83
N GLN B 411 29.80 0.42 20.20
CA GLN B 411 29.76 0.37 18.74
C GLN B 411 28.82 1.47 18.24
N TYR B 412 27.62 1.52 18.81
CA TYR B 412 26.62 2.51 18.45
C TYR B 412 27.11 3.95 18.66
N LYS B 413 27.76 4.18 19.79
CA LYS B 413 28.25 5.51 20.10
C LYS B 413 29.26 6.00 19.06
N ARG B 414 30.13 5.11 18.64
CA ARG B 414 31.17 5.41 17.66
C ARG B 414 30.54 5.76 16.32
N ASP B 415 29.70 4.86 15.81
CA ASP B 415 29.03 5.09 14.54
C ASP B 415 28.27 6.42 14.57
N ILE B 416 27.57 6.67 15.68
CA ILE B 416 26.78 7.89 15.82
C ILE B 416 27.65 9.15 15.78
N GLN B 417 28.78 9.15 16.48
CA GLN B 417 29.61 10.33 16.49
C GLN B 417 30.27 10.56 15.12
N ASN B 418 30.34 9.50 14.33
CA ASN B 418 30.92 9.61 12.99
C ASN B 418 29.90 10.15 12.01
N ILE B 419 28.68 9.65 12.11
CA ILE B 419 27.62 10.12 11.22
C ILE B 419 27.37 11.58 11.52
N ASP B 420 27.53 11.98 12.78
CA ASP B 420 27.35 13.38 13.12
C ASP B 420 28.39 14.21 12.37
N ALA B 421 29.66 13.80 12.41
CA ALA B 421 30.71 14.55 11.72
C ALA B 421 30.47 14.56 10.21
N LEU B 422 29.80 13.52 9.74
CA LEU B 422 29.50 13.39 8.32
C LEU B 422 28.52 14.46 7.83
N LEU B 423 27.43 14.63 8.56
CA LEU B 423 26.40 15.58 8.17
C LEU B 423 26.67 17.01 8.64
N HIS B 424 27.66 17.66 8.02
CA HIS B 424 27.97 19.04 8.38
C HIS B 424 27.45 20.08 7.37
N GLN B 425 27.34 19.72 6.10
CA GLN B 425 26.88 20.67 5.09
C GLN B 425 25.42 21.06 5.28
N SER B 426 25.18 22.34 5.56
CA SER B 426 23.82 22.84 5.73
C SER B 426 23.13 22.85 4.35
N ILE B 427 21.82 23.02 4.36
CA ILE B 427 21.02 22.99 3.14
C ILE B 427 20.93 24.31 2.36
N GLY B 428 21.03 25.44 3.05
CA GLY B 428 20.95 26.73 2.39
C GLY B 428 21.77 26.81 1.12
N SER B 429 21.25 27.49 0.09
CA SER B 429 21.98 27.61 -1.17
C SER B 429 21.55 28.82 -1.99
N THR B 430 22.34 29.15 -3.00
CA THR B 430 22.04 30.26 -3.89
C THR B 430 21.10 29.73 -4.97
N LEU B 431 21.12 28.41 -5.16
CA LEU B 431 20.27 27.76 -6.16
C LEU B 431 18.79 27.81 -5.83
N TYR B 432 18.45 28.06 -4.56
CA TYR B 432 17.05 28.09 -4.18
C TYR B 432 16.66 28.80 -2.89
N ASN B 433 15.35 29.00 -2.73
CA ASN B 433 14.72 29.64 -1.59
C ASN B 433 14.24 28.58 -0.58
N LYS B 434 13.00 28.70 -0.08
CA LYS B 434 12.46 27.73 0.88
C LYS B 434 12.46 26.30 0.38
N ILE B 435 12.76 25.36 1.27
CA ILE B 435 12.81 23.93 0.92
C ILE B 435 11.92 23.03 1.79
N TYR B 436 11.07 22.23 1.15
CA TYR B 436 10.23 21.31 1.88
C TYR B 436 10.62 19.88 1.51
N LEU B 437 10.70 19.02 2.52
CA LEU B 437 11.05 17.62 2.30
C LEU B 437 9.89 16.80 2.85
N TYR B 438 9.82 15.53 2.44
CA TYR B 438 8.67 14.70 2.83
C TYR B 438 8.95 13.41 3.59
N GLU B 439 7.98 12.98 4.39
CA GLU B 439 8.12 11.74 5.16
C GLU B 439 6.79 11.05 5.42
N ASN B 440 6.68 9.83 4.91
CA ASN B 440 5.51 8.98 5.08
C ASN B 440 5.72 8.25 6.41
N MET B 441 4.75 8.29 7.31
CA MET B 441 4.93 7.63 8.60
C MET B 441 3.78 6.75 9.05
N ASN B 442 4.12 5.73 9.82
CA ASN B 442 3.11 4.83 10.37
C ASN B 442 2.63 5.53 11.65
N ILE B 443 1.31 5.59 11.87
CA ILE B 443 0.80 6.28 13.05
C ILE B 443 1.07 5.55 14.39
N ASN B 444 1.40 4.26 14.30
CA ASN B 444 1.65 3.48 15.50
C ASN B 444 2.95 3.88 16.19
N ASN B 445 3.85 4.52 15.46
CA ASN B 445 5.12 4.96 16.05
C ASN B 445 4.85 6.13 16.99
N LEU B 446 3.73 6.82 16.76
CA LEU B 446 3.35 7.95 17.58
C LEU B 446 2.38 7.53 18.68
N THR B 447 1.42 6.67 18.32
CA THR B 447 0.43 6.19 19.28
C THR B 447 -0.37 5.06 18.67
N ALA B 448 0.01 3.85 19.03
CA ALA B 448 -0.66 2.65 18.56
C ALA B 448 -2.11 2.61 19.05
N THR B 449 -2.35 3.24 20.20
CA THR B 449 -3.67 3.30 20.78
C THR B 449 -4.62 3.91 19.76
N LEU B 450 -4.36 5.13 19.30
CA LEU B 450 -5.26 5.72 18.31
C LEU B 450 -5.07 5.01 16.97
N GLY B 451 -3.88 4.47 16.73
CA GLY B 451 -3.63 3.80 15.47
C GLY B 451 -4.50 2.58 15.25
N ALA B 452 -5.03 2.03 16.34
CA ALA B 452 -5.87 0.84 16.21
C ALA B 452 -7.22 1.13 15.56
N ASP B 453 -7.67 2.38 15.62
CA ASP B 453 -8.96 2.73 15.02
C ASP B 453 -8.92 3.91 14.08
N LEU B 454 -7.76 4.18 13.49
CA LEU B 454 -7.62 5.31 12.57
C LEU B 454 -8.33 5.06 11.25
N VAL B 455 -7.98 3.96 10.60
CA VAL B 455 -8.57 3.61 9.32
C VAL B 455 -10.01 3.20 9.53
N ASP B 456 -10.88 3.67 8.64
CA ASP B 456 -12.29 3.33 8.73
C ASP B 456 -12.41 1.85 8.38
N SER B 457 -12.97 1.08 9.31
CA SER B 457 -13.14 -0.36 9.16
C SER B 457 -13.94 -0.80 7.93
N THR B 458 -14.88 0.05 7.49
CA THR B 458 -15.72 -0.23 6.32
C THR B 458 -15.02 0.07 5.01
N ASP B 459 -14.54 1.31 4.88
CA ASP B 459 -13.85 1.72 3.66
C ASP B 459 -12.43 2.12 4.02
N ASN B 460 -11.46 1.31 3.63
CA ASN B 460 -10.06 1.60 3.95
C ASN B 460 -9.54 2.94 3.44
N THR B 461 -10.01 3.39 2.29
CA THR B 461 -9.57 4.67 1.73
C THR B 461 -9.94 5.85 2.63
N LYS B 462 -10.80 5.62 3.61
CA LYS B 462 -11.20 6.70 4.51
C LYS B 462 -10.57 6.61 5.88
N ILE B 463 -10.52 7.76 6.54
CA ILE B 463 -9.96 7.96 7.88
C ILE B 463 -11.09 8.29 8.85
N ASN B 464 -11.11 7.67 10.04
CA ASN B 464 -12.15 7.95 11.04
C ASN B 464 -11.96 9.31 11.70
N ARG B 465 -12.76 10.29 11.28
CA ARG B 465 -12.71 11.64 11.83
C ARG B 465 -12.61 11.68 13.36
N GLY B 466 -13.25 10.71 14.01
CA GLY B 466 -13.17 10.68 15.46
C GLY B 466 -11.74 10.56 15.94
N ILE B 467 -11.09 9.45 15.61
CA ILE B 467 -9.71 9.23 16.03
C ILE B 467 -8.82 10.33 15.50
N PHE B 468 -9.18 10.90 14.35
CA PHE B 468 -8.37 11.97 13.80
C PHE B 468 -8.32 13.14 14.75
N ASN B 469 -9.49 13.58 15.20
CA ASN B 469 -9.54 14.71 16.10
C ASN B 469 -8.70 14.50 17.33
N GLU B 470 -8.68 13.29 17.86
CA GLU B 470 -7.87 13.02 19.03
C GLU B 470 -6.40 13.13 18.68
N PHE B 471 -6.02 12.53 17.54
CA PHE B 471 -4.63 12.58 17.10
C PHE B 471 -4.12 14.01 17.02
N LYS B 472 -5.01 14.92 16.67
CA LYS B 472 -4.67 16.33 16.48
C LYS B 472 -4.76 17.19 17.75
N LYS B 473 -5.73 16.89 18.59
CA LYS B 473 -5.99 17.63 19.83
C LYS B 473 -4.81 18.33 20.48
N ASN B 474 -3.77 17.58 20.87
CA ASN B 474 -2.63 18.22 21.53
C ASN B 474 -1.29 18.00 20.84
N PHE B 475 -1.28 18.23 19.53
CA PHE B 475 -0.08 18.01 18.75
C PHE B 475 0.55 19.33 18.27
N LYS B 476 1.29 19.97 19.18
CA LYS B 476 1.93 21.24 18.88
C LYS B 476 3.40 21.11 18.48
N TYR B 477 4.14 20.23 19.12
CA TYR B 477 5.55 20.09 18.77
C TYR B 477 6.05 18.68 18.75
N SER B 478 7.07 18.46 17.93
CA SER B 478 7.69 17.16 17.71
C SER B 478 9.23 17.20 17.86
N ILE B 479 9.80 16.08 18.27
CA ILE B 479 11.25 15.98 18.46
C ILE B 479 11.82 14.83 17.65
N SER B 480 12.99 15.04 17.06
CA SER B 480 13.63 13.97 16.33
C SER B 480 14.96 13.66 17.02
N SER B 481 15.04 12.49 17.63
CA SER B 481 16.27 12.11 18.31
C SER B 481 17.14 11.27 17.39
N ASN B 482 16.55 10.69 16.36
CA ASN B 482 17.36 9.91 15.43
C ASN B 482 17.53 10.70 14.13
N TYR B 483 18.11 10.08 13.11
CA TYR B 483 18.31 10.78 11.85
C TYR B 483 17.13 10.59 10.92
N MET B 484 16.38 11.65 10.66
CA MET B 484 15.26 11.52 9.76
C MET B 484 15.76 11.27 8.34
N ILE B 485 15.08 10.39 7.62
CA ILE B 485 15.40 10.09 6.23
C ILE B 485 14.18 10.54 5.45
N VAL B 486 14.29 11.69 4.80
CA VAL B 486 13.18 12.27 4.08
C VAL B 486 13.27 12.21 2.55
N ASP B 487 12.23 12.67 1.87
CA ASP B 487 12.22 12.67 0.41
C ASP B 487 12.21 14.10 -0.15
N ILE B 488 12.93 14.29 -1.27
CA ILE B 488 13.01 15.58 -1.95
C ILE B 488 11.64 15.94 -2.57
N ASN B 489 11.00 14.95 -3.17
CA ASN B 489 9.67 15.10 -3.80
C ASN B 489 8.75 14.03 -3.18
N GLU B 490 7.55 14.42 -2.78
CA GLU B 490 6.65 13.48 -2.14
C GLU B 490 6.40 12.21 -2.92
N ARG B 491 6.38 11.10 -2.19
CA ARG B 491 6.19 9.79 -2.80
C ARG B 491 5.04 8.95 -2.24
N PRO B 492 4.62 7.92 -2.98
CA PRO B 492 3.52 7.09 -2.46
C PRO B 492 3.93 6.29 -1.21
N ALA B 493 3.01 6.18 -0.25
CA ALA B 493 3.24 5.48 1.02
C ALA B 493 2.76 4.04 1.03
N LEU B 494 3.17 3.31 2.07
CA LEU B 494 2.77 1.90 2.27
C LEU B 494 1.47 1.88 3.03
N ASP B 495 0.78 0.74 3.00
CA ASP B 495 -0.51 0.59 3.68
C ASP B 495 -0.54 1.17 5.10
N ASN B 496 0.45 0.84 5.93
CA ASN B 496 0.46 1.32 7.32
C ASN B 496 0.95 2.73 7.52
N GLU B 497 1.40 3.38 6.45
CA GLU B 497 1.84 4.76 6.59
C GLU B 497 0.69 5.69 6.18
N ARG B 498 -0.10 6.15 7.15
CA ARG B 498 -1.20 7.06 6.85
C ARG B 498 -0.91 8.50 7.20
N LEU B 499 0.33 8.77 7.62
CA LEU B 499 0.74 10.11 7.96
C LEU B 499 1.68 10.61 6.86
N LYS B 500 1.49 11.87 6.44
CA LYS B 500 2.35 12.47 5.41
C LYS B 500 2.92 13.81 5.87
N TRP B 501 4.19 13.78 6.29
CA TRP B 501 4.83 14.99 6.75
C TRP B 501 5.44 15.84 5.64
N ARG B 502 5.18 17.15 5.73
CA ARG B 502 5.77 18.11 4.82
C ARG B 502 6.57 19.01 5.77
N ILE B 503 7.90 18.88 5.68
CA ILE B 503 8.80 19.64 6.57
C ILE B 503 9.48 20.83 5.91
N GLN B 504 9.32 22.00 6.51
CA GLN B 504 9.99 23.19 6.01
C GLN B 504 11.35 23.25 6.72
N LEU B 505 12.44 23.08 5.98
CA LEU B 505 13.75 23.12 6.62
C LEU B 505 14.25 24.52 6.87
N SER B 506 15.27 24.57 7.73
CA SER B 506 15.94 25.82 8.06
C SER B 506 17.15 25.85 7.17
N PRO B 507 17.55 27.04 6.70
CA PRO B 507 18.73 27.04 5.85
C PRO B 507 19.96 26.57 6.64
N ASP B 508 19.82 26.54 7.97
CA ASP B 508 20.90 26.11 8.87
C ASP B 508 20.86 24.62 9.21
N THR B 509 19.82 23.95 8.76
CA THR B 509 19.70 22.52 9.05
C THR B 509 20.74 21.76 8.26
N ARG B 510 21.39 20.81 8.92
CA ARG B 510 22.42 20.02 8.27
C ARG B 510 21.87 18.69 7.75
N ALA B 511 22.18 18.39 6.51
CA ALA B 511 21.71 17.16 5.91
C ALA B 511 22.72 16.62 4.94
N GLY B 512 22.59 15.32 4.64
CA GLY B 512 23.45 14.65 3.68
C GLY B 512 22.60 14.17 2.52
N TYR B 513 23.20 14.09 1.34
CA TYR B 513 22.47 13.67 0.16
C TYR B 513 22.56 12.18 -0.19
N LEU B 514 21.41 11.54 -0.43
CA LEU B 514 21.38 10.13 -0.82
C LEU B 514 20.94 10.10 -2.29
N GLU B 515 21.51 9.17 -3.07
CA GLU B 515 21.22 9.10 -4.51
C GLU B 515 19.82 8.74 -4.97
N ASN B 516 19.05 8.06 -4.12
CA ASN B 516 17.70 7.71 -4.49
C ASN B 516 16.79 8.93 -4.34
N GLY B 517 17.38 10.12 -4.27
CA GLY B 517 16.60 11.34 -4.15
C GLY B 517 16.09 11.64 -2.74
N LYS B 518 16.83 11.15 -1.76
CA LYS B 518 16.47 11.35 -0.37
C LYS B 518 17.54 12.17 0.38
N LEU B 519 17.19 12.68 1.54
CA LEU B 519 18.15 13.40 2.36
C LEU B 519 18.14 12.79 3.75
N ILE B 520 19.29 12.83 4.42
CA ILE B 520 19.36 12.33 5.78
C ILE B 520 19.62 13.57 6.63
N LEU B 521 18.74 13.84 7.58
CA LEU B 521 18.90 15.01 8.43
C LEU B 521 19.63 14.71 9.71
N GLN B 522 20.23 15.76 10.27
CA GLN B 522 20.97 15.69 11.53
C GLN B 522 20.03 15.37 12.70
N ARG B 523 20.47 14.57 13.66
CA ARG B 523 19.64 14.24 14.82
C ARG B 523 19.47 15.48 15.71
N ASN B 524 18.70 15.34 16.79
CA ASN B 524 18.47 16.44 17.73
C ASN B 524 17.99 17.73 17.06
N ILE B 525 16.83 17.60 16.42
CA ILE B 525 16.20 18.68 15.69
C ILE B 525 14.78 18.92 16.27
N GLY B 526 14.36 20.17 16.31
CA GLY B 526 13.03 20.47 16.83
C GLY B 526 12.02 20.57 15.70
N LEU B 527 10.75 20.33 16.02
CA LEU B 527 9.69 20.42 15.01
C LEU B 527 8.41 21.05 15.52
N GLU B 528 8.16 22.27 15.07
CA GLU B 528 6.95 22.98 15.45
C GLU B 528 5.84 22.51 14.50
N ILE B 529 4.71 22.04 15.03
CA ILE B 529 3.61 21.61 14.18
C ILE B 529 2.76 22.81 13.78
N LYS B 530 2.65 23.05 12.47
CA LYS B 530 1.91 24.20 11.96
C LYS B 530 0.45 23.95 11.59
N ASP B 531 0.15 22.76 11.09
CA ASP B 531 -1.19 22.45 10.66
C ASP B 531 -1.31 20.93 10.54
N VAL B 532 -2.48 20.42 10.92
CA VAL B 532 -2.77 18.98 10.83
C VAL B 532 -4.14 18.80 10.19
N GLN B 533 -4.17 18.30 8.97
CA GLN B 533 -5.43 18.13 8.26
C GLN B 533 -5.60 16.82 7.48
N ILE B 534 -6.80 16.58 6.97
CA ILE B 534 -7.07 15.37 6.20
C ILE B 534 -7.06 15.73 4.72
N ILE B 535 -6.17 15.10 3.97
CA ILE B 535 -6.09 15.39 2.55
C ILE B 535 -6.27 14.12 1.75
N LYS B 536 -6.32 14.27 0.43
CA LYS B 536 -6.49 13.11 -0.43
C LYS B 536 -5.35 13.01 -1.42
N GLN B 537 -4.75 11.84 -1.51
CA GLN B 537 -3.67 11.65 -2.45
C GLN B 537 -3.90 10.30 -3.12
N SER B 538 -3.89 10.28 -4.45
CA SER B 538 -4.12 9.06 -5.21
C SER B 538 -5.35 8.31 -4.71
N GLU B 539 -6.41 9.08 -4.50
CA GLU B 539 -7.69 8.58 -4.04
C GLU B 539 -7.75 7.95 -2.66
N LYS B 540 -6.67 8.04 -1.91
CA LYS B 540 -6.67 7.50 -0.56
C LYS B 540 -6.51 8.68 0.41
N GLU B 541 -7.12 8.57 1.59
CA GLU B 541 -7.03 9.64 2.60
C GLU B 541 -5.83 9.50 3.55
N TYR B 542 -5.17 10.62 3.83
CA TYR B 542 -4.01 10.63 4.72
C TYR B 542 -4.11 11.81 5.65
N ILE B 543 -3.29 11.79 6.69
CA ILE B 543 -3.24 12.91 7.61
C ILE B 543 -1.98 13.72 7.24
N ARG B 544 -2.19 14.93 6.72
CA ARG B 544 -1.09 15.82 6.34
C ARG B 544 -0.58 16.55 7.57
N ILE B 545 0.72 16.50 7.79
CA ILE B 545 1.30 17.18 8.94
C ILE B 545 2.29 18.22 8.47
N ASP B 546 1.96 19.50 8.64
CA ASP B 546 2.90 20.54 8.24
C ASP B 546 3.76 20.96 9.44
N ALA B 547 5.05 20.71 9.33
CA ALA B 547 5.99 21.05 10.39
C ALA B 547 7.13 21.98 9.91
N LYS B 548 7.61 22.81 10.83
CA LYS B 548 8.73 23.71 10.52
C LYS B 548 9.89 23.33 11.42
N VAL B 549 11.06 23.10 10.84
CA VAL B 549 12.20 22.74 11.67
C VAL B 549 12.58 23.92 12.56
N VAL B 550 12.86 23.65 13.82
CA VAL B 550 13.26 24.70 14.74
C VAL B 550 14.31 24.16 15.69
N PRO B 551 15.01 25.06 16.38
CA PRO B 551 16.04 24.59 17.32
C PRO B 551 15.36 23.68 18.35
N LYS B 552 15.86 22.47 18.53
CA LYS B 552 15.30 21.54 19.48
C LYS B 552 15.23 22.15 20.88
N SER B 553 16.23 22.97 21.22
CA SER B 553 16.29 23.61 22.53
C SER B 553 15.02 24.34 22.83
N LYS B 554 14.41 24.89 21.78
CA LYS B 554 13.15 25.62 21.89
C LYS B 554 12.05 24.71 22.38
N ILE B 555 12.05 23.48 21.89
CA ILE B 555 11.04 22.54 22.32
C ILE B 555 11.32 21.98 23.71
N ASP B 556 12.58 21.81 24.04
CA ASP B 556 12.95 21.29 25.35
C ASP B 556 12.51 22.20 26.50
N THR B 557 12.78 23.52 26.42
CA THR B 557 12.38 24.37 27.56
C THR B 557 10.86 24.37 27.74
N LYS B 558 10.11 24.10 26.68
CA LYS B 558 8.64 24.02 26.82
C LYS B 558 8.32 22.81 27.74
N ILE B 559 8.98 21.69 27.45
CA ILE B 559 8.78 20.49 28.23
C ILE B 559 9.20 20.73 29.70
N GLN B 560 10.36 21.34 29.89
CA GLN B 560 10.84 21.67 31.20
C GLN B 560 9.78 22.49 31.93
N GLU B 561 9.25 23.50 31.26
CA GLU B 561 8.22 24.36 31.85
C GLU B 561 6.97 23.58 32.27
N ALA B 562 6.46 22.75 31.35
CA ALA B 562 5.30 21.95 31.65
C ALA B 562 5.56 21.10 32.89
N GLN B 563 6.66 20.38 32.92
CA GLN B 563 6.97 19.55 34.08
C GLN B 563 6.84 20.34 35.39
N LEU B 564 7.48 21.50 35.46
CA LEU B 564 7.37 22.30 36.66
C LEU B 564 5.90 22.59 36.93
N ASN B 565 5.20 23.04 35.89
CA ASN B 565 3.80 23.38 36.03
C ASN B 565 2.93 22.25 36.55
N ILE B 566 3.03 21.06 35.95
CA ILE B 566 2.19 19.96 36.38
C ILE B 566 2.52 19.51 37.81
N ASN B 567 3.74 19.74 38.26
CA ASN B 567 4.11 19.36 39.62
C ASN B 567 3.50 20.32 40.64
N GLN B 568 3.49 21.60 40.29
CA GLN B 568 2.93 22.62 41.17
C GLN B 568 1.42 22.38 41.30
N GLU B 569 0.79 21.98 40.21
CA GLU B 569 -0.64 21.72 40.22
C GLU B 569 -1.04 20.50 41.05
N TRP B 570 -0.32 19.38 40.92
CA TRP B 570 -0.70 18.20 41.69
C TRP B 570 -0.23 18.21 43.15
N ASN B 571 0.90 18.84 43.44
CA ASN B 571 1.35 18.92 44.84
C ASN B 571 0.21 19.56 45.62
N LYS B 572 -0.39 20.58 45.03
CA LYS B 572 -1.48 21.28 45.68
C LYS B 572 -2.71 20.38 45.83
N ALA B 573 -3.12 19.75 44.74
CA ALA B 573 -4.29 18.88 44.72
C ALA B 573 -4.19 17.68 45.66
N LEU B 574 -2.97 17.22 45.94
CA LEU B 574 -2.80 16.05 46.81
C LEU B 574 -2.36 16.45 48.22
N GLY B 575 -2.22 17.75 48.44
CA GLY B 575 -1.80 18.22 49.74
C GLY B 575 -0.37 17.85 50.08
N LEU B 576 0.40 17.48 49.06
CA LEU B 576 1.81 17.15 49.25
C LEU B 576 2.58 18.45 49.52
N PRO B 577 3.73 18.36 50.20
CA PRO B 577 4.55 19.54 50.50
C PRO B 577 4.93 20.31 49.22
N LYS B 578 4.97 21.64 49.31
CA LYS B 578 5.37 22.48 48.17
C LYS B 578 6.82 22.13 47.79
N TYR B 579 7.11 22.08 46.49
CA TYR B 579 8.45 21.76 46.00
C TYR B 579 8.68 20.27 45.91
N THR B 580 7.63 19.49 46.07
CA THR B 580 7.75 18.05 45.97
C THR B 580 7.97 17.72 44.51
N LYS B 581 8.87 16.79 44.24
CA LYS B 581 9.16 16.36 42.89
C LYS B 581 8.53 14.99 42.68
N LEU B 582 7.29 14.97 42.24
CA LEU B 582 6.60 13.71 42.02
C LEU B 582 6.55 13.31 40.56
N ILE B 583 6.17 14.23 39.69
CA ILE B 583 6.04 13.92 38.27
C ILE B 583 7.27 14.21 37.40
N THR B 584 7.60 13.29 36.49
CA THR B 584 8.74 13.48 35.60
C THR B 584 8.35 13.27 34.14
N PHE B 585 8.85 14.15 33.28
CA PHE B 585 8.59 14.08 31.86
C PHE B 585 9.92 13.66 31.24
N ASN B 586 9.90 12.61 30.44
CA ASN B 586 11.11 12.13 29.78
C ASN B 586 10.72 11.94 28.33
N VAL B 587 10.67 13.06 27.61
CA VAL B 587 10.24 13.11 26.20
C VAL B 587 11.35 13.42 25.21
N HIS B 588 11.42 12.64 24.13
CA HIS B 588 12.45 12.80 23.11
C HIS B 588 12.02 12.48 21.68
N ASN B 589 10.78 12.06 21.48
CA ASN B 589 10.37 11.68 20.14
C ASN B 589 9.32 12.48 19.38
N ARG B 590 8.96 11.96 18.21
CA ARG B 590 8.05 12.65 17.31
C ARG B 590 6.63 13.03 17.73
N TYR B 591 6.15 12.58 18.88
CA TYR B 591 4.80 12.93 19.32
C TYR B 591 4.89 13.62 20.69
N ALA B 592 6.04 14.25 20.91
CA ALA B 592 6.40 14.93 22.15
C ALA B 592 5.29 15.63 22.89
N SER B 593 4.76 16.71 22.32
CA SER B 593 3.70 17.47 22.97
C SER B 593 2.54 16.64 23.53
N ASN B 594 2.18 15.56 22.84
CA ASN B 594 1.06 14.75 23.30
C ASN B 594 1.38 13.92 24.53
N ILE B 595 2.64 13.56 24.72
CA ILE B 595 3.00 12.80 25.91
C ILE B 595 2.77 13.73 27.10
N VAL B 596 3.21 14.97 26.96
CA VAL B 596 3.07 15.97 28.02
C VAL B 596 1.61 16.28 28.36
N GLU B 597 0.79 16.52 27.34
CA GLU B 597 -0.62 16.83 27.55
C GLU B 597 -1.42 15.67 28.12
N SER B 598 -1.11 14.45 27.67
CA SER B 598 -1.85 13.30 28.15
C SER B 598 -1.67 13.13 29.65
N ALA B 599 -0.46 13.38 30.15
CA ALA B 599 -0.18 13.23 31.57
C ALA B 599 -1.20 13.98 32.44
N TYR B 600 -1.63 15.16 31.98
CA TYR B 600 -2.62 15.92 32.75
C TYR B 600 -3.94 15.17 32.76
N LEU B 601 -4.36 14.73 31.57
CA LEU B 601 -5.60 13.99 31.41
C LEU B 601 -5.59 12.69 32.18
N ILE B 602 -4.46 12.00 32.14
CA ILE B 602 -4.30 10.74 32.83
C ILE B 602 -4.44 10.87 34.33
N LEU B 603 -3.72 11.80 34.93
CA LEU B 603 -3.81 11.96 36.37
C LEU B 603 -5.21 12.39 36.79
N ASN B 604 -5.94 13.01 35.88
CA ASN B 604 -7.31 13.44 36.16
C ASN B 604 -8.20 12.21 36.33
N GLU B 605 -8.10 11.27 35.40
CA GLU B 605 -8.87 10.03 35.45
C GLU B 605 -8.60 9.33 36.77
N TRP B 606 -7.34 9.32 37.15
CA TRP B 606 -6.88 8.69 38.38
C TRP B 606 -7.60 9.25 39.61
N LYS B 607 -7.57 10.58 39.74
CA LYS B 607 -8.19 11.30 40.85
C LYS B 607 -9.72 11.17 40.89
N ASN B 608 -10.34 11.06 39.72
CA ASN B 608 -11.78 10.94 39.62
C ASN B 608 -12.31 9.56 39.93
N ASN B 609 -11.45 8.54 39.85
CA ASN B 609 -11.90 7.17 40.06
C ASN B 609 -11.36 6.48 41.29
N ILE B 610 -10.81 7.23 42.24
CA ILE B 610 -10.27 6.59 43.43
C ILE B 610 -10.39 7.52 44.61
N GLN B 611 -10.74 6.95 45.76
CA GLN B 611 -10.92 7.71 46.98
C GLN B 611 -9.71 8.59 47.32
N SER B 612 -9.98 9.88 47.51
CA SER B 612 -8.95 10.85 47.84
C SER B 612 -7.97 10.33 48.88
N ASP B 613 -8.48 9.67 49.92
CA ASP B 613 -7.62 9.14 50.98
C ASP B 613 -6.71 8.00 50.57
N LEU B 614 -7.17 7.17 49.63
CA LEU B 614 -6.35 6.06 49.15
C LEU B 614 -5.17 6.64 48.37
N ILE B 615 -5.46 7.67 47.57
CA ILE B 615 -4.47 8.38 46.77
C ILE B 615 -3.41 8.98 47.69
N LYS B 616 -3.83 9.85 48.62
CA LYS B 616 -2.88 10.47 49.54
C LYS B 616 -2.00 9.43 50.18
N LYS B 617 -2.64 8.60 50.99
CA LYS B 617 -1.94 7.54 51.72
C LYS B 617 -0.91 6.83 50.87
N VAL B 618 -1.32 6.33 49.73
CA VAL B 618 -0.41 5.60 48.86
C VAL B 618 0.69 6.48 48.26
N THR B 619 0.29 7.61 47.69
CA THR B 619 1.24 8.53 47.08
C THR B 619 2.30 8.99 48.08
N ASN B 620 1.85 9.31 49.29
CA ASN B 620 2.78 9.77 50.32
C ASN B 620 3.80 8.69 50.57
N TYR B 621 3.34 7.44 50.60
CA TYR B 621 4.26 6.33 50.79
C TYR B 621 5.30 6.38 49.66
N LEU B 622 4.84 6.63 48.43
CA LEU B 622 5.72 6.71 47.27
C LEU B 622 6.69 7.88 47.37
N VAL B 623 6.19 9.04 47.79
CA VAL B 623 7.07 10.18 47.94
C VAL B 623 8.11 9.87 49.00
N ASP B 624 7.69 9.29 50.13
CA ASP B 624 8.63 8.96 51.20
C ASP B 624 9.81 8.13 50.67
N GLY B 625 9.62 7.45 49.55
CA GLY B 625 10.70 6.66 48.98
C GLY B 625 11.29 7.33 47.74
N ASN B 626 11.06 8.63 47.62
CA ASN B 626 11.57 9.42 46.49
C ASN B 626 11.07 8.89 45.14
N GLY B 627 9.89 8.26 45.14
CA GLY B 627 9.33 7.72 43.91
C GLY B 627 8.90 8.76 42.90
N ARG B 628 8.51 8.32 41.71
CA ARG B 628 8.07 9.23 40.66
C ARG B 628 7.02 8.64 39.75
N PHE B 629 6.25 9.53 39.12
CA PHE B 629 5.29 9.11 38.10
C PHE B 629 6.04 9.63 36.87
N VAL B 630 6.59 8.69 36.10
CA VAL B 630 7.34 9.01 34.90
C VAL B 630 6.53 8.85 33.63
N PHE B 631 6.37 9.94 32.87
CA PHE B 631 5.68 9.87 31.58
C PHE B 631 6.77 10.00 30.52
N THR B 632 6.96 8.97 29.72
CA THR B 632 8.04 9.01 28.73
C THR B 632 7.63 8.45 27.39
N ASP B 633 8.44 8.72 26.37
CA ASP B 633 8.22 8.21 25.03
C ASP B 633 9.46 7.45 24.57
N ILE B 634 10.32 7.08 25.52
CA ILE B 634 11.47 6.25 25.18
C ILE B 634 11.17 4.93 25.88
N THR B 635 11.78 3.84 25.46
CA THR B 635 11.48 2.55 26.07
C THR B 635 11.88 2.40 27.56
N LEU B 636 10.98 1.80 28.34
CA LEU B 636 11.15 1.62 29.77
C LEU B 636 12.55 1.18 30.24
N PRO B 637 13.15 0.20 29.57
CA PRO B 637 14.49 -0.25 29.95
C PRO B 637 15.48 0.90 30.02
N ASN B 638 15.09 2.04 29.47
CA ASN B 638 16.00 3.19 29.44
C ASN B 638 15.66 4.28 30.45
N ILE B 639 14.74 3.99 31.37
CA ILE B 639 14.43 4.92 32.42
C ILE B 639 15.30 4.58 33.64
N ALA B 640 15.88 5.62 34.28
CA ALA B 640 16.77 5.48 35.44
C ALA B 640 16.08 4.99 36.70
N GLU B 641 14.77 4.98 36.69
CA GLU B 641 14.04 4.54 37.85
C GLU B 641 13.97 3.03 37.92
N GLN B 642 14.19 2.44 36.75
CA GLN B 642 14.17 0.99 36.60
C GLN B 642 15.55 0.31 36.50
N TYR B 643 16.39 0.80 35.59
CA TYR B 643 17.68 0.12 35.35
C TYR B 643 18.68 0.23 36.48
N THR B 644 18.66 1.29 37.26
CA THR B 644 19.63 1.44 38.36
C THR B 644 19.37 0.38 39.42
N HIS B 645 18.13 -0.09 39.47
CA HIS B 645 17.72 -1.05 40.47
C HIS B 645 17.76 -2.47 39.93
N GLN B 646 18.34 -2.67 38.75
CA GLN B 646 18.41 -4.02 38.18
C GLN B 646 19.70 -4.71 38.59
N ASP B 647 19.65 -6.03 38.78
CA ASP B 647 20.83 -6.78 39.11
C ASP B 647 21.60 -7.10 37.83
N GLU B 648 20.85 -7.38 36.78
CA GLU B 648 21.45 -7.70 35.49
C GLU B 648 20.74 -6.94 34.36
N ILE B 649 21.47 -6.66 33.28
CA ILE B 649 20.92 -5.95 32.15
C ILE B 649 19.64 -6.63 31.66
N TYR B 650 19.75 -7.93 31.34
CA TYR B 650 18.62 -8.72 30.83
C TYR B 650 17.36 -8.81 31.69
N GLU B 651 17.40 -8.29 32.91
CA GLU B 651 16.21 -8.32 33.76
C GLU B 651 15.24 -7.22 33.35
N GLN B 652 15.72 -6.33 32.48
CA GLN B 652 14.95 -5.20 31.95
C GLN B 652 13.59 -5.61 31.42
N VAL B 653 12.64 -4.69 31.47
CA VAL B 653 11.32 -4.96 30.95
C VAL B 653 10.72 -3.74 30.28
N HIS B 654 10.15 -3.93 29.10
CA HIS B 654 9.53 -2.83 28.39
C HIS B 654 8.07 -3.16 28.17
N SER B 655 7.20 -2.20 28.40
CA SER B 655 5.77 -2.42 28.22
C SER B 655 5.00 -1.11 28.37
N LYS B 656 3.66 -1.22 28.37
CA LYS B 656 2.82 -0.05 28.50
C LYS B 656 3.09 0.67 29.81
N GLY B 657 3.05 -0.09 30.91
CA GLY B 657 3.28 0.52 32.21
C GLY B 657 4.14 -0.35 33.09
N LEU B 658 4.47 0.14 34.29
CA LEU B 658 5.30 -0.64 35.18
C LEU B 658 5.53 -0.01 36.55
N TYR B 659 5.31 -0.79 37.60
CA TYR B 659 5.55 -0.31 38.96
C TYR B 659 6.86 -0.90 39.43
N VAL B 660 7.73 -0.06 39.96
CA VAL B 660 9.00 -0.55 40.45
C VAL B 660 9.08 -0.30 41.95
N PRO B 661 9.01 -1.38 42.75
CA PRO B 661 9.06 -1.30 44.21
C PRO B 661 10.32 -0.59 44.70
N GLU B 662 11.46 -1.05 44.23
CA GLU B 662 12.76 -0.50 44.63
C GLU B 662 12.85 1.02 44.52
N SER B 663 12.17 1.60 43.54
CA SER B 663 12.18 3.05 43.37
C SER B 663 10.79 3.63 43.60
N ARG B 664 9.86 2.76 44.00
CA ARG B 664 8.48 3.15 44.25
C ARG B 664 7.98 4.13 43.20
N SER B 665 8.09 3.74 41.93
CA SER B 665 7.67 4.62 40.85
C SER B 665 6.81 3.93 39.80
N ILE B 666 5.89 4.69 39.21
CA ILE B 666 5.05 4.18 38.13
C ILE B 666 5.70 4.70 36.85
N LEU B 667 5.84 3.86 35.84
CA LEU B 667 6.41 4.33 34.58
C LEU B 667 5.38 4.07 33.47
N LEU B 668 4.97 5.15 32.79
CA LEU B 668 3.99 5.01 31.72
C LEU B 668 4.56 5.33 30.32
N HIS B 669 4.56 4.32 29.45
CA HIS B 669 5.08 4.47 28.10
C HIS B 669 3.96 4.89 27.14
N GLY B 670 4.04 6.11 26.63
CA GLY B 670 3.02 6.64 25.74
C GLY B 670 2.70 5.93 24.43
N PRO B 671 3.58 6.00 23.44
CA PRO B 671 3.42 5.39 22.12
C PRO B 671 2.84 3.97 22.03
N SER B 672 3.09 3.14 23.03
CA SER B 672 2.58 1.78 22.97
C SER B 672 1.12 1.60 23.40
N LYS B 673 0.55 0.48 22.98
CA LYS B 673 -0.84 0.15 23.28
C LYS B 673 -0.81 -1.03 24.24
N GLY B 674 -1.34 -0.82 25.44
CA GLY B 674 -1.39 -1.89 26.42
C GLY B 674 -2.30 -3.00 25.95
N VAL B 675 -1.88 -4.25 26.15
CA VAL B 675 -2.68 -5.41 25.75
C VAL B 675 -4.03 -5.39 26.46
N GLU B 676 -5.00 -4.97 25.68
CA GLU B 676 -6.39 -4.80 26.08
C GLU B 676 -6.65 -3.89 27.27
N LEU B 677 -6.57 -2.61 26.93
CA LEU B 677 -6.79 -1.43 27.77
C LEU B 677 -7.04 -0.41 26.66
N ARG B 678 -7.90 0.57 26.90
CA ARG B 678 -8.15 1.52 25.83
C ARG B 678 -7.61 2.93 26.06
N ASN B 679 -7.06 3.19 27.24
CA ASN B 679 -6.48 4.50 27.53
C ASN B 679 -5.18 4.27 28.27
N ASP B 680 -4.39 5.33 28.37
CA ASP B 680 -3.16 5.26 29.09
C ASP B 680 -3.58 5.28 30.55
N SER B 681 -4.79 5.78 30.80
CA SER B 681 -5.31 5.83 32.15
C SER B 681 -5.49 4.42 32.71
N GLU B 682 -6.11 3.55 31.92
CA GLU B 682 -6.31 2.17 32.37
C GLU B 682 -4.94 1.61 32.76
N GLY B 683 -3.92 1.94 31.97
CA GLY B 683 -2.58 1.46 32.25
C GLY B 683 -1.97 2.00 33.53
N PHE B 684 -2.13 3.30 33.76
CA PHE B 684 -1.60 3.95 34.95
C PHE B 684 -2.27 3.36 36.20
N ILE B 685 -3.61 3.31 36.19
CA ILE B 685 -4.38 2.78 37.31
C ILE B 685 -4.02 1.34 37.62
N HIS B 686 -3.83 0.55 36.58
CA HIS B 686 -3.43 -0.83 36.78
C HIS B 686 -2.16 -0.80 37.64
N CYS B 687 -1.22 0.08 37.27
CA CYS B 687 0.04 0.22 37.99
C CYS B 687 -0.15 0.74 39.40
N PHE B 688 -1.12 1.62 39.58
CA PHE B 688 -1.40 2.15 40.90
C PHE B 688 -1.82 0.97 41.77
N GLY B 689 -2.47 0.00 41.13
CA GLY B 689 -2.90 -1.21 41.83
C GLY B 689 -1.70 -1.84 42.50
N HIS B 690 -0.62 -2.02 41.76
CA HIS B 690 0.60 -2.59 42.33
C HIS B 690 1.12 -1.73 43.47
N ALA B 691 0.91 -0.41 43.40
CA ALA B 691 1.37 0.47 44.45
C ALA B 691 0.62 0.19 45.76
N VAL B 692 -0.71 0.02 45.64
CA VAL B 692 -1.60 -0.28 46.77
C VAL B 692 -1.19 -1.59 47.45
N ASP B 693 -0.97 -2.61 46.64
CA ASP B 693 -0.56 -3.91 47.15
C ASP B 693 0.69 -3.74 48.01
N ASP B 694 1.60 -2.88 47.55
CA ASP B 694 2.87 -2.62 48.25
C ASP B 694 2.65 -1.92 49.59
N TYR B 695 1.88 -0.85 49.59
CA TYR B 695 1.65 -0.10 50.83
C TYR B 695 0.86 -0.90 51.85
N ALA B 696 -0.15 -1.64 51.41
CA ALA B 696 -0.96 -2.43 52.34
C ALA B 696 -0.14 -3.57 52.92
N GLY B 697 0.64 -4.24 52.08
CA GLY B 697 1.45 -5.34 52.56
C GLY B 697 2.56 -4.88 53.49
N TYR B 698 2.93 -3.62 53.36
CA TYR B 698 3.99 -3.08 54.20
C TYR B 698 3.44 -2.65 55.55
N LEU B 699 2.18 -2.23 55.56
CA LEU B 699 1.51 -1.80 56.79
C LEU B 699 1.28 -2.96 57.76
N LEU B 700 1.46 -4.19 57.28
CA LEU B 700 1.27 -5.37 58.11
C LEU B 700 2.34 -5.44 59.18
N ASP B 701 3.59 -5.25 58.76
CA ASP B 701 4.72 -5.25 59.67
C ASP B 701 5.85 -4.47 59.00
N LYS B 702 5.88 -3.18 59.27
CA LYS B 702 6.87 -2.25 58.71
C LYS B 702 8.28 -2.83 58.67
N ASN B 703 8.58 -3.73 59.61
CA ASN B 703 9.90 -4.35 59.72
C ASN B 703 10.25 -5.30 58.56
N GLN B 704 9.25 -5.62 57.75
CA GLN B 704 9.45 -6.52 56.61
C GLN B 704 8.57 -6.06 55.45
N SER B 705 9.14 -6.03 54.25
CA SER B 705 8.40 -5.60 53.07
C SER B 705 7.95 -6.74 52.14
N ASP B 706 6.74 -7.24 52.37
CA ASP B 706 6.17 -8.30 51.56
C ASP B 706 4.81 -7.83 51.03
N LEU B 707 4.32 -8.49 49.99
CA LEU B 707 3.06 -8.11 49.36
C LEU B 707 1.82 -8.76 49.95
N VAL B 708 0.76 -7.97 50.10
CA VAL B 708 -0.49 -8.47 50.64
C VAL B 708 -1.00 -9.59 49.75
N THR B 709 -0.49 -9.64 48.52
CA THR B 709 -0.90 -10.67 47.58
C THR B 709 -0.17 -11.99 47.80
N ASN B 710 0.73 -12.00 48.78
CA ASN B 710 1.47 -13.21 49.10
C ASN B 710 0.79 -13.92 50.27
N SER B 711 -0.18 -13.24 50.87
CA SER B 711 -0.91 -13.81 51.98
C SER B 711 -1.62 -15.07 51.53
N LYS B 712 -1.53 -16.10 52.36
CA LYS B 712 -2.17 -17.39 52.08
C LYS B 712 -3.64 -17.12 51.80
N LYS B 713 -4.24 -16.21 52.54
CA LYS B 713 -5.64 -15.86 52.36
C LYS B 713 -5.95 -15.49 50.92
N PHE B 714 -5.09 -14.66 50.34
CA PHE B 714 -5.28 -14.22 48.96
C PHE B 714 -4.92 -15.32 47.95
N ILE B 715 -3.84 -16.03 48.21
CA ILE B 715 -3.41 -17.12 47.34
C ILE B 715 -4.58 -18.04 47.03
N ASP B 716 -5.44 -18.24 48.02
CA ASP B 716 -6.61 -19.08 47.86
C ASP B 716 -7.64 -18.33 47.03
N ILE B 717 -7.88 -17.07 47.37
CA ILE B 717 -8.83 -16.27 46.61
C ILE B 717 -8.46 -16.42 45.12
N PHE B 718 -7.17 -16.28 44.84
CA PHE B 718 -6.65 -16.38 43.47
C PHE B 718 -6.89 -17.74 42.85
N LYS B 719 -6.50 -18.79 43.58
CA LYS B 719 -6.68 -20.16 43.11
C LYS B 719 -8.13 -20.44 42.76
N GLU B 720 -9.04 -19.61 43.24
CA GLU B 720 -10.46 -19.81 42.98
C GLU B 720 -11.07 -18.88 41.92
N GLU B 721 -10.73 -17.59 41.97
CA GLU B 721 -11.28 -16.64 41.00
C GLU B 721 -10.30 -16.14 39.92
N GLY B 722 -9.05 -16.59 40.02
CA GLY B 722 -8.00 -16.19 39.09
C GLY B 722 -8.34 -16.00 37.62
N SER B 723 -9.11 -16.91 37.05
CA SER B 723 -9.46 -16.83 35.63
C SER B 723 -10.82 -16.19 35.38
N ASN B 724 -11.36 -15.50 36.39
CA ASN B 724 -12.67 -14.89 36.27
C ASN B 724 -12.73 -13.48 35.70
N LEU B 725 -11.59 -12.81 35.59
CA LEU B 725 -11.59 -11.45 35.06
C LEU B 725 -10.96 -11.33 33.67
N THR B 726 -9.90 -10.53 33.57
CA THR B 726 -9.21 -10.32 32.30
C THR B 726 -8.22 -11.43 32.03
N SER B 727 -7.89 -11.59 30.77
CA SER B 727 -6.94 -12.61 30.38
C SER B 727 -5.62 -12.38 31.10
N TYR B 728 -5.12 -11.16 31.01
CA TYR B 728 -3.85 -10.81 31.63
C TYR B 728 -3.86 -11.02 33.13
N GLY B 729 -5.02 -10.81 33.74
CA GLY B 729 -5.15 -10.97 35.18
C GLY B 729 -4.75 -12.35 35.65
N ARG B 730 -4.88 -13.34 34.77
CA ARG B 730 -4.55 -14.73 35.08
C ARG B 730 -3.06 -15.03 35.19
N THR B 731 -2.20 -14.03 35.00
CA THR B 731 -0.76 -14.27 35.07
C THR B 731 -0.36 -14.71 36.48
N ASN B 732 -0.89 -14.02 37.49
CA ASN B 732 -0.58 -14.37 38.86
C ASN B 732 -1.36 -13.51 39.86
N GLU B 733 -1.13 -13.76 41.14
CA GLU B 733 -1.81 -13.03 42.21
C GLU B 733 -1.60 -11.53 42.09
N ALA B 734 -0.34 -11.12 41.93
CA ALA B 734 -0.01 -9.70 41.79
C ALA B 734 -0.78 -9.06 40.63
N GLU B 735 -0.69 -9.68 39.46
CA GLU B 735 -1.37 -9.18 38.27
C GLU B 735 -2.87 -9.24 38.41
N PHE B 736 -3.36 -10.34 39.01
CA PHE B 736 -4.79 -10.49 39.19
C PHE B 736 -5.33 -9.35 40.06
N PHE B 737 -4.62 -9.09 41.15
CA PHE B 737 -4.97 -8.04 42.10
C PHE B 737 -5.04 -6.68 41.40
N ALA B 738 -3.95 -6.31 40.74
CA ALA B 738 -3.86 -5.02 40.05
C ALA B 738 -4.96 -4.89 39.01
N GLU B 739 -5.16 -5.95 38.24
CA GLU B 739 -6.18 -5.94 37.22
C GLU B 739 -7.57 -5.76 37.83
N ALA B 740 -7.87 -6.57 38.85
CA ALA B 740 -9.17 -6.47 39.51
C ALA B 740 -9.37 -5.04 40.00
N PHE B 741 -8.35 -4.51 40.65
CA PHE B 741 -8.37 -3.15 41.20
C PHE B 741 -8.68 -2.13 40.09
N ARG B 742 -8.05 -2.30 38.94
CA ARG B 742 -8.23 -1.40 37.81
C ARG B 742 -9.69 -1.43 37.33
N LEU B 743 -10.22 -2.63 37.09
CA LEU B 743 -11.60 -2.77 36.64
C LEU B 743 -12.55 -2.21 37.69
N MET B 744 -12.21 -2.40 38.96
CA MET B 744 -13.03 -1.90 40.05
C MET B 744 -13.03 -0.38 40.10
N HIS B 745 -12.08 0.23 39.39
CA HIS B 745 -11.94 1.68 39.37
C HIS B 745 -11.94 2.25 37.95
N SER B 746 -12.49 1.48 37.03
CA SER B 746 -12.59 1.91 35.65
C SER B 746 -13.57 3.07 35.54
N THR B 747 -13.43 3.88 34.51
CA THR B 747 -14.34 5.00 34.32
C THR B 747 -15.69 4.39 33.98
N ASP B 748 -15.62 3.27 33.27
CA ASP B 748 -16.80 2.53 32.87
C ASP B 748 -17.33 1.81 34.12
N HIS B 749 -18.55 2.12 34.51
CA HIS B 749 -19.14 1.51 35.69
C HIS B 749 -19.57 0.06 35.50
N ALA B 750 -19.87 -0.32 34.25
CA ALA B 750 -20.28 -1.68 33.97
C ALA B 750 -19.17 -2.62 34.40
N GLU B 751 -17.93 -2.17 34.24
CA GLU B 751 -16.75 -2.96 34.59
C GLU B 751 -16.64 -3.24 36.07
N ARG B 752 -17.09 -2.30 36.89
CA ARG B 752 -17.05 -2.47 38.34
C ARG B 752 -18.01 -3.61 38.70
N LEU B 753 -19.23 -3.55 38.14
CA LEU B 753 -20.25 -4.57 38.38
C LEU B 753 -19.77 -5.97 38.00
N LYS B 754 -19.03 -6.09 36.91
CA LYS B 754 -18.56 -7.40 36.49
C LYS B 754 -17.64 -8.01 37.55
N VAL B 755 -16.74 -7.22 38.11
CA VAL B 755 -15.83 -7.76 39.10
C VAL B 755 -16.59 -8.23 40.33
N GLN B 756 -17.57 -7.44 40.75
CA GLN B 756 -18.37 -7.77 41.92
C GLN B 756 -19.14 -9.08 41.79
N LYS B 757 -19.78 -9.28 40.64
CA LYS B 757 -20.54 -10.50 40.43
C LYS B 757 -19.74 -11.67 39.85
N ASN B 758 -18.53 -11.40 39.36
CA ASN B 758 -17.70 -12.47 38.80
C ASN B 758 -16.56 -12.87 39.71
N ALA B 759 -16.17 -11.99 40.62
CA ALA B 759 -15.08 -12.27 41.55
C ALA B 759 -15.33 -11.60 42.91
N PRO B 760 -16.39 -12.06 43.62
CA PRO B 760 -16.85 -11.59 44.94
C PRO B 760 -15.79 -11.62 46.03
N LYS B 761 -15.05 -12.72 46.10
CA LYS B 761 -14.02 -12.89 47.11
C LYS B 761 -12.95 -11.81 46.96
N THR B 762 -12.50 -11.61 45.72
CA THR B 762 -11.48 -10.62 45.39
C THR B 762 -12.00 -9.23 45.71
N PHE B 763 -13.08 -8.87 45.01
CA PHE B 763 -13.73 -7.58 45.20
C PHE B 763 -13.67 -7.18 46.68
N GLN B 764 -14.10 -8.09 47.54
CA GLN B 764 -14.10 -7.86 48.98
C GLN B 764 -12.69 -7.69 49.52
N PHE B 765 -11.82 -8.64 49.21
CA PHE B 765 -10.43 -8.59 49.68
C PHE B 765 -9.81 -7.23 49.37
N ILE B 766 -9.96 -6.79 48.13
CA ILE B 766 -9.45 -5.51 47.66
C ILE B 766 -10.01 -4.39 48.55
N ASN B 767 -11.33 -4.27 48.58
CA ASN B 767 -11.98 -3.25 49.41
C ASN B 767 -11.56 -3.33 50.87
N ASP B 768 -11.23 -4.52 51.33
CA ASP B 768 -10.78 -4.68 52.71
C ASP B 768 -9.48 -3.94 52.88
N GLN B 769 -8.62 -4.04 51.88
CA GLN B 769 -7.31 -3.38 51.88
C GLN B 769 -7.48 -1.88 51.80
N ILE B 770 -8.33 -1.43 50.88
CA ILE B 770 -8.56 0.00 50.73
C ILE B 770 -8.96 0.60 52.07
N LYS B 771 -9.91 -0.03 52.75
CA LYS B 771 -10.38 0.46 54.05
C LYS B 771 -9.29 0.31 55.12
N PHE B 772 -8.49 -0.75 55.02
CA PHE B 772 -7.41 -0.97 55.96
C PHE B 772 -6.42 0.19 55.86
N ILE B 773 -6.15 0.63 54.63
CA ILE B 773 -5.23 1.74 54.40
C ILE B 773 -5.86 3.07 54.78
N ILE B 774 -7.04 3.35 54.26
CA ILE B 774 -7.72 4.61 54.57
C ILE B 774 -7.92 4.81 56.06
N ASN B 775 -8.23 3.72 56.78
CA ASN B 775 -8.45 3.80 58.22
C ASN B 775 -7.17 3.58 59.03
N SER B 776 -6.07 4.12 58.53
CA SER B 776 -4.77 4.01 59.21
C SER B 776 -4.23 5.42 59.44
#